data_6QY8
#
_entry.id   6QY8
#
_cell.length_a   46.719
_cell.length_b   114.139
_cell.length_c   133.750
_cell.angle_alpha   90.00
_cell.angle_beta   90.04
_cell.angle_gamma   90.00
#
_symmetry.space_group_name_H-M   'P 1 21 1'
#
loop_
_entity.id
_entity.type
_entity.pdbx_description
1 polymer "Casein kinase II subunit alpha'"
2 non-polymer 2-(3-FLUORO-4-HYDROXYPHENYL)-7-VINYL-1,3-BENZOXAZOL-5-OL
3 water water
#
_entity_poly.entity_id   1
_entity_poly.type   'polypeptide(L)'
_entity_poly.pdbx_seq_one_letter_code
;SMPGPAAGSRARVYAEVNSLRSREYWDYEAHVPSWGNQDDYQLVRKLGRGKYSEVFEAINITNNERVVVKILKPVKKKKI
KREVKILENLRGGTNIIKLIDTVKDPVSKTPALVFEYINNTDFKQLYQILTDFDIRFYMYELLKALDYCHSKGIMHRDVK
PHNVMIDHQQKKLRLIDWGLAEFYHPAQEYNVRVASRYFKGPELLVDYQMYDYSLDMWSLGCMLASMIFRREPFFHGQDN
YDQLVRIAKVLGTEELYGYLKKYHIDLDPHFNDILGQHSRKRWENFIHSENRHLVSPEALDLLDKLLRYDHQQRLTAKEA
MEHPYFYPVVKEQSQP
;
_entity_poly.pdbx_strand_id   A,B,C,D
#
loop_
_chem_comp.id
_chem_comp.type
_chem_comp.name
_chem_comp.formula
041 non-polymer 2-(3-FLUORO-4-HYDROXYPHENYL)-7-VINYL-1,3-BENZOXAZOL-5-OL 'C15 H10 F N O3'
#
# COMPACT_ATOMS: atom_id res chain seq x y z
N SER A 9 -34.75 -20.18 -10.41
CA SER A 9 -33.39 -19.68 -10.12
C SER A 9 -32.56 -19.64 -11.41
N ARG A 10 -31.62 -18.69 -11.51
CA ARG A 10 -30.70 -18.55 -12.65
C ARG A 10 -29.31 -18.14 -12.14
N ALA A 11 -28.28 -18.63 -12.83
CA ALA A 11 -26.94 -18.14 -12.69
C ALA A 11 -26.92 -16.60 -12.83
N ARG A 12 -26.21 -15.93 -11.92
CA ARG A 12 -25.98 -14.48 -11.91
C ARG A 12 -25.00 -14.04 -13.01
N VAL A 13 -24.16 -14.97 -13.50
CA VAL A 13 -23.20 -14.70 -14.54
C VAL A 13 -23.25 -15.85 -15.54
N TYR A 14 -22.87 -15.55 -16.79
CA TYR A 14 -22.70 -16.53 -17.82
C TYR A 14 -23.98 -17.35 -18.04
N ALA A 15 -25.13 -16.73 -17.78
CA ALA A 15 -26.41 -17.43 -17.85
C ALA A 15 -26.71 -17.86 -19.29
N GLU A 16 -26.45 -16.97 -20.27
CA GLU A 16 -26.90 -17.17 -21.67
C GLU A 16 -25.75 -17.63 -22.58
N VAL A 17 -24.59 -17.96 -21.99
CA VAL A 17 -23.41 -18.43 -22.69
C VAL A 17 -23.78 -19.45 -23.79
N ASN A 18 -24.51 -20.52 -23.43
CA ASN A 18 -24.71 -21.62 -24.33
C ASN A 18 -25.71 -21.27 -25.44
N SER A 19 -26.80 -20.55 -25.09
CA SER A 19 -27.82 -20.23 -26.04
C SER A 19 -27.26 -19.31 -27.14
N LEU A 20 -26.23 -18.52 -26.81
CA LEU A 20 -25.66 -17.55 -27.75
C LEU A 20 -24.62 -18.20 -28.67
N ARG A 21 -24.22 -19.44 -28.40
CA ARG A 21 -23.26 -20.14 -29.24
C ARG A 21 -24.01 -21.07 -30.21
N SER A 22 -23.29 -21.58 -31.20
CA SER A 22 -23.79 -22.54 -32.17
C SER A 22 -24.31 -23.78 -31.42
N ARG A 23 -25.42 -24.39 -31.90
CA ARG A 23 -25.93 -25.60 -31.25
C ARG A 23 -24.82 -26.65 -31.08
N GLU A 24 -23.93 -26.77 -32.07
CA GLU A 24 -22.84 -27.75 -32.16
C GLU A 24 -21.98 -27.72 -30.88
N TYR A 25 -21.84 -26.53 -30.28
CA TYR A 25 -21.01 -26.31 -29.11
C TYR A 25 -21.50 -27.15 -27.93
N TRP A 26 -22.83 -27.21 -27.74
CA TRP A 26 -23.38 -27.74 -26.52
C TRP A 26 -24.17 -29.04 -26.75
N ASP A 27 -24.50 -29.37 -28.00
CA ASP A 27 -25.25 -30.56 -28.39
C ASP A 27 -24.28 -31.73 -28.44
N TYR A 28 -23.87 -32.18 -27.25
CA TYR A 28 -22.79 -33.16 -27.17
C TYR A 28 -23.28 -34.52 -27.67
N GLU A 29 -24.60 -34.77 -27.64
CA GLU A 29 -25.12 -36.11 -28.14
C GLU A 29 -24.86 -36.25 -29.64
N ALA A 30 -24.69 -35.13 -30.34
CA ALA A 30 -24.41 -35.12 -31.78
C ALA A 30 -22.91 -35.31 -32.07
N HIS A 31 -22.06 -35.15 -31.06
CA HIS A 31 -20.61 -35.24 -31.22
C HIS A 31 -20.19 -36.68 -31.54
N VAL A 32 -19.24 -36.80 -32.46
CA VAL A 32 -18.75 -38.10 -32.90
C VAL A 32 -17.25 -38.13 -32.68
N PRO A 33 -16.79 -38.72 -31.56
CA PRO A 33 -15.36 -38.92 -31.33
C PRO A 33 -14.80 -39.86 -32.42
N SER A 34 -13.52 -39.64 -32.77
CA SER A 34 -12.75 -40.57 -33.58
C SER A 34 -11.84 -41.40 -32.65
N TRP A 35 -12.11 -42.71 -32.55
CA TRP A 35 -11.45 -43.60 -31.61
C TRP A 35 -10.22 -44.24 -32.26
N GLY A 36 -9.04 -43.77 -31.84
CA GLY A 36 -7.77 -44.29 -32.33
C GLY A 36 -7.37 -45.49 -31.53
N ASN A 37 -6.14 -45.96 -31.79
CA ASN A 37 -5.64 -47.28 -31.33
C ASN A 37 -4.80 -47.08 -30.07
N GLN A 38 -5.26 -47.64 -28.94
CA GLN A 38 -4.58 -47.51 -27.65
C GLN A 38 -3.27 -48.30 -27.65
N ASP A 39 -3.07 -49.21 -28.62
CA ASP A 39 -1.81 -49.94 -28.73
C ASP A 39 -0.61 -49.01 -28.99
N ASP A 40 -0.84 -47.71 -29.24
CA ASP A 40 0.26 -46.70 -29.29
C ASP A 40 0.79 -46.30 -27.89
N TYR A 41 0.14 -46.79 -26.82
CA TYR A 41 0.41 -46.40 -25.46
C TYR A 41 0.78 -47.62 -24.60
N GLN A 42 1.88 -47.49 -23.88
CA GLN A 42 2.38 -48.45 -22.88
C GLN A 42 1.92 -47.90 -21.53
N LEU A 43 1.04 -48.61 -20.82
CA LEU A 43 0.50 -48.09 -19.54
C LEU A 43 1.40 -48.63 -18.43
N VAL A 44 2.31 -47.79 -17.93
CA VAL A 44 3.45 -48.26 -17.14
C VAL A 44 3.11 -48.31 -15.66
N ARG A 45 2.29 -47.38 -15.16
CA ARG A 45 2.01 -47.33 -13.74
C ARG A 45 0.55 -46.92 -13.50
N LYS A 46 -0.14 -47.69 -12.67
CA LYS A 46 -1.46 -47.30 -12.20
C LYS A 46 -1.29 -46.11 -11.24
N LEU A 47 -2.06 -45.05 -11.48
CA LEU A 47 -2.02 -43.84 -10.69
C LEU A 47 -3.13 -43.84 -9.64
N GLY A 48 -4.28 -44.41 -9.99
CA GLY A 48 -5.54 -44.18 -9.25
C GLY A 48 -6.74 -44.75 -9.99
N ARG A 49 -7.84 -44.89 -9.24
CA ARG A 49 -9.08 -45.43 -9.74
C ARG A 49 -10.22 -44.64 -9.10
N GLY A 50 -11.42 -44.80 -9.68
CA GLY A 50 -12.66 -44.30 -9.14
C GLY A 50 -13.82 -45.08 -9.73
N LYS A 51 -15.04 -44.63 -9.44
CA LYS A 51 -16.27 -45.33 -9.83
C LYS A 51 -16.46 -45.30 -11.36
N TYR A 52 -15.80 -44.35 -12.04
CA TYR A 52 -16.03 -44.01 -13.46
C TYR A 52 -14.85 -44.37 -14.38
N SER A 53 -13.64 -44.56 -13.83
CA SER A 53 -12.42 -44.88 -14.65
C SER A 53 -11.28 -45.49 -13.81
N GLU A 54 -10.25 -45.98 -14.50
CA GLU A 54 -8.91 -46.23 -13.93
C GLU A 54 -7.87 -45.43 -14.71
N VAL A 55 -6.86 -44.92 -14.01
CA VAL A 55 -5.94 -43.94 -14.58
C VAL A 55 -4.51 -44.49 -14.52
N PHE A 56 -3.78 -44.37 -15.64
CA PHE A 56 -2.43 -44.88 -15.73
C PHE A 56 -1.51 -43.80 -16.28
N GLU A 57 -0.31 -43.77 -15.71
CA GLU A 57 0.81 -43.14 -16.36
C GLU A 57 1.21 -44.00 -17.55
N ALA A 58 1.48 -43.35 -18.69
CA ALA A 58 1.76 -44.05 -19.93
C ALA A 58 2.80 -43.31 -20.76
N ILE A 59 3.33 -44.05 -21.73
CA ILE A 59 4.23 -43.54 -22.75
C ILE A 59 3.59 -43.75 -24.10
N ASN A 60 3.61 -42.72 -24.96
CA ASN A 60 3.29 -42.91 -26.35
C ASN A 60 4.52 -43.56 -27.01
N ILE A 61 4.39 -44.79 -27.50
CA ILE A 61 5.56 -45.57 -27.93
C ILE A 61 6.09 -45.05 -29.27
N THR A 62 5.29 -44.25 -29.99
CA THR A 62 5.72 -43.70 -31.29
C THR A 62 6.73 -42.55 -31.09
N ASN A 63 6.56 -41.73 -30.03
CA ASN A 63 7.41 -40.53 -29.86
C ASN A 63 7.98 -40.37 -28.44
N ASN A 64 7.67 -41.29 -27.53
CA ASN A 64 8.24 -41.35 -26.20
C ASN A 64 7.71 -40.21 -25.30
N GLU A 65 6.54 -39.66 -25.61
CA GLU A 65 5.94 -38.62 -24.75
C GLU A 65 5.21 -39.30 -23.58
N ARG A 66 5.38 -38.71 -22.39
CA ARG A 66 4.68 -39.12 -21.16
C ARG A 66 3.27 -38.51 -21.16
N VAL A 67 2.28 -39.33 -20.80
CA VAL A 67 0.87 -38.95 -20.85
C VAL A 67 0.15 -39.68 -19.71
N VAL A 68 -1.14 -39.40 -19.55
CA VAL A 68 -2.01 -40.19 -18.73
C VAL A 68 -3.08 -40.80 -19.63
N VAL A 69 -3.42 -42.05 -19.32
CA VAL A 69 -4.47 -42.77 -19.99
C VAL A 69 -5.52 -43.19 -18.99
N LYS A 70 -6.74 -42.73 -19.26
CA LYS A 70 -7.89 -42.93 -18.41
C LYS A 70 -8.87 -43.88 -19.11
N ILE A 71 -8.97 -45.11 -18.59
CA ILE A 71 -9.84 -46.12 -19.15
C ILE A 71 -11.22 -45.98 -18.52
N LEU A 72 -12.23 -45.75 -19.36
CA LEU A 72 -13.57 -45.42 -18.89
C LEU A 72 -14.35 -46.70 -18.60
N LYS A 73 -15.06 -46.70 -17.46
CA LYS A 73 -16.04 -47.71 -17.06
C LYS A 73 -17.42 -47.16 -17.40
N LYS A 76 -22.96 -45.26 -20.41
CA LYS A 76 -23.66 -45.05 -21.66
C LYS A 76 -22.81 -44.13 -22.55
N LYS A 77 -22.93 -44.28 -23.86
CA LYS A 77 -22.13 -43.53 -24.84
C LYS A 77 -22.34 -42.02 -24.66
N LYS A 78 -23.56 -41.64 -24.28
CA LYS A 78 -23.97 -40.24 -24.12
C LYS A 78 -23.05 -39.53 -23.11
N LYS A 79 -22.74 -40.22 -22.01
CA LYS A 79 -21.89 -39.71 -20.95
C LYS A 79 -20.45 -39.55 -21.46
N ILE A 80 -19.97 -40.49 -22.28
CA ILE A 80 -18.63 -40.42 -22.85
C ILE A 80 -18.54 -39.20 -23.77
N LYS A 81 -19.56 -39.03 -24.64
CA LYS A 81 -19.65 -37.93 -25.60
C LYS A 81 -19.63 -36.59 -24.86
N ARG A 82 -20.34 -36.53 -23.74
CA ARG A 82 -20.41 -35.32 -22.90
C ARG A 82 -19.03 -34.91 -22.42
N GLU A 83 -18.30 -35.87 -21.84
CA GLU A 83 -16.98 -35.64 -21.32
C GLU A 83 -16.05 -35.18 -22.43
N VAL A 84 -16.06 -35.90 -23.57
CA VAL A 84 -15.19 -35.60 -24.67
C VAL A 84 -15.50 -34.19 -25.21
N LYS A 85 -16.78 -33.86 -25.40
CA LYS A 85 -17.10 -32.58 -26.03
C LYS A 85 -16.66 -31.44 -25.07
N ILE A 86 -16.92 -31.63 -23.78
CA ILE A 86 -16.59 -30.62 -22.79
C ILE A 86 -15.07 -30.40 -22.79
N LEU A 87 -14.30 -31.48 -22.78
CA LEU A 87 -12.83 -31.37 -22.76
C LEU A 87 -12.33 -30.65 -24.01
N GLU A 88 -12.96 -30.92 -25.18
CA GLU A 88 -12.56 -30.24 -26.39
C GLU A 88 -12.91 -28.74 -26.31
N ASN A 89 -14.08 -28.42 -25.78
CA ASN A 89 -14.52 -27.03 -25.65
C ASN A 89 -13.60 -26.23 -24.73
N LEU A 90 -13.05 -26.89 -23.72
CA LEU A 90 -12.29 -26.26 -22.67
C LEU A 90 -10.78 -26.28 -22.99
N ARG A 91 -10.38 -27.07 -23.98
CA ARG A 91 -8.97 -27.30 -24.23
C ARG A 91 -8.28 -25.97 -24.50
N GLY A 92 -7.11 -25.77 -23.87
CA GLY A 92 -6.39 -24.48 -23.99
C GLY A 92 -6.68 -23.54 -22.82
N GLY A 93 -7.81 -23.72 -22.13
CA GLY A 93 -8.18 -22.93 -20.94
C GLY A 93 -7.16 -23.04 -19.83
N THR A 94 -6.96 -21.94 -19.09
CA THR A 94 -5.98 -21.89 -18.00
C THR A 94 -6.30 -22.99 -16.97
N ASN A 95 -5.36 -23.93 -16.78
CA ASN A 95 -5.32 -24.91 -15.72
C ASN A 95 -6.43 -25.96 -15.92
N ILE A 96 -6.89 -26.10 -17.16
CA ILE A 96 -7.77 -27.23 -17.55
C ILE A 96 -6.85 -28.34 -18.04
N ILE A 97 -7.03 -29.55 -17.51
CA ILE A 97 -6.33 -30.72 -18.04
C ILE A 97 -6.51 -30.81 -19.57
N LYS A 98 -5.40 -31.05 -20.27
CA LYS A 98 -5.40 -31.02 -21.73
C LYS A 98 -5.64 -32.43 -22.26
N LEU A 99 -6.76 -32.62 -22.98
CA LEU A 99 -7.08 -33.88 -23.67
C LEU A 99 -6.22 -33.95 -24.92
N ILE A 100 -5.52 -35.08 -25.10
CA ILE A 100 -4.63 -35.30 -26.24
C ILE A 100 -5.30 -36.22 -27.29
N ASP A 101 -5.93 -37.31 -26.86
CA ASP A 101 -6.58 -38.21 -27.83
C ASP A 101 -7.66 -39.02 -27.15
N THR A 102 -8.50 -39.62 -28.01
CA THR A 102 -9.57 -40.53 -27.68
C THR A 102 -9.24 -41.88 -28.35
N VAL A 103 -9.02 -42.94 -27.55
CA VAL A 103 -8.54 -44.24 -28.07
C VAL A 103 -9.31 -45.43 -27.49
N LYS A 104 -9.24 -46.57 -28.21
CA LYS A 104 -9.81 -47.84 -27.76
C LYS A 104 -8.74 -48.91 -27.86
N ASP A 105 -8.63 -49.74 -26.82
CA ASP A 105 -7.87 -50.98 -26.88
C ASP A 105 -8.50 -51.90 -27.94
N PRO A 106 -7.71 -52.38 -28.93
CA PRO A 106 -8.23 -53.27 -29.97
C PRO A 106 -8.74 -54.64 -29.48
N VAL A 107 -8.28 -55.12 -28.33
CA VAL A 107 -8.82 -56.39 -27.79
C VAL A 107 -10.16 -56.11 -27.10
N SER A 108 -10.16 -55.20 -26.12
CA SER A 108 -11.28 -54.98 -25.22
C SER A 108 -12.33 -54.05 -25.84
N LYS A 109 -11.90 -53.19 -26.78
CA LYS A 109 -12.74 -52.15 -27.42
C LYS A 109 -13.18 -51.08 -26.41
N THR A 110 -12.61 -51.07 -25.21
CA THR A 110 -13.05 -50.14 -24.18
C THR A 110 -12.51 -48.74 -24.47
N PRO A 111 -13.36 -47.68 -24.44
CA PRO A 111 -12.90 -46.31 -24.72
C PRO A 111 -12.03 -45.74 -23.59
N ALA A 112 -11.06 -44.91 -23.98
CA ALA A 112 -10.07 -44.33 -23.08
C ALA A 112 -9.65 -42.96 -23.60
N LEU A 113 -9.32 -42.06 -22.65
CA LEU A 113 -8.93 -40.73 -22.95
C LEU A 113 -7.47 -40.57 -22.55
N VAL A 114 -6.72 -39.92 -23.42
CA VAL A 114 -5.33 -39.64 -23.21
C VAL A 114 -5.18 -38.15 -22.86
N PHE A 115 -4.45 -37.89 -21.78
CA PHE A 115 -4.23 -36.52 -21.31
C PHE A 115 -2.74 -36.23 -21.14
N GLU A 116 -2.41 -34.94 -21.04
CA GLU A 116 -1.09 -34.50 -20.58
C GLU A 116 -0.84 -35.12 -19.22
N TYR A 117 0.44 -35.30 -18.89
CA TYR A 117 0.85 -35.80 -17.63
C TYR A 117 1.25 -34.64 -16.71
N ILE A 118 0.64 -34.62 -15.53
CA ILE A 118 1.11 -33.77 -14.40
C ILE A 118 1.60 -34.68 -13.28
N ASN A 119 2.74 -34.31 -12.74
CA ASN A 119 3.41 -35.00 -11.67
C ASN A 119 2.85 -34.54 -10.33
N ASN A 120 1.72 -35.15 -9.93
CA ASN A 120 0.94 -34.72 -8.77
C ASN A 120 1.63 -35.07 -7.44
N THR A 121 1.51 -34.14 -6.49
CA THR A 121 1.90 -34.32 -5.09
C THR A 121 0.63 -34.61 -4.30
N ASP A 122 0.53 -35.79 -3.68
CA ASP A 122 -0.73 -36.21 -3.11
C ASP A 122 -1.17 -35.20 -2.06
N PHE A 123 -2.45 -34.82 -2.11
CA PHE A 123 -2.95 -33.64 -1.35
C PHE A 123 -2.81 -33.88 0.15
N LYS A 124 -2.90 -35.14 0.61
CA LYS A 124 -2.78 -35.39 2.05
C LYS A 124 -1.38 -35.00 2.54
N GLN A 125 -0.36 -35.34 1.76
CA GLN A 125 1.03 -34.94 2.05
C GLN A 125 1.22 -33.43 1.85
N LEU A 126 0.64 -32.91 0.77
CA LEU A 126 0.91 -31.56 0.36
C LEU A 126 0.27 -30.56 1.33
N TYR A 127 -1.00 -30.78 1.68
CA TYR A 127 -1.81 -29.74 2.37
C TYR A 127 -1.18 -29.47 3.73
N GLN A 128 -0.43 -30.45 4.25
CA GLN A 128 0.27 -30.40 5.54
C GLN A 128 1.43 -29.40 5.53
N ILE A 129 2.06 -29.15 4.37
CA ILE A 129 3.27 -28.31 4.28
C ILE A 129 3.04 -27.00 3.49
N LEU A 130 1.79 -26.69 3.11
CA LEU A 130 1.49 -25.44 2.42
C LEU A 130 1.58 -24.27 3.42
N THR A 131 2.19 -23.17 2.98
CA THR A 131 2.15 -21.92 3.69
C THR A 131 0.86 -21.16 3.34
N ASP A 132 0.58 -20.09 4.12
CA ASP A 132 -0.51 -19.18 3.85
C ASP A 132 -0.44 -18.72 2.39
N PHE A 133 0.75 -18.30 1.92
CA PHE A 133 0.89 -17.83 0.56
C PHE A 133 0.55 -18.94 -0.46
N ASP A 134 1.06 -20.16 -0.22
CA ASP A 134 0.82 -21.31 -1.11
C ASP A 134 -0.68 -21.58 -1.27
N ILE A 135 -1.45 -21.46 -0.19
CA ILE A 135 -2.87 -21.76 -0.25
C ILE A 135 -3.55 -20.71 -1.15
N ARG A 136 -3.23 -19.43 -0.91
CA ARG A 136 -3.71 -18.33 -1.75
C ARG A 136 -3.35 -18.60 -3.22
N PHE A 137 -2.11 -19.05 -3.48
CA PHE A 137 -1.58 -19.23 -4.81
C PHE A 137 -2.41 -20.29 -5.55
N TYR A 138 -2.59 -21.46 -4.92
CA TYR A 138 -3.22 -22.59 -5.57
C TYR A 138 -4.73 -22.37 -5.69
N MET A 139 -5.35 -21.73 -4.68
CA MET A 139 -6.75 -21.38 -4.77
C MET A 139 -6.98 -20.41 -5.92
N TYR A 140 -6.04 -19.49 -6.13
CA TYR A 140 -6.17 -18.51 -7.24
C TYR A 140 -6.13 -19.27 -8.58
N GLU A 141 -5.17 -20.18 -8.72
CA GLU A 141 -5.01 -20.99 -9.93
C GLU A 141 -6.25 -21.83 -10.18
N LEU A 142 -6.88 -22.37 -9.12
CA LEU A 142 -8.08 -23.21 -9.31
C LEU A 142 -9.25 -22.30 -9.71
N LEU A 143 -9.32 -21.09 -9.15
CA LEU A 143 -10.33 -20.13 -9.59
C LEU A 143 -10.18 -19.78 -11.07
N LYS A 144 -8.95 -19.70 -11.57
CA LYS A 144 -8.74 -19.40 -13.01
C LYS A 144 -9.43 -20.47 -13.86
N ALA A 145 -9.30 -21.74 -13.45
CA ALA A 145 -9.87 -22.86 -14.16
C ALA A 145 -11.39 -22.76 -14.10
N LEU A 146 -11.93 -22.39 -12.92
CA LEU A 146 -13.39 -22.39 -12.74
C LEU A 146 -14.02 -21.19 -13.48
N ASP A 147 -13.37 -20.01 -13.42
CA ASP A 147 -13.90 -18.84 -14.13
C ASP A 147 -13.91 -19.19 -15.63
N TYR A 148 -12.86 -19.89 -16.09
CA TYR A 148 -12.75 -20.27 -17.47
C TYR A 148 -13.90 -21.21 -17.83
N CYS A 149 -14.09 -22.30 -17.07
CA CYS A 149 -15.05 -23.29 -17.54
C CYS A 149 -16.48 -22.71 -17.39
N HIS A 150 -16.76 -21.93 -16.35
CA HIS A 150 -18.05 -21.30 -16.20
C HIS A 150 -18.29 -20.34 -17.39
N SER A 151 -17.23 -19.61 -17.79
CA SER A 151 -17.32 -18.62 -18.90
C SER A 151 -17.64 -19.35 -20.21
N LYS A 152 -17.29 -20.63 -20.23
CA LYS A 152 -17.56 -21.52 -21.37
C LYS A 152 -18.85 -22.33 -21.18
N GLY A 153 -19.70 -21.96 -20.20
CA GLY A 153 -21.04 -22.57 -20.06
C GLY A 153 -21.05 -23.95 -19.42
N ILE A 154 -19.98 -24.30 -18.70
CA ILE A 154 -19.79 -25.61 -18.16
C ILE A 154 -19.60 -25.54 -16.63
N MET A 155 -20.37 -26.37 -15.92
CA MET A 155 -20.21 -26.65 -14.47
C MET A 155 -19.36 -27.93 -14.33
N HIS A 156 -18.38 -27.93 -13.41
CA HIS A 156 -17.51 -29.09 -13.19
C HIS A 156 -18.27 -30.17 -12.42
N ARG A 157 -18.82 -29.79 -11.25
CA ARG A 157 -19.74 -30.55 -10.43
C ARG A 157 -19.02 -31.69 -9.71
N ASP A 158 -17.69 -31.66 -9.65
CA ASP A 158 -16.93 -32.65 -8.87
C ASP A 158 -15.61 -32.03 -8.38
N VAL A 159 -15.67 -30.79 -7.93
CA VAL A 159 -14.51 -30.10 -7.44
C VAL A 159 -14.18 -30.67 -6.05
N LYS A 160 -12.94 -31.12 -5.87
CA LYS A 160 -12.46 -31.75 -4.62
C LYS A 160 -10.95 -31.89 -4.72
N PRO A 161 -10.20 -32.07 -3.60
CA PRO A 161 -8.74 -32.19 -3.68
C PRO A 161 -8.24 -33.24 -4.68
N HIS A 162 -8.93 -34.36 -4.75
CA HIS A 162 -8.53 -35.51 -5.62
C HIS A 162 -8.57 -35.09 -7.09
N ASN A 163 -9.38 -34.09 -7.44
CA ASN A 163 -9.50 -33.67 -8.81
C ASN A 163 -8.76 -32.37 -9.08
N VAL A 164 -7.86 -32.01 -8.16
CA VAL A 164 -7.02 -30.84 -8.33
C VAL A 164 -5.55 -31.29 -8.27
N MET A 165 -4.97 -31.53 -9.44
CA MET A 165 -3.58 -32.03 -9.53
C MET A 165 -2.65 -30.84 -9.36
N ILE A 166 -1.68 -30.99 -8.43
CA ILE A 166 -0.68 -29.99 -8.17
C ILE A 166 0.71 -30.62 -8.28
N ASP A 167 1.51 -30.09 -9.20
CA ASP A 167 2.97 -30.30 -9.22
C ASP A 167 3.60 -29.17 -8.38
N HIS A 168 3.90 -29.47 -7.12
CA HIS A 168 4.38 -28.46 -6.17
C HIS A 168 5.75 -27.90 -6.60
N GLN A 169 6.56 -28.70 -7.30
CA GLN A 169 7.90 -28.30 -7.72
C GLN A 169 7.82 -27.26 -8.85
N GLN A 170 6.94 -27.50 -9.83
CA GLN A 170 6.81 -26.61 -10.98
C GLN A 170 5.72 -25.58 -10.75
N LYS A 171 5.00 -25.68 -9.62
CA LYS A 171 3.91 -24.76 -9.29
C LYS A 171 2.86 -24.78 -10.41
N LYS A 172 2.46 -26.00 -10.78
CA LYS A 172 1.48 -26.24 -11.83
C LYS A 172 0.23 -26.87 -11.23
N LEU A 173 -0.94 -26.44 -11.70
CA LEU A 173 -2.23 -26.94 -11.23
C LEU A 173 -3.10 -27.29 -12.44
N ARG A 174 -3.76 -28.45 -12.38
CA ARG A 174 -4.78 -28.80 -13.36
C ARG A 174 -6.03 -29.32 -12.67
N LEU A 175 -7.18 -28.83 -13.15
CA LEU A 175 -8.44 -29.37 -12.77
C LEU A 175 -8.74 -30.56 -13.70
N ILE A 176 -9.01 -31.74 -13.10
CA ILE A 176 -9.12 -33.04 -13.82
C ILE A 176 -10.53 -33.58 -13.58
N ASP A 177 -10.78 -34.71 -14.23
CA ASP A 177 -11.95 -35.53 -14.15
C ASP A 177 -13.22 -34.72 -14.44
N TRP A 178 -13.43 -34.48 -15.72
CA TRP A 178 -14.59 -33.76 -16.22
C TRP A 178 -15.75 -34.70 -16.56
N GLY A 179 -15.76 -35.90 -15.97
CA GLY A 179 -16.77 -36.89 -16.25
C GLY A 179 -18.14 -36.58 -15.65
N LEU A 180 -18.22 -35.65 -14.69
CA LEU A 180 -19.52 -35.24 -14.11
C LEU A 180 -19.91 -33.85 -14.60
N ALA A 181 -19.09 -33.26 -15.47
CA ALA A 181 -19.35 -31.89 -15.95
C ALA A 181 -20.59 -31.87 -16.85
N GLU A 182 -21.28 -30.73 -16.82
CA GLU A 182 -22.47 -30.52 -17.61
C GLU A 182 -22.47 -29.08 -18.14
N PHE A 183 -23.20 -28.87 -19.25
CA PHE A 183 -23.49 -27.56 -19.78
C PHE A 183 -24.60 -26.93 -18.96
N TYR A 184 -24.45 -25.64 -18.66
CA TYR A 184 -25.44 -24.92 -17.94
C TYR A 184 -26.41 -24.29 -18.92
N HIS A 185 -27.71 -24.55 -18.70
CA HIS A 185 -28.77 -23.96 -19.45
C HIS A 185 -29.80 -23.45 -18.46
N PRO A 186 -30.19 -22.15 -18.54
CA PRO A 186 -31.13 -21.58 -17.56
C PRO A 186 -32.43 -22.40 -17.42
N ALA A 187 -32.85 -22.60 -16.17
CA ALA A 187 -34.09 -23.29 -15.78
C ALA A 187 -34.01 -24.83 -15.96
N GLN A 188 -32.90 -25.37 -16.46
CA GLN A 188 -32.78 -26.82 -16.65
C GLN A 188 -32.65 -27.48 -15.28
N GLU A 189 -33.26 -28.66 -15.15
CA GLU A 189 -33.21 -29.44 -13.91
C GLU A 189 -32.13 -30.52 -14.07
N TYR A 190 -31.17 -30.50 -13.15
CA TYR A 190 -30.00 -31.34 -13.19
C TYR A 190 -30.13 -32.43 -12.11
N ASN A 191 -29.49 -33.57 -12.40
CA ASN A 191 -29.33 -34.65 -11.44
C ASN A 191 -28.50 -34.14 -10.26
N VAL A 192 -28.96 -34.43 -9.05
CA VAL A 192 -28.27 -34.00 -7.83
C VAL A 192 -27.23 -35.03 -7.41
N ARG A 193 -27.13 -36.15 -8.15
CA ARG A 193 -26.16 -37.23 -7.86
C ARG A 193 -24.84 -36.89 -8.57
N VAL A 194 -24.21 -35.83 -8.07
CA VAL A 194 -22.98 -35.29 -8.54
C VAL A 194 -22.19 -34.86 -7.31
N ALA A 195 -20.93 -34.49 -7.53
CA ALA A 195 -19.93 -34.27 -6.54
C ALA A 195 -19.72 -35.52 -5.64
N SER A 196 -18.77 -35.37 -4.73
CA SER A 196 -18.46 -36.33 -3.74
C SER A 196 -18.99 -35.79 -2.41
N ARG A 197 -19.45 -36.68 -1.53
CA ARG A 197 -20.28 -36.32 -0.36
C ARG A 197 -19.79 -35.05 0.37
N TYR A 198 -18.52 -35.00 0.74
CA TYR A 198 -18.02 -33.94 1.59
C TYR A 198 -18.04 -32.57 0.87
N PHE A 199 -18.19 -32.57 -0.46
CA PHE A 199 -18.12 -31.36 -1.32
C PHE A 199 -19.47 -31.01 -1.94
N LYS A 200 -20.51 -31.78 -1.59
CA LYS A 200 -21.84 -31.54 -2.08
C LYS A 200 -22.42 -30.27 -1.47
N GLY A 201 -22.89 -29.37 -2.33
CA GLY A 201 -23.54 -28.16 -1.89
C GLY A 201 -24.86 -28.50 -1.24
N PRO A 202 -25.37 -27.63 -0.35
CA PRO A 202 -26.67 -27.80 0.27
C PRO A 202 -27.79 -28.15 -0.74
N GLU A 203 -27.74 -27.48 -1.91
CA GLU A 203 -28.72 -27.66 -2.98
C GLU A 203 -28.82 -29.14 -3.37
N LEU A 204 -27.71 -29.87 -3.38
CA LEU A 204 -27.72 -31.27 -3.79
C LEU A 204 -28.33 -32.11 -2.68
N LEU A 205 -28.06 -31.70 -1.43
CA LEU A 205 -28.43 -32.47 -0.29
C LEU A 205 -29.93 -32.38 -0.02
N VAL A 206 -30.59 -31.33 -0.53
CA VAL A 206 -32.05 -31.16 -0.39
C VAL A 206 -32.80 -31.40 -1.72
N ASP A 207 -32.14 -32.02 -2.71
CA ASP A 207 -32.78 -32.44 -3.99
C ASP A 207 -33.32 -31.20 -4.75
N TYR A 208 -32.59 -30.08 -4.67
CA TYR A 208 -32.89 -28.91 -5.47
C TYR A 208 -32.15 -28.97 -6.82
N GLN A 209 -32.92 -28.98 -7.92
CA GLN A 209 -32.36 -29.41 -9.21
C GLN A 209 -31.93 -28.22 -10.08
N MET A 210 -32.38 -27.00 -9.77
CA MET A 210 -32.16 -25.87 -10.66
C MET A 210 -30.90 -25.12 -10.20
N TYR A 211 -29.79 -25.86 -10.06
CA TYR A 211 -28.51 -25.29 -9.58
C TYR A 211 -27.68 -24.81 -10.79
N ASP A 212 -26.51 -24.23 -10.51
CA ASP A 212 -25.72 -23.61 -11.56
C ASP A 212 -24.26 -23.69 -11.15
N TYR A 213 -23.42 -22.91 -11.84
CA TYR A 213 -21.98 -22.80 -11.61
C TYR A 213 -21.61 -22.59 -10.14
N SER A 214 -22.52 -21.94 -9.39
CA SER A 214 -22.34 -21.65 -7.95
C SER A 214 -22.08 -22.92 -7.13
N LEU A 215 -22.48 -24.07 -7.68
CA LEU A 215 -22.26 -25.35 -6.99
C LEU A 215 -20.76 -25.59 -6.80
N ASP A 216 -19.97 -25.22 -7.79
CA ASP A 216 -18.51 -25.41 -7.80
C ASP A 216 -17.85 -24.50 -6.77
N MET A 217 -18.50 -23.37 -6.46
CA MET A 217 -17.95 -22.40 -5.54
C MET A 217 -18.17 -22.88 -4.10
N TRP A 218 -19.29 -23.55 -3.82
CA TRP A 218 -19.43 -24.26 -2.54
C TRP A 218 -18.28 -25.26 -2.35
N SER A 219 -18.03 -26.10 -3.35
CA SER A 219 -17.01 -27.16 -3.28
C SER A 219 -15.64 -26.50 -3.03
N LEU A 220 -15.34 -25.43 -3.76
CA LEU A 220 -14.11 -24.64 -3.57
C LEU A 220 -14.00 -24.12 -2.13
N GLY A 221 -15.09 -23.54 -1.60
CA GLY A 221 -15.13 -23.12 -0.19
C GLY A 221 -14.78 -24.25 0.79
N CYS A 222 -15.34 -25.45 0.55
CA CYS A 222 -15.00 -26.66 1.35
C CYS A 222 -13.50 -26.93 1.31
N MET A 223 -12.90 -26.81 0.11
CA MET A 223 -11.49 -27.03 0.01
C MET A 223 -10.72 -25.96 0.80
N LEU A 224 -11.15 -24.70 0.68
CA LEU A 224 -10.44 -23.60 1.32
C LEU A 224 -10.50 -23.79 2.84
N ALA A 225 -11.67 -24.14 3.40
CA ALA A 225 -11.81 -24.37 4.85
C ALA A 225 -10.84 -25.47 5.30
N SER A 226 -10.76 -26.57 4.52
CA SER A 226 -9.88 -27.68 4.92
C SER A 226 -8.41 -27.26 4.89
N MET A 227 -8.07 -26.36 3.95
CA MET A 227 -6.68 -25.95 3.80
C MET A 227 -6.26 -24.99 4.94
N ILE A 228 -7.08 -24.00 5.25
CA ILE A 228 -6.67 -22.98 6.23
C ILE A 228 -6.88 -23.51 7.66
N PHE A 229 -7.86 -24.39 7.86
CA PHE A 229 -8.17 -24.94 9.21
C PHE A 229 -7.51 -26.29 9.49
N ARG A 230 -7.11 -27.01 8.43
CA ARG A 230 -6.43 -28.32 8.55
C ARG A 230 -7.40 -29.40 9.03
N ARG A 231 -8.72 -29.17 8.95
CA ARG A 231 -9.71 -30.25 9.15
C ARG A 231 -10.13 -30.72 7.77
N GLU A 232 -9.63 -31.89 7.38
CA GLU A 232 -9.85 -32.42 6.01
C GLU A 232 -10.48 -33.81 6.11
N PRO A 233 -11.67 -33.98 5.52
CA PRO A 233 -12.47 -32.90 4.94
C PRO A 233 -13.13 -32.02 6.02
N PHE A 234 -13.62 -30.83 5.63
CA PHE A 234 -14.10 -29.89 6.62
C PHE A 234 -15.47 -30.31 7.19
N PHE A 235 -16.38 -30.69 6.31
CA PHE A 235 -17.71 -31.20 6.66
C PHE A 235 -17.73 -32.71 6.37
N HIS A 236 -17.59 -33.51 7.44
CA HIS A 236 -17.33 -34.96 7.33
C HIS A 236 -18.61 -35.75 7.65
N GLY A 237 -19.56 -35.73 6.70
CA GLY A 237 -20.85 -36.42 6.89
C GLY A 237 -20.71 -37.91 6.69
N GLN A 238 -21.50 -38.71 7.42
CA GLN A 238 -21.47 -40.16 7.31
C GLN A 238 -22.28 -40.64 6.10
N ASP A 239 -23.36 -39.91 5.77
CA ASP A 239 -24.19 -40.16 4.62
C ASP A 239 -24.75 -38.81 4.17
N ASN A 240 -25.57 -38.81 3.10
CA ASN A 240 -26.05 -37.57 2.50
C ASN A 240 -26.89 -36.76 3.50
N TYR A 241 -27.68 -37.46 4.33
CA TYR A 241 -28.48 -36.79 5.36
C TYR A 241 -27.57 -36.09 6.38
N ASP A 242 -26.61 -36.84 6.90
CA ASP A 242 -25.72 -36.34 7.92
C ASP A 242 -24.81 -35.21 7.38
N GLN A 243 -24.55 -35.23 6.07
CA GLN A 243 -23.75 -34.19 5.46
C GLN A 243 -24.43 -32.85 5.69
N LEU A 244 -25.77 -32.81 5.57
CA LEU A 244 -26.43 -31.53 5.73
C LEU A 244 -26.45 -31.13 7.21
N VAL A 245 -26.55 -32.12 8.10
CA VAL A 245 -26.49 -31.85 9.52
C VAL A 245 -25.13 -31.22 9.85
N ARG A 246 -24.07 -31.77 9.27
CA ARG A 246 -22.71 -31.27 9.51
C ARG A 246 -22.59 -29.81 9.07
N ILE A 247 -23.19 -29.48 7.93
CA ILE A 247 -23.19 -28.14 7.43
C ILE A 247 -23.99 -27.24 8.37
N ALA A 248 -25.15 -27.72 8.81
CA ALA A 248 -26.08 -26.90 9.59
C ALA A 248 -25.51 -26.60 10.98
N LYS A 249 -24.62 -27.45 11.48
CA LYS A 249 -23.95 -27.24 12.76
C LYS A 249 -22.96 -26.07 12.68
N VAL A 250 -22.60 -25.67 11.46
CA VAL A 250 -21.71 -24.51 11.28
C VAL A 250 -22.52 -23.32 10.78
N LEU A 251 -23.27 -23.50 9.69
CA LEU A 251 -23.99 -22.37 9.09
C LEU A 251 -25.28 -22.01 9.83
N GLY A 252 -25.80 -22.93 10.66
CA GLY A 252 -27.02 -22.70 11.44
C GLY A 252 -28.28 -23.25 10.77
N THR A 253 -29.24 -23.64 11.59
CA THR A 253 -30.47 -24.26 11.08
C THR A 253 -31.49 -23.23 10.62
N GLU A 254 -31.68 -22.13 11.37
CA GLU A 254 -32.68 -21.12 10.96
C GLU A 254 -32.27 -20.57 9.58
N GLU A 255 -30.96 -20.45 9.36
CA GLU A 255 -30.39 -19.98 8.12
C GLU A 255 -30.75 -20.95 6.98
N LEU A 256 -30.70 -22.26 7.25
CA LEU A 256 -31.08 -23.29 6.28
C LEU A 256 -32.57 -23.17 5.95
N TYR A 257 -33.43 -22.99 6.96
CA TYR A 257 -34.87 -22.97 6.72
C TYR A 257 -35.23 -21.77 5.84
N GLY A 258 -34.49 -20.66 6.02
CA GLY A 258 -34.66 -19.43 5.24
C GLY A 258 -34.42 -19.66 3.76
N TYR A 259 -33.30 -20.35 3.48
CA TYR A 259 -32.92 -20.83 2.16
C TYR A 259 -34.02 -21.67 1.52
N LEU A 260 -34.50 -22.67 2.26
CA LEU A 260 -35.50 -23.60 1.73
C LEU A 260 -36.78 -22.82 1.39
N LYS A 261 -37.14 -21.87 2.26
CA LYS A 261 -38.38 -21.07 2.06
C LYS A 261 -38.28 -20.24 0.77
N LYS A 262 -37.15 -19.52 0.62
CA LYS A 262 -36.94 -18.60 -0.52
C LYS A 262 -37.12 -19.34 -1.85
N TYR A 263 -36.61 -20.56 -1.96
CA TYR A 263 -36.60 -21.34 -3.24
C TYR A 263 -37.70 -22.40 -3.30
N HIS A 264 -38.55 -22.47 -2.29
CA HIS A 264 -39.72 -23.33 -2.28
C HIS A 264 -39.29 -24.80 -2.39
N ILE A 265 -38.23 -25.15 -1.65
CA ILE A 265 -37.67 -26.48 -1.64
C ILE A 265 -38.39 -27.29 -0.55
N ASP A 266 -38.86 -28.48 -0.94
CA ASP A 266 -39.41 -29.49 -0.08
C ASP A 266 -38.26 -30.15 0.68
N LEU A 267 -38.26 -30.04 2.01
CA LEU A 267 -37.23 -30.66 2.81
C LEU A 267 -37.73 -32.07 3.17
N ASP A 268 -36.89 -33.08 2.92
CA ASP A 268 -37.19 -34.49 3.20
C ASP A 268 -37.57 -34.58 4.68
N PRO A 269 -38.72 -35.22 5.02
CA PRO A 269 -39.17 -35.24 6.41
C PRO A 269 -38.19 -35.84 7.43
N HIS A 270 -37.26 -36.67 6.96
CA HIS A 270 -36.31 -37.33 7.86
C HIS A 270 -35.39 -36.29 8.53
N PHE A 271 -35.15 -35.15 7.86
CA PHE A 271 -34.25 -34.11 8.38
C PHE A 271 -34.75 -33.60 9.74
N ASN A 272 -36.08 -33.59 9.95
CA ASN A 272 -36.69 -33.05 11.18
C ASN A 272 -36.25 -33.86 12.42
N ASP A 273 -35.91 -35.14 12.23
CA ASP A 273 -35.44 -36.01 13.32
C ASP A 273 -33.96 -35.75 13.69
N ILE A 274 -33.17 -35.15 12.78
CA ILE A 274 -31.69 -35.18 12.93
C ILE A 274 -31.06 -33.78 12.86
N LEU A 275 -31.76 -32.80 12.27
CA LEU A 275 -31.17 -31.47 11.99
C LEU A 275 -30.88 -30.73 13.30
N GLY A 276 -31.79 -30.83 14.27
CA GLY A 276 -31.61 -30.15 15.57
C GLY A 276 -31.80 -28.64 15.44
N GLN A 277 -31.26 -27.93 16.43
CA GLN A 277 -31.26 -26.49 16.56
C GLN A 277 -29.81 -26.02 16.75
N HIS A 278 -29.24 -25.31 15.75
CA HIS A 278 -27.87 -24.87 15.81
C HIS A 278 -27.76 -23.40 15.40
N SER A 279 -27.09 -22.59 16.23
CA SER A 279 -26.77 -21.23 15.88
C SER A 279 -25.68 -21.20 14.79
N ARG A 280 -25.68 -20.15 13.97
CA ARG A 280 -24.57 -19.91 13.05
C ARG A 280 -23.27 -19.70 13.85
N LYS A 281 -22.21 -20.43 13.48
CA LYS A 281 -20.97 -20.37 14.18
C LYS A 281 -20.09 -19.34 13.47
N ARG A 282 -19.35 -18.53 14.27
CA ARG A 282 -18.36 -17.65 13.70
C ARG A 282 -17.18 -18.47 13.18
N TRP A 283 -16.63 -18.06 12.03
CA TRP A 283 -15.52 -18.82 11.42
C TRP A 283 -14.28 -18.80 12.32
N GLU A 284 -14.16 -17.76 13.14
CA GLU A 284 -13.09 -17.67 14.11
C GLU A 284 -13.10 -18.86 15.10
N ASN A 285 -14.24 -19.52 15.27
CA ASN A 285 -14.41 -20.68 16.18
C ASN A 285 -13.49 -21.87 15.80
N PHE A 286 -13.01 -21.88 14.55
CA PHE A 286 -12.26 -23.00 14.00
C PHE A 286 -10.75 -22.80 14.10
N ILE A 287 -10.31 -21.65 14.60
CA ILE A 287 -8.89 -21.35 14.75
C ILE A 287 -8.37 -22.03 16.00
N HIS A 288 -7.20 -22.66 15.89
CA HIS A 288 -6.46 -23.11 17.08
C HIS A 288 -4.96 -23.00 16.82
N SER A 289 -4.15 -23.34 17.83
CA SER A 289 -2.73 -23.06 17.78
C SER A 289 -2.04 -23.74 16.60
N GLU A 290 -2.65 -24.76 16.00
CA GLU A 290 -2.02 -25.53 14.92
C GLU A 290 -2.32 -24.90 13.54
N ASN A 291 -3.40 -24.14 13.43
CA ASN A 291 -3.78 -23.60 12.13
C ASN A 291 -3.74 -22.08 12.10
N ARG A 292 -3.46 -21.41 13.23
CA ARG A 292 -3.52 -19.93 13.30
C ARG A 292 -2.68 -19.30 12.17
N HIS A 293 -1.53 -19.94 11.85
CA HIS A 293 -0.58 -19.36 10.91
C HIS A 293 -1.06 -19.46 9.46
N LEU A 294 -2.20 -20.11 9.19
CA LEU A 294 -2.80 -20.15 7.85
C LEU A 294 -4.05 -19.27 7.73
N VAL A 295 -4.51 -18.71 8.84
CA VAL A 295 -5.78 -17.99 8.90
C VAL A 295 -5.48 -16.48 9.04
N SER A 296 -6.33 -15.72 8.36
CA SER A 296 -6.29 -14.27 8.35
C SER A 296 -7.71 -13.76 8.29
N PRO A 297 -7.95 -12.48 8.66
CA PRO A 297 -9.26 -11.89 8.43
C PRO A 297 -9.73 -11.99 6.97
N GLU A 298 -8.81 -11.90 6.02
CA GLU A 298 -9.12 -11.93 4.59
C GLU A 298 -9.58 -13.33 4.21
N ALA A 299 -8.86 -14.37 4.72
CA ALA A 299 -9.26 -15.76 4.48
C ALA A 299 -10.69 -16.01 4.96
N LEU A 300 -11.00 -15.55 6.18
CA LEU A 300 -12.33 -15.78 6.78
C LEU A 300 -13.41 -14.98 6.05
N ASP A 301 -13.08 -13.78 5.57
CA ASP A 301 -14.06 -12.97 4.83
C ASP A 301 -14.42 -13.69 3.54
N LEU A 302 -13.39 -14.14 2.81
CA LEU A 302 -13.64 -14.92 1.57
C LEU A 302 -14.48 -16.18 1.89
N LEU A 303 -14.05 -16.96 2.89
CA LEU A 303 -14.72 -18.24 3.17
C LEU A 303 -16.20 -18.02 3.43
N ASP A 304 -16.52 -16.98 4.22
CA ASP A 304 -17.88 -16.67 4.60
C ASP A 304 -18.75 -16.34 3.37
N LYS A 305 -18.11 -15.83 2.31
CA LYS A 305 -18.82 -15.45 1.09
C LYS A 305 -18.92 -16.62 0.09
N LEU A 306 -18.22 -17.73 0.33
CA LEU A 306 -18.35 -18.96 -0.49
C LEU A 306 -19.31 -19.96 0.17
N LEU A 307 -19.11 -20.26 1.46
CA LEU A 307 -19.92 -21.29 2.13
C LEU A 307 -21.21 -20.64 2.66
N ARG A 308 -22.11 -20.36 1.73
CA ARG A 308 -23.43 -19.79 1.97
C ARG A 308 -24.46 -20.77 1.43
N TYR A 309 -25.52 -21.00 2.20
CA TYR A 309 -26.58 -21.84 1.72
C TYR A 309 -27.09 -21.36 0.37
N ASP A 310 -27.39 -20.06 0.31
CA ASP A 310 -28.01 -19.46 -0.87
C ASP A 310 -26.99 -19.42 -2.02
N HIS A 311 -27.17 -20.32 -2.98
CA HIS A 311 -26.28 -20.48 -4.11
C HIS A 311 -26.15 -19.16 -4.88
N GLN A 312 -27.23 -18.38 -4.93
CA GLN A 312 -27.21 -17.08 -5.64
C GLN A 312 -26.31 -16.06 -4.96
N GLN A 313 -26.08 -16.19 -3.65
CA GLN A 313 -25.35 -15.14 -2.94
C GLN A 313 -23.86 -15.48 -2.85
N ARG A 314 -23.49 -16.72 -3.16
CA ARG A 314 -22.06 -17.10 -3.16
C ARG A 314 -21.31 -16.29 -4.23
N LEU A 315 -20.05 -15.93 -3.92
CA LEU A 315 -19.21 -15.24 -4.92
C LEU A 315 -19.12 -16.12 -6.16
N THR A 316 -19.13 -15.45 -7.32
CA THR A 316 -18.68 -16.07 -8.59
C THR A 316 -17.17 -16.27 -8.55
N ALA A 317 -16.65 -17.11 -9.45
CA ALA A 317 -15.24 -17.33 -9.55
C ALA A 317 -14.53 -15.97 -9.73
N LYS A 318 -15.10 -15.09 -10.57
CA LYS A 318 -14.43 -13.83 -10.92
C LYS A 318 -14.39 -12.90 -9.71
N GLU A 319 -15.52 -12.85 -9.01
CA GLU A 319 -15.64 -12.05 -7.79
C GLU A 319 -14.63 -12.51 -6.75
N ALA A 320 -14.49 -13.84 -6.59
CA ALA A 320 -13.58 -14.40 -5.65
C ALA A 320 -12.15 -13.99 -6.00
N MET A 321 -11.82 -14.01 -7.30
CA MET A 321 -10.47 -13.66 -7.73
C MET A 321 -10.12 -12.20 -7.40
N GLU A 322 -11.12 -11.32 -7.22
CA GLU A 322 -10.88 -9.89 -6.92
C GLU A 322 -10.81 -9.66 -5.40
N HIS A 323 -10.96 -10.71 -4.60
CA HIS A 323 -10.97 -10.56 -3.13
C HIS A 323 -9.58 -10.24 -2.57
N PRO A 324 -9.48 -9.41 -1.50
CA PRO A 324 -8.20 -9.16 -0.84
C PRO A 324 -7.33 -10.36 -0.46
N TYR A 325 -7.93 -11.52 -0.20
CA TYR A 325 -7.17 -12.75 0.10
C TYR A 325 -6.10 -12.99 -0.96
N PHE A 326 -6.40 -12.60 -2.22
CA PHE A 326 -5.52 -12.92 -3.30
C PHE A 326 -4.59 -11.77 -3.69
N TYR A 327 -4.62 -10.63 -2.97
CA TYR A 327 -3.72 -9.48 -3.27
C TYR A 327 -2.25 -9.92 -3.35
N PRO A 328 -1.72 -10.73 -2.40
CA PRO A 328 -0.32 -11.16 -2.46
C PRO A 328 0.05 -11.96 -3.72
N VAL A 329 -0.91 -12.70 -4.23
CA VAL A 329 -0.65 -13.57 -5.36
C VAL A 329 -0.63 -12.71 -6.63
N VAL A 330 -1.57 -11.78 -6.74
CA VAL A 330 -1.63 -10.86 -7.89
C VAL A 330 -0.37 -9.97 -7.87
N LYS A 331 0.02 -9.50 -6.68
CA LYS A 331 1.29 -8.75 -6.49
C LYS A 331 2.47 -9.63 -6.91
N SER B 9 -11.35 39.60 -1.96
CA SER B 9 -10.02 40.17 -1.70
C SER B 9 -9.23 40.24 -3.02
N ARG B 10 -8.34 41.24 -3.13
CA ARG B 10 -7.41 41.36 -4.27
C ARG B 10 -6.03 41.80 -3.74
N ALA B 11 -4.98 41.31 -4.42
CA ALA B 11 -3.65 41.82 -4.25
C ALA B 11 -3.65 43.34 -4.41
N ARG B 12 -2.96 44.03 -3.47
CA ARG B 12 -2.74 45.46 -3.45
C ARG B 12 -1.78 45.93 -4.56
N VAL B 13 -0.95 45.02 -5.06
CA VAL B 13 0.03 45.32 -6.09
C VAL B 13 0.01 44.17 -7.10
N TYR B 14 0.38 44.50 -8.33
CA TYR B 14 0.59 43.52 -9.38
C TYR B 14 -0.67 42.67 -9.62
N ALA B 15 -1.85 43.27 -9.37
CA ALA B 15 -3.09 42.56 -9.45
C ALA B 15 -3.38 42.16 -10.91
N GLU B 16 -3.11 43.05 -11.87
CA GLU B 16 -3.52 42.91 -13.27
C GLU B 16 -2.38 42.42 -14.17
N VAL B 17 -1.21 42.12 -13.59
CA VAL B 17 -0.03 41.64 -14.29
C VAL B 17 -0.39 40.59 -15.36
N ASN B 18 -1.11 39.53 -15.00
CA ASN B 18 -1.30 38.40 -15.93
C ASN B 18 -2.27 38.78 -17.05
N SER B 19 -3.37 39.45 -16.69
CA SER B 19 -4.40 39.76 -17.65
C SER B 19 -3.87 40.70 -18.72
N LEU B 20 -2.85 41.52 -18.38
CA LEU B 20 -2.29 42.50 -19.30
C LEU B 20 -1.20 41.90 -20.19
N ARG B 21 -0.80 40.64 -19.96
CA ARG B 21 0.16 39.96 -20.80
C ARG B 21 -0.57 39.03 -21.78
N SER B 22 0.14 38.59 -22.81
CA SER B 22 -0.39 37.60 -23.80
C SER B 22 -0.83 36.35 -23.04
N ARG B 23 -1.90 35.68 -23.52
CA ARG B 23 -2.36 34.43 -22.89
C ARG B 23 -1.22 33.44 -22.72
N GLU B 24 -0.30 33.38 -23.69
CA GLU B 24 0.80 32.40 -23.76
C GLU B 24 1.65 32.46 -22.49
N TYR B 25 1.74 33.66 -21.88
CA TYR B 25 2.56 33.89 -20.70
C TYR B 25 2.07 33.05 -19.52
N TRP B 26 0.75 32.95 -19.34
CA TRP B 26 0.19 32.36 -18.12
C TRP B 26 -0.55 31.04 -18.37
N ASP B 27 -0.84 30.71 -19.64
CA ASP B 27 -1.54 29.49 -20.03
C ASP B 27 -0.51 28.37 -20.07
N TYR B 28 -0.07 27.93 -18.90
CA TYR B 28 1.02 26.97 -18.81
C TYR B 28 0.58 25.60 -19.31
N GLU B 29 -0.74 25.30 -19.31
CA GLU B 29 -1.23 23.98 -19.83
C GLU B 29 -0.94 23.85 -21.33
N ALA B 30 -0.78 24.99 -22.03
CA ALA B 30 -0.48 25.00 -23.45
C ALA B 30 1.02 24.90 -23.73
N HIS B 31 1.86 25.05 -22.70
CA HIS B 31 3.31 25.01 -22.83
C HIS B 31 3.80 23.61 -23.20
N VAL B 32 4.75 23.52 -24.13
CA VAL B 32 5.27 22.25 -24.61
C VAL B 32 6.77 22.23 -24.38
N PRO B 33 7.24 21.61 -23.28
CA PRO B 33 8.67 21.41 -23.07
C PRO B 33 9.26 20.53 -24.18
N SER B 34 10.53 20.79 -24.54
CA SER B 34 11.36 19.91 -25.32
C SER B 34 12.27 19.13 -24.37
N TRP B 35 12.08 17.80 -24.29
CA TRP B 35 12.79 16.95 -23.34
C TRP B 35 14.05 16.39 -23.98
N GLY B 36 15.20 16.92 -23.55
CA GLY B 36 16.52 16.48 -24.00
C GLY B 36 16.95 15.25 -23.22
N ASN B 37 18.20 14.85 -23.43
CA ASN B 37 18.73 13.55 -23.00
C ASN B 37 19.55 13.74 -21.72
N GLN B 38 19.09 13.13 -20.62
CA GLN B 38 19.76 13.27 -19.33
C GLN B 38 21.10 12.52 -19.31
N ASP B 39 21.31 11.62 -20.30
CA ASP B 39 22.60 10.89 -20.40
C ASP B 39 23.78 11.85 -20.63
N ASP B 40 23.53 13.14 -20.89
CA ASP B 40 24.61 14.16 -20.96
C ASP B 40 25.14 14.59 -19.58
N TYR B 41 24.51 14.12 -18.48
CA TYR B 41 24.79 14.53 -17.13
C TYR B 41 25.19 13.34 -16.25
N GLN B 42 26.30 13.52 -15.52
CA GLN B 42 26.78 12.57 -14.54
C GLN B 42 26.34 13.15 -13.18
N LEU B 43 25.48 12.43 -12.43
CA LEU B 43 25.01 12.94 -11.16
C LEU B 43 25.95 12.44 -10.05
N VAL B 44 26.84 13.35 -9.59
CA VAL B 44 28.00 13.01 -8.80
C VAL B 44 27.69 13.02 -7.30
N ARG B 45 26.74 13.83 -6.82
CA ARG B 45 26.50 13.87 -5.39
C ARG B 45 25.04 14.22 -5.10
N LYS B 46 24.41 13.46 -4.20
CA LYS B 46 23.06 13.76 -3.76
C LYS B 46 23.12 14.99 -2.85
N LEU B 47 22.27 15.98 -3.13
CA LEU B 47 22.24 17.20 -2.36
C LEU B 47 21.09 17.15 -1.34
N GLY B 48 19.95 16.57 -1.72
CA GLY B 48 18.69 16.72 -1.00
C GLY B 48 17.53 16.03 -1.69
N ARG B 49 16.45 15.83 -0.93
CA ARG B 49 15.27 15.09 -1.39
C ARG B 49 14.03 15.77 -0.81
N GLY B 50 12.86 15.37 -1.33
CA GLY B 50 11.60 15.83 -0.80
C GLY B 50 10.45 15.10 -1.48
N LYS B 51 9.23 15.56 -1.21
CA LYS B 51 8.02 14.86 -1.59
C LYS B 51 7.81 14.90 -3.11
N TYR B 52 8.47 15.86 -3.79
CA TYR B 52 8.23 16.16 -5.23
C TYR B 52 9.42 15.79 -6.15
N SER B 53 10.63 15.63 -5.59
CA SER B 53 11.88 15.42 -6.38
C SER B 53 13.06 14.93 -5.53
N GLU B 54 14.14 14.51 -6.21
CA GLU B 54 15.47 14.29 -5.61
C GLU B 54 16.50 15.11 -6.40
N VAL B 55 17.47 15.69 -5.69
CA VAL B 55 18.31 16.74 -6.26
C VAL B 55 19.79 16.32 -6.18
N PHE B 56 20.52 16.44 -7.30
CA PHE B 56 21.91 16.02 -7.37
C PHE B 56 22.75 17.15 -7.94
N GLU B 57 23.97 17.24 -7.42
CA GLU B 57 25.02 17.91 -8.11
C GLU B 57 25.44 17.05 -9.30
N ALA B 58 25.67 17.68 -10.45
CA ALA B 58 26.00 17.00 -11.68
C ALA B 58 27.00 17.78 -12.51
N ILE B 59 27.55 17.08 -13.49
CA ILE B 59 28.45 17.60 -14.49
C ILE B 59 27.82 17.33 -15.84
N ASN B 60 27.79 18.32 -16.73
CA ASN B 60 27.50 18.09 -18.11
C ASN B 60 28.78 17.50 -18.75
N ILE B 61 28.71 16.25 -19.18
CA ILE B 61 29.90 15.49 -19.60
C ILE B 61 30.40 16.02 -20.96
N THR B 62 29.57 16.76 -21.70
CA THR B 62 30.00 17.30 -23.00
C THR B 62 30.94 18.51 -22.81
N ASN B 63 30.71 19.34 -21.78
CA ASN B 63 31.48 20.62 -21.66
C ASN B 63 32.02 20.87 -20.25
N ASN B 64 31.77 19.96 -19.30
CA ASN B 64 32.33 20.00 -17.96
C ASN B 64 31.71 21.13 -17.13
N GLU B 65 30.49 21.56 -17.46
CA GLU B 65 29.81 22.59 -16.63
C GLU B 65 29.14 21.90 -15.44
N ARG B 66 29.31 22.50 -14.26
CA ARG B 66 28.68 22.05 -13.00
C ARG B 66 27.25 22.61 -12.94
N VAL B 67 26.30 21.75 -12.57
CA VAL B 67 24.89 22.06 -12.60
C VAL B 67 24.21 21.29 -11.46
N VAL B 68 22.91 21.50 -11.28
CA VAL B 68 22.10 20.68 -10.46
C VAL B 68 21.05 20.01 -11.35
N VAL B 69 20.76 18.75 -11.01
CA VAL B 69 19.74 17.99 -11.67
C VAL B 69 18.71 17.52 -10.63
N LYS B 70 17.48 17.95 -10.89
CA LYS B 70 16.33 17.64 -10.06
C LYS B 70 15.41 16.66 -10.77
N ILE B 71 15.35 15.42 -10.25
CA ILE B 71 14.57 14.37 -10.84
C ILE B 71 13.17 14.40 -10.22
N LEU B 72 12.15 14.57 -11.08
CA LEU B 72 10.81 14.85 -10.63
C LEU B 72 10.07 13.54 -10.31
N VAL B 75 4.51 13.03 -11.14
CA VAL B 75 3.33 13.88 -10.93
C VAL B 75 2.63 14.12 -12.29
N LYS B 76 1.43 14.71 -12.25
CA LYS B 76 0.68 14.96 -13.48
C LYS B 76 1.51 15.93 -14.34
N LYS B 77 1.42 15.77 -15.67
CA LYS B 77 2.15 16.57 -16.65
C LYS B 77 1.88 18.07 -16.44
N LYS B 78 0.64 18.40 -16.06
CA LYS B 78 0.15 19.76 -15.90
C LYS B 78 1.04 20.52 -14.89
N LYS B 79 1.39 19.85 -13.79
CA LYS B 79 2.18 20.41 -12.73
C LYS B 79 3.62 20.62 -13.19
N ILE B 80 4.15 19.69 -14.01
CA ILE B 80 5.50 19.83 -14.57
C ILE B 80 5.53 21.04 -15.50
N LYS B 81 4.52 21.19 -16.36
CA LYS B 81 4.39 22.30 -17.30
C LYS B 81 4.32 23.63 -16.52
N ARG B 82 3.59 23.63 -15.41
CA ARG B 82 3.46 24.84 -14.57
C ARG B 82 4.84 25.29 -14.07
N GLU B 83 5.59 24.35 -13.50
CA GLU B 83 6.92 24.66 -12.98
C GLU B 83 7.85 25.15 -14.08
N VAL B 84 7.84 24.46 -15.22
CA VAL B 84 8.71 24.81 -16.33
C VAL B 84 8.34 26.19 -16.87
N LYS B 85 7.05 26.46 -17.04
CA LYS B 85 6.66 27.75 -17.65
C LYS B 85 7.05 28.90 -16.69
N ILE B 86 6.80 28.67 -15.40
CA ILE B 86 7.09 29.68 -14.39
C ILE B 86 8.60 29.96 -14.39
N LEU B 87 9.41 28.90 -14.41
CA LEU B 87 10.85 29.08 -14.36
C LEU B 87 11.34 29.84 -15.59
N GLU B 88 10.75 29.56 -16.75
CA GLU B 88 11.13 30.27 -17.97
C GLU B 88 10.72 31.74 -17.91
N ASN B 89 9.54 32.02 -17.36
CA ASN B 89 9.05 33.37 -17.22
C ASN B 89 9.93 34.20 -16.30
N LEU B 90 10.52 33.55 -15.28
CA LEU B 90 11.26 34.20 -14.24
C LEU B 90 12.76 34.25 -14.57
N ARG B 91 13.20 33.48 -15.58
CA ARG B 91 14.61 33.27 -15.80
C ARG B 91 15.28 34.62 -16.06
N GLY B 92 16.44 34.81 -15.42
CA GLY B 92 17.16 36.11 -15.48
C GLY B 92 16.80 37.07 -14.36
N GLY B 93 15.67 36.84 -13.67
CA GLY B 93 15.27 37.61 -12.48
C GLY B 93 16.29 37.50 -11.36
N THR B 94 16.44 38.58 -10.59
CA THR B 94 17.44 38.65 -9.53
C THR B 94 17.18 37.54 -8.51
N ASN B 95 18.15 36.63 -8.33
CA ASN B 95 18.18 35.63 -7.26
C ASN B 95 17.11 34.56 -7.46
N ILE B 96 16.59 34.42 -8.69
CA ILE B 96 15.76 33.29 -9.07
C ILE B 96 16.70 32.22 -9.61
N ILE B 97 16.58 30.99 -9.10
CA ILE B 97 17.35 29.86 -9.65
C ILE B 97 17.16 29.80 -11.16
N LYS B 98 18.29 29.63 -11.87
CA LYS B 98 18.28 29.67 -13.34
C LYS B 98 18.04 28.25 -13.88
N LEU B 99 16.94 28.06 -14.62
CA LEU B 99 16.67 26.76 -15.30
C LEU B 99 17.53 26.73 -16.57
N ILE B 100 18.28 25.63 -16.75
CA ILE B 100 19.16 25.47 -17.92
C ILE B 100 18.49 24.56 -18.95
N ASP B 101 17.92 23.43 -18.53
CA ASP B 101 17.32 22.50 -19.53
C ASP B 101 16.32 21.59 -18.82
N THR B 102 15.51 20.96 -19.67
CA THR B 102 14.48 20.02 -19.35
C THR B 102 14.85 18.70 -20.03
N VAL B 103 15.12 17.63 -19.25
CA VAL B 103 15.67 16.38 -19.78
C VAL B 103 14.96 15.16 -19.21
N LYS B 104 15.05 14.04 -19.95
CA LYS B 104 14.54 12.76 -19.52
C LYS B 104 15.65 11.72 -19.64
N ASP B 105 15.77 10.85 -18.63
CA ASP B 105 16.58 9.64 -18.72
C ASP B 105 15.99 8.76 -19.82
N PRO B 106 16.78 8.37 -20.85
CA PRO B 106 16.25 7.53 -21.93
C PRO B 106 15.79 6.11 -21.51
N VAL B 107 16.30 5.58 -20.39
CA VAL B 107 15.84 4.26 -19.93
C VAL B 107 14.51 4.44 -19.19
N SER B 108 14.50 5.28 -18.15
CA SER B 108 13.37 5.43 -17.23
C SER B 108 12.27 6.36 -17.79
N LYS B 109 12.67 7.27 -18.69
CA LYS B 109 11.80 8.32 -19.28
C LYS B 109 11.35 9.34 -18.22
N THR B 110 11.92 9.30 -17.01
CA THR B 110 11.48 10.18 -15.94
C THR B 110 11.99 11.60 -16.20
N PRO B 111 11.13 12.64 -16.12
CA PRO B 111 11.53 14.02 -16.38
C PRO B 111 12.42 14.59 -15.26
N ALA B 112 13.30 15.51 -15.66
CA ALA B 112 14.25 16.16 -14.75
C ALA B 112 14.54 17.58 -15.26
N LEU B 113 14.81 18.47 -14.30
CA LEU B 113 15.16 19.84 -14.58
C LEU B 113 16.63 20.04 -14.22
N VAL B 114 17.34 20.74 -15.10
CA VAL B 114 18.70 21.08 -14.92
C VAL B 114 18.79 22.57 -14.57
N PHE B 115 19.53 22.87 -13.50
CA PHE B 115 19.65 24.23 -13.01
C PHE B 115 21.13 24.60 -12.81
N GLU B 116 21.40 25.91 -12.71
CA GLU B 116 22.71 26.38 -12.28
C GLU B 116 23.02 25.78 -10.92
N TYR B 117 24.31 25.69 -10.60
CA TYR B 117 24.74 25.18 -9.34
C TYR B 117 25.09 26.33 -8.39
N ILE B 118 24.50 26.31 -7.20
CA ILE B 118 24.92 27.15 -6.06
C ILE B 118 25.43 26.24 -4.95
N ASN B 119 26.56 26.66 -4.36
CA ASN B 119 27.21 25.97 -3.29
C ASN B 119 26.60 26.34 -1.94
N ASN B 120 25.49 25.68 -1.59
CA ASN B 120 24.68 26.04 -0.42
C ASN B 120 25.35 25.61 0.89
N THR B 121 25.22 26.48 1.90
CA THR B 121 25.63 26.26 3.28
C THR B 121 24.35 25.94 4.07
N ASP B 122 24.26 24.74 4.65
CA ASP B 122 23.04 24.31 5.27
C ASP B 122 22.57 25.32 6.33
N PHE B 123 21.29 25.68 6.28
CA PHE B 123 20.76 26.81 7.04
C PHE B 123 20.89 26.57 8.55
N LYS B 124 20.82 25.30 9.00
CA LYS B 124 20.93 25.03 10.44
C LYS B 124 22.31 25.45 10.94
N GLN B 125 23.36 25.16 10.15
CA GLN B 125 24.73 25.59 10.46
C GLN B 125 24.87 27.10 10.30
N LEU B 126 24.29 27.63 9.22
CA LEU B 126 24.53 28.99 8.83
C LEU B 126 23.85 29.95 9.81
N TYR B 127 22.58 29.70 10.14
CA TYR B 127 21.76 30.68 10.85
C TYR B 127 22.37 30.94 12.24
N GLN B 128 23.14 29.97 12.74
CA GLN B 128 23.85 30.02 14.03
C GLN B 128 24.97 31.07 14.03
N ILE B 129 25.58 31.34 12.86
CA ILE B 129 26.77 32.23 12.78
C ILE B 129 26.49 33.52 11.99
N LEU B 130 25.24 33.80 11.62
CA LEU B 130 24.87 35.05 10.97
C LEU B 130 24.93 36.21 11.96
N THR B 131 25.51 37.32 11.51
CA THR B 131 25.44 38.58 12.21
C THR B 131 24.12 39.28 11.87
N ASP B 132 23.80 40.33 12.64
CA ASP B 132 22.70 41.25 12.35
C ASP B 132 22.83 41.72 10.90
N PHE B 133 24.01 42.15 10.47
CA PHE B 133 24.18 42.63 9.09
C PHE B 133 23.86 41.53 8.08
N ASP B 134 24.37 40.32 8.31
CA ASP B 134 24.14 39.14 7.41
C ASP B 134 22.65 38.87 7.26
N ILE B 135 21.88 38.97 8.34
CA ILE B 135 20.42 38.67 8.24
C ILE B 135 19.76 39.74 7.36
N ARG B 136 20.09 41.03 7.63
CA ARG B 136 19.59 42.13 6.79
C ARG B 136 19.96 41.88 5.31
N PHE B 137 21.21 41.44 5.08
CA PHE B 137 21.74 41.30 3.73
C PHE B 137 20.95 40.22 2.98
N TYR B 138 20.78 39.05 3.61
CA TYR B 138 20.16 37.90 2.92
C TYR B 138 18.66 38.13 2.79
N MET B 139 18.04 38.70 3.80
CA MET B 139 16.61 39.06 3.72
C MET B 139 16.37 40.04 2.56
N TYR B 140 17.31 40.98 2.36
CA TYR B 140 17.16 41.96 1.28
C TYR B 140 17.22 41.25 -0.08
N GLU B 141 18.22 40.37 -0.23
CA GLU B 141 18.40 39.56 -1.42
C GLU B 141 17.16 38.70 -1.69
N LEU B 142 16.56 38.11 -0.65
CA LEU B 142 15.39 37.25 -0.86
C LEU B 142 14.19 38.13 -1.26
N LEU B 143 14.09 39.32 -0.68
CA LEU B 143 13.03 40.25 -1.12
C LEU B 143 13.17 40.63 -2.60
N LYS B 144 14.39 40.78 -3.09
CA LYS B 144 14.59 41.07 -4.52
C LYS B 144 13.94 39.96 -5.39
N ALA B 145 14.11 38.68 -4.97
CA ALA B 145 13.57 37.55 -5.68
C ALA B 145 12.05 37.58 -5.61
N LEU B 146 11.51 37.93 -4.43
CA LEU B 146 10.02 37.91 -4.28
C LEU B 146 9.38 39.09 -5.00
N ASP B 147 10.00 40.28 -4.94
CA ASP B 147 9.41 41.42 -5.64
C ASP B 147 9.44 41.10 -7.14
N TYR B 148 10.52 40.44 -7.61
CA TYR B 148 10.61 40.10 -9.01
C TYR B 148 9.49 39.12 -9.37
N CYS B 149 9.34 38.02 -8.61
CA CYS B 149 8.39 37.01 -9.08
C CYS B 149 6.95 37.52 -8.95
N HIS B 150 6.66 38.30 -7.89
CA HIS B 150 5.34 38.89 -7.76
C HIS B 150 5.09 39.85 -8.95
N SER B 151 6.12 40.60 -9.33
CA SER B 151 6.02 41.60 -10.43
C SER B 151 5.71 40.89 -11.76
N LYS B 152 6.06 39.62 -11.78
CA LYS B 152 5.84 38.76 -12.93
C LYS B 152 4.57 37.90 -12.77
N GLY B 153 3.72 38.22 -11.79
CA GLY B 153 2.40 37.56 -11.68
C GLY B 153 2.43 36.17 -11.04
N ILE B 154 3.49 35.87 -10.30
CA ILE B 154 3.69 34.53 -9.74
C ILE B 154 3.88 34.61 -8.21
N MET B 155 3.14 33.75 -7.51
CA MET B 155 3.31 33.43 -6.06
C MET B 155 4.21 32.19 -5.94
N HIS B 156 5.20 32.22 -5.03
CA HIS B 156 6.10 31.07 -4.81
C HIS B 156 5.37 29.96 -4.05
N ARG B 157 4.78 30.32 -2.89
CA ARG B 157 3.89 29.50 -2.09
C ARG B 157 4.63 28.37 -1.38
N ASP B 158 5.96 28.46 -1.31
CA ASP B 158 6.75 27.50 -0.51
C ASP B 158 8.05 28.13 -0.01
N VAL B 159 7.97 29.40 0.43
CA VAL B 159 9.15 30.08 0.94
C VAL B 159 9.45 29.48 2.32
N LYS B 160 10.69 29.08 2.54
CA LYS B 160 11.19 28.47 3.77
C LYS B 160 12.72 28.36 3.67
N PRO B 161 13.46 28.21 4.79
CA PRO B 161 14.93 28.16 4.71
C PRO B 161 15.45 27.11 3.70
N HIS B 162 14.78 25.94 3.62
CA HIS B 162 15.17 24.84 2.73
C HIS B 162 15.17 25.28 1.26
N ASN B 163 14.34 26.25 0.93
CA ASN B 163 14.21 26.69 -0.44
C ASN B 163 14.94 28.01 -0.69
N VAL B 164 15.82 28.39 0.24
CA VAL B 164 16.62 29.58 0.10
C VAL B 164 18.10 29.18 0.16
N MET B 165 18.71 29.02 -1.01
CA MET B 165 20.10 28.58 -1.12
C MET B 165 21.01 29.79 -0.91
N ILE B 166 21.97 29.65 0.02
CA ILE B 166 22.93 30.68 0.32
C ILE B 166 24.35 30.11 0.23
N ASP B 167 25.15 30.69 -0.67
CA ASP B 167 26.60 30.52 -0.68
C ASP B 167 27.20 31.62 0.18
N HIS B 168 27.51 31.30 1.44
CA HIS B 168 27.95 32.32 2.41
C HIS B 168 29.30 32.92 2.01
N GLN B 169 30.14 32.15 1.31
CA GLN B 169 31.48 32.62 0.91
C GLN B 169 31.38 33.68 -0.19
N GLN B 170 30.54 33.42 -1.20
CA GLN B 170 30.41 34.32 -2.34
C GLN B 170 29.26 35.31 -2.12
N LYS B 171 28.53 35.17 -1.01
CA LYS B 171 27.42 36.06 -0.65
C LYS B 171 26.38 36.04 -1.78
N LYS B 172 26.00 34.81 -2.18
CA LYS B 172 25.02 34.59 -3.24
C LYS B 172 23.79 33.90 -2.64
N LEU B 173 22.63 34.22 -3.19
CA LEU B 173 21.34 33.67 -2.74
C LEU B 173 20.50 33.34 -3.96
N ARG B 174 19.85 32.16 -3.93
CA ARG B 174 18.87 31.77 -4.88
C ARG B 174 17.60 31.25 -4.20
N LEU B 175 16.45 31.67 -4.72
CA LEU B 175 15.19 31.08 -4.33
C LEU B 175 14.92 29.90 -5.28
N ILE B 176 14.72 28.70 -4.70
CA ILE B 176 14.62 27.42 -5.44
C ILE B 176 13.25 26.81 -5.23
N ASP B 177 13.06 25.69 -5.94
CA ASP B 177 11.89 24.83 -5.86
C ASP B 177 10.60 25.61 -6.11
N TRP B 178 10.37 25.86 -7.40
CA TRP B 178 9.20 26.56 -7.86
C TRP B 178 8.07 25.59 -8.19
N GLY B 179 8.12 24.37 -7.63
CA GLY B 179 7.12 23.36 -7.92
C GLY B 179 5.75 23.61 -7.31
N LEU B 180 5.63 24.54 -6.36
CA LEU B 180 4.30 24.90 -5.79
C LEU B 180 3.84 26.28 -6.28
N ALA B 181 4.65 26.90 -7.14
CA ALA B 181 4.34 28.26 -7.60
C ALA B 181 3.10 28.25 -8.50
N GLU B 182 2.34 29.35 -8.47
CA GLU B 182 1.15 29.52 -9.26
C GLU B 182 1.12 30.97 -9.78
N PHE B 183 0.42 31.17 -10.89
CA PHE B 183 0.09 32.48 -11.42
C PHE B 183 -1.04 33.07 -10.59
N TYR B 184 -0.92 34.36 -10.29
CA TYR B 184 -1.96 35.05 -9.55
C TYR B 184 -2.93 35.66 -10.55
N HIS B 185 -4.20 35.36 -10.33
CA HIS B 185 -5.29 35.94 -11.09
C HIS B 185 -6.31 36.44 -10.07
N PRO B 186 -6.72 37.73 -10.13
CA PRO B 186 -7.67 38.27 -9.16
C PRO B 186 -8.95 37.44 -9.03
N ALA B 187 -9.36 37.25 -7.77
CA ALA B 187 -10.58 36.52 -7.34
C ALA B 187 -10.46 34.98 -7.52
N GLN B 188 -9.32 34.47 -8.00
CA GLN B 188 -9.19 33.02 -8.21
C GLN B 188 -9.07 32.35 -6.84
N GLU B 189 -9.68 31.16 -6.74
CA GLU B 189 -9.64 30.37 -5.50
C GLU B 189 -8.55 29.30 -5.64
N TYR B 190 -7.55 29.35 -4.74
CA TYR B 190 -6.39 28.50 -4.80
C TYR B 190 -6.50 27.40 -3.74
N ASN B 191 -5.86 26.25 -4.03
CA ASN B 191 -5.67 25.18 -3.10
C ASN B 191 -4.86 25.69 -1.88
N VAL B 192 -5.36 25.41 -0.67
CA VAL B 192 -4.67 25.86 0.55
C VAL B 192 -3.62 24.82 0.98
N ARG B 193 -3.50 23.71 0.25
CA ARG B 193 -2.49 22.67 0.53
C ARG B 193 -1.17 23.04 -0.17
N VAL B 194 -0.58 24.14 0.28
CA VAL B 194 0.69 24.64 -0.21
C VAL B 194 1.51 25.07 1.01
N ALA B 195 2.77 25.42 0.75
CA ALA B 195 3.74 25.75 1.76
C ALA B 195 3.97 24.53 2.67
N SER B 196 4.93 24.70 3.58
CA SER B 196 5.24 23.74 4.57
C SER B 196 4.66 24.24 5.89
N ARG B 197 4.19 23.33 6.74
CA ARG B 197 3.37 23.67 7.93
C ARG B 197 3.85 24.94 8.65
N TYR B 198 5.14 24.99 9.01
CA TYR B 198 5.61 26.08 9.90
C TYR B 198 5.56 27.45 9.19
N PHE B 199 5.41 27.45 7.85
CA PHE B 199 5.47 28.66 7.00
C PHE B 199 4.10 29.01 6.39
N LYS B 200 3.06 28.22 6.75
CA LYS B 200 1.72 28.43 6.25
C LYS B 200 1.13 29.70 6.89
N GLY B 201 0.65 30.62 6.02
CA GLY B 201 -0.03 31.80 6.45
C GLY B 201 -1.35 31.42 7.11
N PRO B 202 -1.87 32.27 8.01
CA PRO B 202 -3.17 32.03 8.65
C PRO B 202 -4.28 31.71 7.65
N GLU B 203 -4.27 32.41 6.50
CA GLU B 203 -5.24 32.20 5.43
C GLU B 203 -5.31 30.73 5.03
N LEU B 204 -4.17 30.02 4.97
CA LEU B 204 -4.15 28.62 4.57
C LEU B 204 -4.74 27.76 5.67
N LEU B 205 -4.46 28.14 6.92
CA LEU B 205 -4.82 27.34 8.08
C LEU B 205 -6.34 27.41 8.35
N VAL B 206 -7.00 28.46 7.87
CA VAL B 206 -8.47 28.62 8.01
C VAL B 206 -9.21 28.42 6.67
N ASP B 207 -8.55 27.81 5.66
CA ASP B 207 -9.19 27.40 4.37
C ASP B 207 -9.74 28.61 3.63
N TYR B 208 -9.07 29.77 3.73
CA TYR B 208 -9.39 30.94 2.93
C TYR B 208 -8.65 30.89 1.60
N GLN B 209 -9.39 30.85 0.48
CA GLN B 209 -8.80 30.41 -0.80
C GLN B 209 -8.41 31.60 -1.67
N MET B 210 -8.89 32.82 -1.36
CA MET B 210 -8.70 33.96 -2.25
C MET B 210 -7.44 34.73 -1.81
N TYR B 211 -6.32 34.00 -1.66
CA TYR B 211 -5.06 34.57 -1.17
C TYR B 211 -4.23 35.07 -2.36
N ASP B 212 -3.10 35.71 -2.06
CA ASP B 212 -2.30 36.35 -3.13
C ASP B 212 -0.82 36.29 -2.72
N TYR B 213 -0.01 37.12 -3.40
CA TYR B 213 1.44 37.25 -3.19
C TYR B 213 1.80 37.44 -1.70
N SER B 214 0.90 38.08 -0.96
CA SER B 214 1.06 38.36 0.49
C SER B 214 1.31 37.09 1.31
N LEU B 215 0.94 35.93 0.75
CA LEU B 215 1.18 34.65 1.41
C LEU B 215 2.70 34.44 1.63
N ASP B 216 3.50 34.86 0.64
CA ASP B 216 4.95 34.70 0.63
C ASP B 216 5.58 35.64 1.67
N MET B 217 4.89 36.75 1.99
CA MET B 217 5.41 37.72 2.93
C MET B 217 5.24 37.21 4.36
N TRP B 218 4.14 36.49 4.63
CA TRP B 218 4.02 35.78 5.90
C TRP B 218 5.20 34.81 6.09
N SER B 219 5.48 34.00 5.07
CA SER B 219 6.51 32.98 5.13
C SER B 219 7.87 33.65 5.39
N LEU B 220 8.14 34.74 4.65
CA LEU B 220 9.36 35.56 4.87
C LEU B 220 9.44 36.06 6.31
N GLY B 221 8.34 36.59 6.84
CA GLY B 221 8.28 36.99 8.25
C GLY B 221 8.65 35.87 9.21
N CYS B 222 8.13 34.65 8.98
CA CYS B 222 8.48 33.44 9.78
C CYS B 222 9.99 33.22 9.73
N MET B 223 10.60 33.36 8.54
CA MET B 223 12.04 33.15 8.42
C MET B 223 12.76 34.24 9.22
N LEU B 224 12.31 35.49 9.09
CA LEU B 224 12.96 36.61 9.79
C LEU B 224 12.92 36.38 11.30
N ALA B 225 11.76 36.00 11.86
CA ALA B 225 11.63 35.75 13.29
C ALA B 225 12.61 34.65 13.74
N SER B 226 12.71 33.58 12.94
CA SER B 226 13.61 32.47 13.32
C SER B 226 15.07 32.93 13.31
N MET B 227 15.42 33.81 12.38
CA MET B 227 16.79 34.29 12.26
C MET B 227 17.17 35.24 13.41
N ILE B 228 16.34 36.25 13.72
CA ILE B 228 16.71 37.24 14.70
C ILE B 228 16.53 36.69 16.11
N PHE B 229 15.58 35.77 16.31
CA PHE B 229 15.29 35.20 17.65
C PHE B 229 15.94 33.86 17.93
N ARG B 230 16.35 33.16 16.85
CA ARG B 230 17.06 31.86 16.94
C ARG B 230 16.12 30.74 17.40
N ARG B 231 14.80 30.94 17.35
CA ARG B 231 13.82 29.85 17.52
C ARG B 231 13.40 29.36 16.14
N GLU B 232 13.93 28.20 15.74
CA GLU B 232 13.75 27.66 14.39
C GLU B 232 13.15 26.27 14.44
N PRO B 233 11.97 26.07 13.80
CA PRO B 233 11.14 27.13 13.26
C PRO B 233 10.48 27.99 14.34
N PHE B 234 9.97 29.17 13.95
CA PHE B 234 9.48 30.11 14.95
C PHE B 234 8.14 29.66 15.55
N PHE B 235 7.20 29.30 14.65
CA PHE B 235 5.91 28.75 15.01
C PHE B 235 5.91 27.25 14.70
N HIS B 236 6.07 26.43 15.74
CA HIS B 236 6.34 24.99 15.62
C HIS B 236 5.08 24.18 15.94
N GLY B 237 4.12 24.19 15.02
CA GLY B 237 2.86 23.47 15.19
C GLY B 237 3.04 21.97 14.99
N GLN B 238 2.26 21.16 15.73
CA GLN B 238 2.30 19.70 15.59
C GLN B 238 1.49 19.24 14.38
N ASP B 239 0.41 19.96 14.07
CA ASP B 239 -0.45 19.71 12.93
C ASP B 239 -1.04 21.05 12.52
N ASN B 240 -1.89 21.06 11.47
CA ASN B 240 -2.37 22.31 10.90
C ASN B 240 -3.23 23.08 11.92
N TYR B 241 -3.97 22.36 12.77
CA TYR B 241 -4.77 22.99 13.80
C TYR B 241 -3.86 23.71 14.80
N ASP B 242 -2.87 22.98 15.30
CA ASP B 242 -1.97 23.49 16.32
C ASP B 242 -1.11 24.62 15.76
N GLN B 243 -0.84 24.61 14.45
CA GLN B 243 -0.07 25.67 13.83
C GLN B 243 -0.80 26.99 14.08
N LEU B 244 -2.13 26.99 13.96
CA LEU B 244 -2.82 28.25 14.10
C LEU B 244 -2.87 28.65 15.57
N VAL B 245 -2.98 27.64 16.46
CA VAL B 245 -2.93 27.92 17.89
C VAL B 245 -1.59 28.59 18.23
N ARG B 246 -0.50 28.07 17.69
CA ARG B 246 0.83 28.60 17.95
C ARG B 246 0.91 30.07 17.51
N ILE B 247 0.35 30.38 16.36
CA ILE B 247 0.30 31.74 15.84
C ILE B 247 -0.58 32.59 16.76
N ALA B 248 -1.74 32.06 17.18
CA ALA B 248 -2.70 32.88 17.96
C ALA B 248 -2.15 33.19 19.38
N LYS B 249 -1.26 32.35 19.88
CA LYS B 249 -0.59 32.56 21.16
C LYS B 249 0.36 33.77 21.10
N VAL B 250 0.72 34.20 19.89
CA VAL B 250 1.59 35.35 19.71
C VAL B 250 0.77 36.52 19.21
N LEU B 251 0.01 36.35 18.14
CA LEU B 251 -0.71 37.46 17.53
C LEU B 251 -2.03 37.78 18.27
N GLY B 252 -2.52 36.83 19.09
CA GLY B 252 -3.74 37.04 19.90
C GLY B 252 -4.98 36.45 19.24
N THR B 253 -5.94 36.01 20.07
CA THR B 253 -7.14 35.38 19.59
C THR B 253 -8.19 36.38 19.15
N GLU B 254 -8.41 37.45 19.91
CA GLU B 254 -9.43 38.44 19.51
C GLU B 254 -9.06 39.01 18.14
N GLU B 255 -7.75 39.17 17.92
CA GLU B 255 -7.19 39.67 16.67
C GLU B 255 -7.50 38.70 15.53
N LEU B 256 -7.41 37.39 15.80
CA LEU B 256 -7.75 36.36 14.82
C LEU B 256 -9.24 36.47 14.45
N TYR B 257 -10.11 36.61 15.46
CA TYR B 257 -11.56 36.61 15.20
C TYR B 257 -11.91 37.83 14.34
N GLY B 258 -11.21 38.95 14.53
CA GLY B 258 -11.40 40.18 13.78
C GLY B 258 -11.10 39.99 12.31
N TYR B 259 -9.97 39.33 12.03
CA TYR B 259 -9.55 38.89 10.69
C TYR B 259 -10.63 38.05 10.03
N LEU B 260 -11.09 37.02 10.74
CA LEU B 260 -12.06 36.08 10.18
C LEU B 260 -13.35 36.85 9.85
N LYS B 261 -13.76 37.78 10.73
CA LYS B 261 -14.98 38.55 10.52
C LYS B 261 -14.88 39.42 9.26
N LYS B 262 -13.77 40.16 9.12
CA LYS B 262 -13.55 41.11 8.02
C LYS B 262 -13.71 40.41 6.67
N TYR B 263 -13.18 39.17 6.54
CA TYR B 263 -13.17 38.44 5.27
C TYR B 263 -14.25 37.36 5.18
N HIS B 264 -15.11 37.25 6.19
CA HIS B 264 -16.26 36.36 6.16
C HIS B 264 -15.80 34.91 6.03
N ILE B 265 -14.75 34.57 6.78
CA ILE B 265 -14.18 33.23 6.79
C ILE B 265 -14.89 32.43 7.89
N ASP B 266 -15.37 31.25 7.51
CA ASP B 266 -15.89 30.26 8.43
C ASP B 266 -14.71 29.57 9.10
N LEU B 267 -14.65 29.67 10.43
CA LEU B 267 -13.65 29.00 11.21
C LEU B 267 -14.13 27.58 11.51
N ASP B 268 -13.27 26.59 11.26
CA ASP B 268 -13.53 25.17 11.55
C ASP B 268 -13.93 25.06 13.02
N PRO B 269 -15.06 24.39 13.34
CA PRO B 269 -15.53 24.28 14.72
C PRO B 269 -14.52 23.74 15.74
N HIS B 270 -13.55 22.94 15.27
CA HIS B 270 -12.61 22.30 16.16
C HIS B 270 -11.73 23.36 16.86
N PHE B 271 -11.49 24.50 16.20
CA PHE B 271 -10.63 25.54 16.75
C PHE B 271 -11.15 26.04 18.10
N ASN B 272 -12.50 26.04 18.28
CA ASN B 272 -13.13 26.56 19.51
C ASN B 272 -12.66 25.78 20.75
N ASP B 273 -12.28 24.51 20.58
CA ASP B 273 -11.83 23.65 21.67
C ASP B 273 -10.36 23.93 22.06
N ILE B 274 -9.56 24.53 21.17
CA ILE B 274 -8.08 24.48 21.32
C ILE B 274 -7.44 25.86 21.26
N LEU B 275 -8.14 26.84 20.68
CA LEU B 275 -7.62 28.19 20.44
C LEU B 275 -7.33 28.90 21.76
N GLY B 276 -8.23 28.74 22.74
CA GLY B 276 -8.10 29.38 24.06
C GLY B 276 -8.31 30.88 23.97
N GLN B 277 -7.78 31.59 24.98
CA GLN B 277 -7.83 33.06 25.07
C GLN B 277 -6.40 33.60 25.26
N HIS B 278 -5.87 34.31 24.27
CA HIS B 278 -4.49 34.81 24.30
C HIS B 278 -4.45 36.28 23.88
N SER B 279 -3.82 37.10 24.70
CA SER B 279 -3.54 38.47 24.34
C SER B 279 -2.46 38.52 23.24
N ARG B 280 -2.48 39.60 22.45
CA ARG B 280 -1.37 39.86 21.51
C ARG B 280 -0.08 40.09 22.31
N LYS B 281 0.99 39.38 21.94
CA LYS B 281 2.28 39.49 22.61
C LYS B 281 3.11 40.56 21.89
N ARG B 282 3.86 41.33 22.67
CA ARG B 282 4.88 42.21 22.15
C ARG B 282 6.06 41.41 21.61
N TRP B 283 6.60 41.83 20.46
CA TRP B 283 7.72 41.08 19.84
C TRP B 283 8.97 41.14 20.73
N GLU B 284 9.07 42.16 21.58
CA GLU B 284 10.17 42.22 22.54
C GLU B 284 10.19 41.03 23.51
N ASN B 285 9.05 40.35 23.68
CA ASN B 285 8.92 39.18 24.57
C ASN B 285 9.85 38.03 24.16
N PHE B 286 10.36 38.05 22.92
CA PHE B 286 11.13 36.96 22.37
C PHE B 286 12.63 37.17 22.50
N ILE B 287 13.04 38.31 23.02
CA ILE B 287 14.47 38.65 23.22
C ILE B 287 14.98 37.94 24.47
N HIS B 288 16.17 37.35 24.35
CA HIS B 288 16.93 36.90 25.53
C HIS B 288 18.42 37.11 25.30
N SER B 289 19.26 36.78 26.28
CA SER B 289 20.65 37.26 26.27
C SER B 289 21.43 36.74 25.05
N GLU B 290 20.97 35.66 24.41
CA GLU B 290 21.74 35.04 23.33
C GLU B 290 21.29 35.58 21.96
N ASN B 291 20.11 36.18 21.87
CA ASN B 291 19.66 36.67 20.58
C ASN B 291 19.62 38.23 20.58
N ARG B 292 19.85 38.88 21.72
CA ARG B 292 19.79 40.35 21.83
C ARG B 292 20.59 41.00 20.71
N HIS B 293 21.74 40.41 20.36
CA HIS B 293 22.68 41.04 19.45
C HIS B 293 22.23 40.92 17.98
N LEU B 294 21.11 40.23 17.71
CA LEU B 294 20.51 40.17 16.36
C LEU B 294 19.22 41.01 16.24
N VAL B 295 18.75 41.55 17.35
CA VAL B 295 17.46 42.23 17.42
C VAL B 295 17.71 43.73 17.58
N SER B 296 16.87 44.50 16.89
CA SER B 296 16.85 45.93 16.93
C SER B 296 15.41 46.40 16.90
N PRO B 297 15.16 47.64 17.33
CA PRO B 297 13.87 48.28 17.09
C PRO B 297 13.37 48.18 15.64
N GLU B 298 14.30 48.33 14.67
CA GLU B 298 13.98 48.32 13.26
C GLU B 298 13.52 46.91 12.85
N ALA B 299 14.25 45.90 13.34
CA ALA B 299 13.92 44.50 13.05
C ALA B 299 12.49 44.19 13.52
N LEU B 300 12.17 44.59 14.76
CA LEU B 300 10.86 44.31 15.34
C LEU B 300 9.76 45.08 14.62
N ASP B 301 10.05 46.30 14.18
CA ASP B 301 9.04 47.08 13.44
C ASP B 301 8.71 46.38 12.12
N LEU B 302 9.76 45.96 11.39
CA LEU B 302 9.55 45.21 10.14
C LEU B 302 8.76 43.91 10.41
N LEU B 303 9.21 43.14 11.39
CA LEU B 303 8.58 41.85 11.67
C LEU B 303 7.08 42.01 11.94
N ASP B 304 6.72 43.02 12.72
CA ASP B 304 5.33 43.30 13.11
C ASP B 304 4.48 43.62 11.88
N LYS B 305 5.10 44.13 10.82
CA LYS B 305 4.39 44.52 9.60
C LYS B 305 4.35 43.37 8.58
N LEU B 306 5.06 42.27 8.82
CA LEU B 306 4.98 41.06 7.98
C LEU B 306 4.05 40.02 8.63
N LEU B 307 4.27 39.70 9.92
CA LEU B 307 3.46 38.67 10.60
C LEU B 307 2.17 39.28 11.13
N ARG B 308 1.26 39.55 10.21
CA ARG B 308 -0.09 40.08 10.46
C ARG B 308 -1.07 39.06 9.90
N TYR B 309 -2.13 38.79 10.65
CA TYR B 309 -3.18 37.95 10.14
C TYR B 309 -3.67 38.49 8.80
N ASP B 310 -4.00 39.78 8.76
CA ASP B 310 -4.63 40.41 7.59
C ASP B 310 -3.62 40.48 6.44
N HIS B 311 -3.78 39.57 5.48
CA HIS B 311 -2.88 39.46 4.33
C HIS B 311 -2.78 40.80 3.58
N GLN B 312 -3.88 41.56 3.52
CA GLN B 312 -3.90 42.88 2.84
C GLN B 312 -3.01 43.91 3.54
N GLN B 313 -2.78 43.77 4.84
CA GLN B 313 -2.09 44.81 5.58
C GLN B 313 -0.59 44.49 5.70
N ARG B 314 -0.19 43.25 5.35
CA ARG B 314 1.22 42.90 5.32
C ARG B 314 1.95 43.76 4.29
N LEU B 315 3.20 44.11 4.58
CA LEU B 315 4.04 44.82 3.60
C LEU B 315 4.14 43.97 2.34
N THR B 316 4.11 44.66 1.19
CA THR B 316 4.57 44.09 -0.09
C THR B 316 6.09 43.91 -0.04
N ALA B 317 6.62 43.10 -0.95
CA ALA B 317 8.04 42.90 -1.04
C ALA B 317 8.73 44.28 -1.20
N LYS B 318 8.15 45.15 -2.04
CA LYS B 318 8.79 46.44 -2.37
C LYS B 318 8.81 47.35 -1.14
N GLU B 319 7.69 47.36 -0.42
CA GLU B 319 7.55 48.14 0.79
C GLU B 319 8.57 47.70 1.82
N ALA B 320 8.72 46.36 1.96
CA ALA B 320 9.65 45.80 2.91
C ALA B 320 11.07 46.28 2.56
N MET B 321 11.39 46.29 1.26
CA MET B 321 12.73 46.67 0.84
C MET B 321 13.05 48.13 1.19
N GLU B 322 12.05 49.00 1.38
CA GLU B 322 12.28 50.41 1.68
C GLU B 322 12.33 50.65 3.20
N HIS B 323 12.18 49.59 4.01
CA HIS B 323 12.16 49.74 5.47
C HIS B 323 13.54 50.08 6.06
N PRO B 324 13.61 50.89 7.14
CA PRO B 324 14.90 51.22 7.77
C PRO B 324 15.81 50.03 8.15
N TYR B 325 15.23 48.86 8.42
CA TYR B 325 16.01 47.64 8.70
C TYR B 325 17.07 47.44 7.62
N PHE B 326 16.78 47.83 6.37
CA PHE B 326 17.70 47.53 5.28
C PHE B 326 18.62 48.72 4.93
N TYR B 327 18.54 49.85 5.65
CA TYR B 327 19.42 51.02 5.39
C TYR B 327 20.90 50.62 5.34
N PRO B 328 21.43 49.81 6.29
CA PRO B 328 22.84 49.42 6.26
C PRO B 328 23.25 48.63 5.00
N VAL B 329 22.32 47.86 4.45
CA VAL B 329 22.60 47.03 3.34
C VAL B 329 22.66 47.90 2.07
N VAL B 330 21.69 48.82 1.94
CA VAL B 330 21.63 49.75 0.80
C VAL B 330 22.86 50.67 0.85
N LYS B 331 23.22 51.13 2.05
CA LYS B 331 24.40 52.04 2.26
C LYS B 331 25.69 51.39 1.72
N GLU B 332 25.89 50.09 2.02
CA GLU B 332 27.12 49.36 1.70
C GLU B 332 27.08 48.81 0.24
N GLN B 333 25.91 48.87 -0.40
CA GLN B 333 25.70 48.42 -1.80
C GLN B 333 26.11 46.95 -1.95
N SER C 9 49.49 -20.06 -0.40
CA SER C 9 48.92 -18.69 -0.45
C SER C 9 48.25 -18.39 0.89
N ARG C 10 48.26 -17.12 1.30
CA ARG C 10 47.60 -16.64 2.54
C ARG C 10 46.96 -15.26 2.30
N ALA C 11 45.80 -15.06 2.93
CA ALA C 11 45.18 -13.76 3.03
C ALA C 11 46.21 -12.75 3.55
N ARG C 12 46.27 -11.58 2.90
CA ARG C 12 47.13 -10.45 3.25
C ARG C 12 46.60 -9.69 4.46
N VAL C 13 45.31 -9.85 4.78
CA VAL C 13 44.71 -9.26 5.95
C VAL C 13 43.85 -10.32 6.66
N TYR C 14 43.70 -10.14 7.97
CA TYR C 14 42.79 -10.93 8.78
C TYR C 14 43.15 -12.43 8.70
N ALA C 15 44.44 -12.72 8.50
CA ALA C 15 44.89 -14.08 8.32
C ALA C 15 44.64 -14.92 9.58
N GLU C 16 44.94 -14.35 10.77
CA GLU C 16 45.01 -15.09 12.05
C GLU C 16 43.77 -14.82 12.91
N VAL C 17 42.78 -14.11 12.37
CA VAL C 17 41.54 -13.78 13.07
C VAL C 17 40.99 -14.99 13.85
N ASN C 18 40.82 -16.15 13.20
CA ASN C 18 40.11 -17.27 13.82
C ASN C 18 40.98 -17.91 14.93
N SER C 19 42.28 -18.10 14.66
CA SER C 19 43.13 -18.80 15.60
C SER C 19 43.30 -17.97 16.88
N LEU C 20 43.12 -16.65 16.80
CA LEU C 20 43.28 -15.75 17.95
C LEU C 20 41.99 -15.70 18.79
N ARG C 21 40.88 -16.29 18.30
CA ARG C 21 39.61 -16.32 19.03
C ARG C 21 39.44 -17.68 19.73
N SER C 22 38.49 -17.73 20.66
CA SER C 22 38.14 -19.00 21.34
C SER C 22 37.74 -20.04 20.28
N ARG C 23 38.01 -21.33 20.54
CA ARG C 23 37.63 -22.40 19.60
C ARG C 23 36.13 -22.30 19.26
N GLU C 24 35.32 -21.94 20.28
CA GLU C 24 33.87 -21.88 20.22
C GLU C 24 33.40 -20.99 19.05
N TYR C 25 34.18 -19.95 18.76
CA TYR C 25 33.83 -18.98 17.72
C TYR C 25 33.73 -19.64 16.35
N TRP C 26 34.66 -20.55 16.04
CA TRP C 26 34.80 -21.04 14.67
C TRP C 26 34.43 -22.53 14.55
N ASP C 27 34.32 -23.25 15.68
CA ASP C 27 33.99 -24.68 15.70
C ASP C 27 32.47 -24.83 15.54
N TYR C 28 31.98 -24.57 14.33
CA TYR C 28 30.53 -24.51 14.13
C TYR C 28 29.88 -25.89 14.26
N GLU C 29 30.64 -26.98 14.07
CA GLU C 29 30.08 -28.35 14.22
C GLU C 29 29.65 -28.61 15.66
N ALA C 30 30.24 -27.88 16.61
CA ALA C 30 29.92 -27.98 18.03
C ALA C 30 28.70 -27.12 18.40
N HIS C 31 28.27 -26.22 17.50
CA HIS C 31 27.16 -25.32 17.77
C HIS C 31 25.84 -26.11 17.78
N VAL C 32 24.96 -25.77 18.73
CA VAL C 32 23.70 -26.45 18.90
C VAL C 32 22.61 -25.41 18.83
N PRO C 33 21.96 -25.25 17.65
CA PRO C 33 20.81 -24.36 17.52
C PRO C 33 19.68 -24.85 18.42
N SER C 34 18.88 -23.91 18.94
CA SER C 34 17.64 -24.19 19.63
C SER C 34 16.48 -23.88 18.67
N TRP C 35 15.77 -24.91 18.23
CA TRP C 35 14.77 -24.81 17.18
C TRP C 35 13.39 -24.56 17.80
N GLY C 36 12.90 -23.33 17.62
CA GLY C 36 11.60 -22.88 18.08
C GLY C 36 10.54 -23.27 17.08
N ASN C 37 9.30 -22.77 17.26
CA ASN C 37 8.10 -23.26 16.61
C ASN C 37 7.75 -22.31 15.47
N GLN C 38 7.79 -22.78 14.23
CA GLN C 38 7.53 -21.94 13.06
C GLN C 38 6.06 -21.53 12.98
N ASP C 39 5.19 -22.26 13.71
CA ASP C 39 3.76 -21.91 13.77
C ASP C 39 3.52 -20.53 14.39
N ASP C 40 4.54 -19.86 14.92
CA ASP C 40 4.44 -18.44 15.35
C ASP C 40 4.48 -17.46 14.15
N TYR C 41 4.73 -17.97 12.93
CA TYR C 41 4.90 -17.14 11.75
C TYR C 41 3.88 -17.50 10.67
N GLN C 42 3.24 -16.47 10.13
CA GLN C 42 2.34 -16.57 8.97
C GLN C 42 3.16 -16.14 7.76
N LEU C 43 3.41 -17.04 6.79
CA LEU C 43 4.22 -16.69 5.63
C LEU C 43 3.29 -16.16 4.53
N VAL C 44 3.27 -14.82 4.35
CA VAL C 44 2.22 -14.16 3.61
C VAL C 44 2.57 -14.01 2.13
N ARG C 45 3.84 -13.88 1.79
CA ARG C 45 4.19 -13.64 0.39
C ARG C 45 5.54 -14.31 0.09
N LYS C 46 5.58 -15.09 -0.98
CA LYS C 46 6.87 -15.65 -1.45
C LYS C 46 7.66 -14.49 -2.06
N LEU C 47 8.92 -14.34 -1.62
CA LEU C 47 9.78 -13.28 -2.09
C LEU C 47 10.70 -13.80 -3.20
N GLY C 48 11.14 -15.05 -3.08
CA GLY C 48 12.22 -15.60 -3.90
C GLY C 48 12.62 -16.99 -3.47
N ARG C 49 13.42 -17.63 -4.32
CA ARG C 49 13.69 -19.06 -4.25
C ARG C 49 15.10 -19.27 -4.79
N GLY C 50 15.64 -20.46 -4.52
CA GLY C 50 16.90 -20.85 -5.09
C GLY C 50 17.31 -22.23 -4.62
N LYS C 51 18.58 -22.56 -4.86
CA LYS C 51 19.06 -23.93 -4.79
C LYS C 51 19.08 -24.45 -3.35
N TYR C 52 19.13 -23.53 -2.37
CA TYR C 52 19.35 -23.84 -0.93
C TYR C 52 18.11 -23.57 -0.05
N SER C 53 17.17 -22.72 -0.49
CA SER C 53 16.01 -22.30 0.33
C SER C 53 14.89 -21.68 -0.51
N GLU C 54 13.74 -21.46 0.15
CA GLU C 54 12.68 -20.56 -0.34
C GLU C 54 12.40 -19.49 0.74
N VAL C 55 12.14 -18.26 0.32
CA VAL C 55 12.15 -17.12 1.20
C VAL C 55 10.78 -16.44 1.18
N PHE C 56 10.21 -16.15 2.37
CA PHE C 56 8.88 -15.58 2.45
C PHE C 56 8.91 -14.36 3.35
N GLU C 57 8.12 -13.36 2.94
CA GLU C 57 7.71 -12.35 3.85
C GLU C 57 6.72 -12.95 4.83
N ALA C 58 6.85 -12.58 6.11
CA ALA C 58 6.06 -13.21 7.16
C ALA C 58 5.73 -12.20 8.25
N ILE C 59 4.71 -12.59 9.04
CA ILE C 59 4.35 -11.86 10.25
C ILE C 59 4.54 -12.79 11.43
N ASN C 60 5.18 -12.31 12.49
CA ASN C 60 5.16 -13.01 13.76
C ASN C 60 3.78 -12.74 14.38
N ILE C 61 2.97 -13.80 14.51
CA ILE C 61 1.56 -13.62 14.85
C ILE C 61 1.40 -13.25 16.33
N THR C 62 2.43 -13.46 17.15
CA THR C 62 2.37 -13.14 18.57
C THR C 62 2.48 -11.61 18.79
N ASN C 63 3.28 -10.90 17.97
CA ASN C 63 3.54 -9.46 18.22
C ASN C 63 3.38 -8.59 16.98
N ASN C 64 3.06 -9.18 15.83
CA ASN C 64 2.75 -8.46 14.60
C ASN C 64 4.02 -7.79 14.02
N GLU C 65 5.19 -8.38 14.27
CA GLU C 65 6.40 -7.88 13.59
C GLU C 65 6.50 -8.52 12.20
N ARG C 66 6.83 -7.70 11.19
CA ARG C 66 7.15 -8.17 9.84
C ARG C 66 8.61 -8.66 9.82
N VAL C 67 8.83 -9.82 9.20
CA VAL C 67 10.11 -10.52 9.20
C VAL C 67 10.24 -11.25 7.85
N VAL C 68 11.38 -11.94 7.65
CA VAL C 68 11.54 -12.87 6.59
C VAL C 68 11.80 -14.24 7.17
N VAL C 69 11.21 -15.25 6.52
CA VAL C 69 11.40 -16.62 6.87
C VAL C 69 11.95 -17.37 5.66
N LYS C 70 13.10 -17.98 5.90
CA LYS C 70 13.85 -18.72 4.91
C LYS C 70 13.79 -20.22 5.26
N ILE C 71 13.04 -20.98 4.43
CA ILE C 71 12.84 -22.39 4.68
C ILE C 71 13.96 -23.13 3.95
N LEU C 72 14.75 -23.91 4.70
CA LEU C 72 15.97 -24.51 4.18
C LEU C 72 15.63 -25.84 3.50
N LYS C 73 16.22 -26.09 2.33
CA LYS C 73 16.10 -27.36 1.63
C LYS C 73 16.78 -28.46 2.44
N PRO C 74 16.33 -29.73 2.34
CA PRO C 74 17.03 -30.80 3.03
C PRO C 74 18.53 -30.72 2.65
N VAL C 75 19.39 -30.54 3.67
CA VAL C 75 20.88 -30.55 3.57
C VAL C 75 21.43 -31.09 4.89
N LYS C 76 22.73 -31.45 4.89
CA LYS C 76 23.34 -32.04 6.08
C LYS C 76 23.28 -30.98 7.19
N LYS C 77 23.10 -31.45 8.44
CA LYS C 77 22.97 -30.58 9.61
C LYS C 77 24.20 -29.69 9.76
N LYS C 78 25.37 -30.20 9.36
CA LYS C 78 26.66 -29.50 9.49
C LYS C 78 26.59 -28.13 8.78
N LYS C 79 25.99 -28.13 7.59
CA LYS C 79 25.87 -26.95 6.76
C LYS C 79 24.90 -25.95 7.41
N ILE C 80 23.84 -26.45 8.03
CA ILE C 80 22.87 -25.59 8.74
C ILE C 80 23.57 -24.92 9.92
N LYS C 81 24.30 -25.72 10.72
CA LYS C 81 25.04 -25.22 11.88
C LYS C 81 26.06 -24.14 11.45
N ARG C 82 26.70 -24.33 10.29
CA ARG C 82 27.67 -23.37 9.76
C ARG C 82 27.02 -22.02 9.48
N GLU C 83 25.89 -22.06 8.79
CA GLU C 83 25.15 -20.85 8.47
C GLU C 83 24.70 -20.13 9.76
N VAL C 84 24.13 -20.92 10.68
CA VAL C 84 23.64 -20.35 11.93
C VAL C 84 24.81 -19.73 12.72
N LYS C 85 25.93 -20.44 12.85
CA LYS C 85 27.01 -19.92 13.68
C LYS C 85 27.58 -18.64 13.05
N ILE C 86 27.73 -18.65 11.74
CA ILE C 86 28.25 -17.48 11.03
C ILE C 86 27.32 -16.28 11.24
N LEU C 87 26.02 -16.49 11.11
CA LEU C 87 25.07 -15.39 11.25
C LEU C 87 25.12 -14.82 12.66
N GLU C 88 25.30 -15.69 13.66
CA GLU C 88 25.37 -15.24 15.04
C GLU C 88 26.67 -14.46 15.28
N ASN C 89 27.76 -14.93 14.69
CA ASN C 89 29.04 -14.24 14.85
C ASN C 89 29.03 -12.84 14.22
N LEU C 90 28.25 -12.68 13.14
CA LEU C 90 28.22 -11.47 12.36
C LEU C 90 27.09 -10.53 12.82
N ARG C 91 26.18 -11.03 13.66
CA ARG C 91 24.96 -10.29 13.98
C ARG C 91 25.38 -8.94 14.61
N GLY C 92 24.72 -7.87 14.16
CA GLY C 92 25.04 -6.50 14.58
C GLY C 92 26.14 -5.80 13.75
N GLY C 93 26.84 -6.55 12.90
CA GLY C 93 27.78 -5.99 11.91
C GLY C 93 27.07 -5.10 10.91
N THR C 94 27.74 -4.02 10.47
CA THR C 94 27.16 -3.06 9.53
C THR C 94 26.69 -3.79 8.25
N ASN C 95 25.39 -3.73 7.97
CA ASN C 95 24.78 -4.15 6.72
C ASN C 95 24.84 -5.68 6.54
N ILE C 96 24.99 -6.41 7.64
CA ILE C 96 24.79 -7.86 7.66
C ILE C 96 23.33 -8.10 8.01
N ILE C 97 22.63 -8.90 7.20
CA ILE C 97 21.28 -9.31 7.55
C ILE C 97 21.23 -9.86 8.99
N LYS C 98 20.22 -9.42 9.73
CA LYS C 98 20.12 -9.78 11.16
C LYS C 98 19.27 -11.04 11.32
N LEU C 99 19.88 -12.14 11.86
CA LEU C 99 19.13 -13.35 12.20
C LEU C 99 18.36 -13.13 13.50
N ILE C 100 17.04 -13.40 13.48
CA ILE C 100 16.17 -13.22 14.64
C ILE C 100 15.91 -14.56 15.36
N ASP C 101 15.60 -15.63 14.62
CA ASP C 101 15.37 -16.93 15.27
C ASP C 101 15.64 -18.07 14.29
N THR C 102 15.74 -19.26 14.90
CA THR C 102 15.91 -20.54 14.28
C THR C 102 14.69 -21.39 14.65
N VAL C 103 13.89 -21.81 13.66
CA VAL C 103 12.59 -22.47 13.92
C VAL C 103 12.36 -23.68 13.02
N LYS C 104 11.46 -24.56 13.45
CA LYS C 104 11.06 -25.75 12.68
C LYS C 104 9.53 -25.80 12.65
N ASP C 105 8.99 -26.08 11.46
CA ASP C 105 7.59 -26.44 11.27
C ASP C 105 7.32 -27.71 12.06
N PRO C 106 6.33 -27.69 13.00
CA PRO C 106 6.07 -28.86 13.83
C PRO C 106 5.48 -30.08 13.07
N VAL C 107 4.90 -29.89 11.88
CA VAL C 107 4.45 -31.05 11.09
C VAL C 107 5.65 -31.65 10.35
N SER C 108 6.33 -30.84 9.55
CA SER C 108 7.35 -31.30 8.60
C SER C 108 8.73 -31.47 9.27
N LYS C 109 8.94 -30.76 10.40
CA LYS C 109 10.23 -30.73 11.13
C LYS C 109 11.32 -30.01 10.32
N THR C 110 10.96 -29.35 9.20
CA THR C 110 11.97 -28.73 8.34
C THR C 110 12.49 -27.44 8.98
N PRO C 111 13.81 -27.23 9.06
CA PRO C 111 14.38 -26.03 9.70
C PRO C 111 14.19 -24.78 8.81
N ALA C 112 14.10 -23.63 9.49
CA ALA C 112 13.93 -22.34 8.87
C ALA C 112 14.59 -21.24 9.73
N LEU C 113 15.07 -20.20 9.04
CA LEU C 113 15.74 -19.07 9.67
C LEU C 113 14.84 -17.85 9.50
N VAL C 114 14.72 -17.08 10.58
CA VAL C 114 13.92 -15.90 10.63
C VAL C 114 14.85 -14.69 10.67
N PHE C 115 14.61 -13.74 9.77
CA PHE C 115 15.45 -12.56 9.64
C PHE C 115 14.63 -11.27 9.70
N GLU C 116 15.32 -10.15 9.97
CA GLU C 116 14.74 -8.82 9.78
C GLU C 116 14.23 -8.71 8.34
N TYR C 117 13.20 -7.89 8.13
CA TYR C 117 12.63 -7.67 6.82
C TYR C 117 13.22 -6.38 6.23
N ILE C 118 13.78 -6.51 5.01
CA ILE C 118 14.15 -5.37 4.17
C ILE C 118 13.27 -5.34 2.92
N ASN C 119 12.76 -4.15 2.61
CA ASN C 119 11.91 -3.91 1.48
C ASN C 119 12.75 -3.67 0.21
N ASN C 120 13.21 -4.75 -0.39
CA ASN C 120 14.13 -4.77 -1.52
C ASN C 120 13.47 -4.30 -2.82
N THR C 121 14.27 -3.55 -3.61
CA THR C 121 13.97 -3.16 -4.99
C THR C 121 14.76 -4.08 -5.92
N ASP C 122 14.08 -4.88 -6.73
CA ASP C 122 14.76 -5.90 -7.53
C ASP C 122 15.86 -5.24 -8.37
N PHE C 123 17.04 -5.85 -8.37
CA PHE C 123 18.26 -5.18 -8.90
C PHE C 123 18.11 -4.85 -10.40
N LYS C 124 17.37 -5.68 -11.16
CA LYS C 124 17.19 -5.41 -12.59
C LYS C 124 16.46 -4.07 -12.78
N GLN C 125 15.43 -3.80 -11.96
CA GLN C 125 14.71 -2.54 -11.99
C GLN C 125 15.57 -1.41 -11.42
N LEU C 126 16.28 -1.70 -10.33
CA LEU C 126 17.00 -0.67 -9.62
C LEU C 126 18.20 -0.17 -10.43
N TYR C 127 18.99 -1.09 -10.97
CA TYR C 127 20.30 -0.76 -11.55
C TYR C 127 20.09 0.17 -12.75
N GLN C 128 18.88 0.14 -13.34
CA GLN C 128 18.46 0.98 -14.47
C GLN C 128 18.36 2.47 -14.08
N ILE C 129 18.05 2.76 -12.82
CA ILE C 129 17.79 4.16 -12.38
C ILE C 129 18.83 4.66 -11.36
N LEU C 130 19.91 3.93 -11.12
CA LEU C 130 20.98 4.41 -10.25
C LEU C 130 21.78 5.51 -10.95
N THR C 131 22.08 6.56 -10.19
CA THR C 131 23.07 7.56 -10.61
C THR C 131 24.48 7.07 -10.30
N ASP C 132 25.47 7.79 -10.85
CA ASP C 132 26.87 7.63 -10.47
C ASP C 132 26.99 7.63 -8.93
N PHE C 133 26.42 8.62 -8.26
CA PHE C 133 26.53 8.71 -6.81
C PHE C 133 25.91 7.48 -6.13
N ASP C 134 24.73 7.06 -6.59
CA ASP C 134 24.01 5.89 -5.99
C ASP C 134 24.89 4.64 -6.08
N ILE C 135 25.58 4.44 -7.22
CA ILE C 135 26.43 3.23 -7.35
C ILE C 135 27.57 3.31 -6.31
N ARG C 136 28.24 4.46 -6.23
CA ARG C 136 29.29 4.69 -5.22
C ARG C 136 28.73 4.42 -3.81
N PHE C 137 27.52 4.91 -3.55
CA PHE C 137 26.91 4.83 -2.22
C PHE C 137 26.71 3.36 -1.84
N TYR C 138 26.08 2.60 -2.72
CA TYR C 138 25.69 1.21 -2.39
C TYR C 138 26.91 0.30 -2.40
N MET C 139 27.86 0.55 -3.31
CA MET C 139 29.11 -0.18 -3.31
C MET C 139 29.85 0.05 -1.99
N TYR C 140 29.82 1.28 -1.46
CA TYR C 140 30.49 1.60 -0.21
C TYR C 140 29.83 0.83 0.95
N GLU C 141 28.50 0.86 0.99
CA GLU C 141 27.71 0.14 1.99
C GLU C 141 28.03 -1.36 1.93
N LEU C 142 28.16 -1.92 0.72
CA LEU C 142 28.43 -3.37 0.61
C LEU C 142 29.86 -3.65 1.07
N LEU C 143 30.79 -2.74 0.77
CA LEU C 143 32.15 -2.89 1.29
C LEU C 143 32.17 -2.91 2.83
N LYS C 144 31.35 -2.11 3.48
CA LYS C 144 31.32 -2.10 4.95
C LYS C 144 30.95 -3.51 5.46
N ALA C 145 30.01 -4.17 4.78
CA ALA C 145 29.56 -5.52 5.14
C ALA C 145 30.73 -6.49 4.93
N LEU C 146 31.46 -6.32 3.82
CA LEU C 146 32.54 -7.29 3.49
C LEU C 146 33.74 -7.09 4.43
N ASP C 147 34.10 -5.83 4.71
CA ASP C 147 35.23 -5.58 5.59
C ASP C 147 34.87 -6.14 6.97
N TYR C 148 33.61 -5.98 7.38
CA TYR C 148 33.17 -6.52 8.67
C TYR C 148 33.31 -8.03 8.66
N CYS C 149 32.76 -8.73 7.65
CA CYS C 149 32.69 -10.19 7.79
C CYS C 149 34.13 -10.76 7.65
N HIS C 150 34.96 -10.16 6.78
CA HIS C 150 36.34 -10.59 6.65
C HIS C 150 37.06 -10.37 7.99
N SER C 151 36.77 -9.23 8.64
CA SER C 151 37.44 -8.85 9.92
C SER C 151 37.06 -9.86 10.99
N LYS C 152 35.94 -10.54 10.77
CA LYS C 152 35.42 -11.57 11.65
C LYS C 152 35.78 -12.99 11.17
N GLY C 153 36.69 -13.12 10.19
CA GLY C 153 37.24 -14.42 9.79
C GLY C 153 36.36 -15.24 8.87
N ILE C 154 35.40 -14.57 8.19
CA ILE C 154 34.41 -15.23 7.40
C ILE C 154 34.46 -14.67 5.97
N MET C 155 34.49 -15.60 5.00
CA MET C 155 34.30 -15.37 3.56
C MET C 155 32.82 -15.58 3.23
N HIS C 156 32.20 -14.68 2.46
CA HIS C 156 30.80 -14.83 2.05
C HIS C 156 30.67 -15.93 0.99
N ARG C 157 31.46 -15.80 -0.09
CA ARG C 157 31.64 -16.74 -1.16
C ARG C 157 30.40 -16.85 -2.05
N ASP C 158 29.49 -15.88 -2.00
CA ASP C 158 28.31 -15.85 -2.91
C ASP C 158 27.83 -14.42 -3.13
N VAL C 159 28.78 -13.50 -3.28
CA VAL C 159 28.47 -12.09 -3.47
C VAL C 159 27.96 -11.91 -4.90
N LYS C 160 26.77 -11.33 -5.01
CA LYS C 160 26.10 -11.11 -6.32
C LYS C 160 24.93 -10.17 -6.11
N PRO C 161 24.39 -9.52 -7.15
CA PRO C 161 23.21 -8.66 -6.98
C PRO C 161 22.04 -9.27 -6.19
N HIS C 162 21.74 -10.54 -6.45
CA HIS C 162 20.61 -11.25 -5.83
C HIS C 162 20.76 -11.32 -4.31
N ASN C 163 22.02 -11.26 -3.83
CA ASN C 163 22.27 -11.39 -2.42
C ASN C 163 22.56 -10.04 -1.78
N VAL C 164 22.23 -8.94 -2.49
CA VAL C 164 22.42 -7.61 -1.95
C VAL C 164 21.07 -6.89 -1.93
N MET C 165 20.42 -6.89 -0.77
CA MET C 165 19.09 -6.30 -0.62
C MET C 165 19.23 -4.79 -0.42
N ILE C 166 18.53 -4.00 -1.23
CA ILE C 166 18.53 -2.55 -1.16
C ILE C 166 17.10 -2.01 -1.09
N ASP C 167 16.78 -1.34 0.01
CA ASP C 167 15.61 -0.48 0.16
C ASP C 167 16.02 0.92 -0.32
N HIS C 168 15.70 1.23 -1.59
CA HIS C 168 16.17 2.47 -2.21
C HIS C 168 15.58 3.72 -1.52
N GLN C 169 14.38 3.58 -0.94
CA GLN C 169 13.68 4.70 -0.30
C GLN C 169 14.35 5.04 1.04
N GLN C 170 14.72 4.04 1.83
CA GLN C 170 15.34 4.26 3.14
C GLN C 170 16.88 4.26 3.02
N LYS C 171 17.39 3.97 1.83
CA LYS C 171 18.84 3.91 1.59
C LYS C 171 19.48 2.89 2.55
N LYS C 172 18.87 1.70 2.58
CA LYS C 172 19.31 0.61 3.45
C LYS C 172 19.79 -0.55 2.57
N LEU C 173 20.90 -1.17 3.02
CA LEU C 173 21.49 -2.29 2.28
C LEU C 173 21.81 -3.41 3.27
N ARG C 174 21.49 -4.64 2.89
CA ARG C 174 21.88 -5.82 3.66
C ARG C 174 22.44 -6.90 2.73
N LEU C 175 23.56 -7.49 3.15
CA LEU C 175 24.13 -8.65 2.48
C LEU C 175 23.47 -9.90 3.09
N ILE C 176 22.86 -10.74 2.24
CA ILE C 176 22.03 -11.90 2.63
C ILE C 176 22.66 -13.20 2.12
N ASP C 177 22.03 -14.29 2.49
CA ASP C 177 22.31 -15.65 2.09
C ASP C 177 23.76 -16.05 2.39
N TRP C 178 23.97 -16.32 3.67
CA TRP C 178 25.24 -16.76 4.21
C TRP C 178 25.36 -18.29 4.19
N GLY C 179 24.57 -18.97 3.36
CA GLY C 179 24.58 -20.43 3.30
C GLY C 179 25.85 -21.03 2.66
N LEU C 180 26.63 -20.23 1.92
CA LEU C 180 27.89 -20.70 1.31
C LEU C 180 29.10 -20.13 2.06
N ALA C 181 28.84 -19.34 3.10
CA ALA C 181 29.92 -18.70 3.86
C ALA C 181 30.75 -19.75 4.60
N GLU C 182 32.03 -19.45 4.78
CA GLU C 182 32.95 -20.31 5.50
C GLU C 182 33.89 -19.43 6.35
N PHE C 183 34.47 -20.04 7.39
CA PHE C 183 35.54 -19.48 8.17
C PHE C 183 36.84 -19.61 7.39
N TYR C 184 37.65 -18.56 7.40
CA TYR C 184 38.94 -18.61 6.75
C TYR C 184 39.98 -19.05 7.77
N HIS C 185 40.72 -20.08 7.38
CA HIS C 185 41.85 -20.59 8.14
C HIS C 185 43.02 -20.68 7.17
N PRO C 186 44.19 -20.08 7.48
CA PRO C 186 45.34 -20.15 6.59
C PRO C 186 45.72 -21.58 6.19
N ALA C 187 46.01 -21.73 4.89
CA ALA C 187 46.41 -22.99 4.22
C ALA C 187 45.26 -23.98 4.03
N GLN C 188 44.04 -23.64 4.46
CA GLN C 188 42.93 -24.62 4.34
C GLN C 188 42.52 -24.71 2.88
N GLU C 189 42.15 -25.91 2.45
CA GLU C 189 41.69 -26.17 1.08
C GLU C 189 40.16 -26.19 1.10
N TYR C 190 39.58 -25.32 0.27
CA TYR C 190 38.14 -25.09 0.23
C TYR C 190 37.57 -25.69 -1.06
N ASN C 191 36.29 -26.03 -1.00
CA ASN C 191 35.53 -26.46 -2.15
C ASN C 191 35.42 -25.29 -3.13
N VAL C 192 35.70 -25.55 -4.42
CA VAL C 192 35.63 -24.47 -5.41
C VAL C 192 34.20 -24.37 -5.97
N ARG C 193 33.28 -25.24 -5.52
CA ARG C 193 31.86 -25.20 -5.92
C ARG C 193 31.11 -24.22 -5.01
N VAL C 194 31.49 -22.95 -5.11
CA VAL C 194 30.89 -21.84 -4.40
C VAL C 194 30.69 -20.70 -5.39
N ALA C 195 29.98 -19.66 -4.94
CA ALA C 195 29.57 -18.55 -5.77
C ALA C 195 28.64 -19.03 -6.89
N SER C 196 28.17 -18.06 -7.66
CA SER C 196 27.36 -18.30 -8.82
C SER C 196 28.24 -17.99 -10.03
N ARG C 197 28.03 -18.73 -11.11
CA ARG C 197 28.98 -18.78 -12.24
C ARG C 197 29.55 -17.42 -12.64
N TYR C 198 28.67 -16.42 -12.85
CA TYR C 198 29.14 -15.14 -13.42
C TYR C 198 30.04 -14.38 -12.45
N PHE C 199 30.04 -14.79 -11.17
CA PHE C 199 30.73 -14.07 -10.08
C PHE C 199 31.92 -14.91 -9.53
N LYS C 200 32.19 -16.06 -10.17
CA LYS C 200 33.27 -16.93 -9.73
C LYS C 200 34.61 -16.31 -10.11
N GLY C 201 35.50 -16.21 -9.12
CA GLY C 201 36.82 -15.73 -9.32
C GLY C 201 37.61 -16.76 -10.15
N PRO C 202 38.66 -16.30 -10.87
CA PRO C 202 39.53 -17.19 -11.64
C PRO C 202 39.98 -18.42 -10.84
N GLU C 203 40.32 -18.19 -9.56
CA GLU C 203 40.79 -19.27 -8.65
C GLU C 203 39.81 -20.45 -8.63
N LEU C 204 38.49 -20.18 -8.66
CA LEU C 204 37.50 -21.23 -8.59
C LEU C 204 37.46 -21.98 -9.93
N LEU C 205 37.66 -21.23 -11.02
CA LEU C 205 37.49 -21.76 -12.35
C LEU C 205 38.66 -22.67 -12.74
N VAL C 206 39.80 -22.54 -12.05
CA VAL C 206 40.98 -23.38 -12.30
C VAL C 206 41.22 -24.36 -11.13
N ASP C 207 40.22 -24.57 -10.26
CA ASP C 207 40.24 -25.61 -9.18
C ASP C 207 41.38 -25.33 -8.20
N TYR C 208 41.66 -24.04 -7.94
CA TYR C 208 42.67 -23.65 -6.95
C TYR C 208 41.99 -23.47 -5.59
N GLN C 209 42.40 -24.28 -4.61
CA GLN C 209 41.59 -24.50 -3.39
C GLN C 209 42.01 -23.59 -2.23
N MET C 210 43.18 -22.97 -2.31
CA MET C 210 43.74 -22.25 -1.15
C MET C 210 43.40 -20.76 -1.29
N TYR C 211 42.09 -20.48 -1.41
CA TYR C 211 41.60 -19.11 -1.67
C TYR C 211 41.23 -18.45 -0.33
N ASP C 212 40.82 -17.17 -0.39
CA ASP C 212 40.58 -16.42 0.83
C ASP C 212 39.53 -15.35 0.55
N TYR C 213 39.41 -14.39 1.49
CA TYR C 213 38.46 -13.25 1.45
C TYR C 213 38.49 -12.54 0.09
N SER C 214 39.65 -12.54 -0.58
CA SER C 214 39.87 -11.87 -1.89
C SER C 214 38.89 -12.37 -2.96
N LEU C 215 38.34 -13.56 -2.73
CA LEU C 215 37.33 -14.13 -3.64
C LEU C 215 36.13 -13.21 -3.75
N ASP C 216 35.73 -12.64 -2.62
CA ASP C 216 34.54 -11.78 -2.51
C ASP C 216 34.81 -10.46 -3.24
N MET C 217 36.08 -10.03 -3.32
CA MET C 217 36.44 -8.78 -3.94
C MET C 217 36.39 -8.92 -5.47
N TRP C 218 36.74 -10.07 -6.02
CA TRP C 218 36.47 -10.35 -7.44
C TRP C 218 34.97 -10.21 -7.75
N SER C 219 34.13 -10.84 -6.93
CA SER C 219 32.69 -10.85 -7.16
C SER C 219 32.17 -9.41 -7.11
N LEU C 220 32.64 -8.63 -6.12
CA LEU C 220 32.31 -7.20 -5.99
C LEU C 220 32.72 -6.45 -7.27
N GLY C 221 33.95 -6.68 -7.75
CA GLY C 221 34.37 -6.07 -9.04
C GLY C 221 33.41 -6.37 -10.20
N CYS C 222 32.96 -7.63 -10.30
CA CYS C 222 31.94 -8.07 -11.31
C CYS C 222 30.68 -7.23 -11.16
N MET C 223 30.22 -7.02 -9.92
CA MET C 223 29.01 -6.26 -9.72
C MET C 223 29.26 -4.80 -10.16
N LEU C 224 30.41 -4.24 -9.78
CA LEU C 224 30.74 -2.86 -10.12
C LEU C 224 30.76 -2.68 -11.64
N ALA C 225 31.40 -3.59 -12.39
CA ALA C 225 31.48 -3.48 -13.85
C ALA C 225 30.06 -3.51 -14.44
N SER C 226 29.18 -4.36 -13.91
CA SER C 226 27.82 -4.45 -14.47
C SER C 226 27.05 -3.16 -14.17
N MET C 227 27.32 -2.55 -13.01
CA MET C 227 26.59 -1.32 -12.62
C MET C 227 27.06 -0.13 -13.48
N ILE C 228 28.38 0.06 -13.66
CA ILE C 228 28.83 1.26 -14.35
C ILE C 228 28.74 1.09 -15.86
N PHE C 229 28.85 -0.15 -16.38
CA PHE C 229 28.82 -0.38 -17.82
C PHE C 229 27.46 -0.85 -18.34
N ARG C 230 26.60 -1.33 -17.44
CA ARG C 230 25.24 -1.78 -17.74
C ARG C 230 25.24 -3.06 -18.57
N ARG C 231 26.33 -3.81 -18.60
CA ARG C 231 26.33 -5.19 -19.17
C ARG C 231 26.20 -6.14 -17.98
N GLU C 232 25.00 -6.69 -17.82
CA GLU C 232 24.67 -7.50 -16.63
C GLU C 232 24.17 -8.87 -17.06
N PRO C 233 24.83 -9.95 -16.60
CA PRO C 233 26.11 -9.86 -15.91
C PRO C 233 27.28 -9.48 -16.83
N PHE C 234 28.42 -9.07 -16.23
CA PHE C 234 29.50 -8.50 -17.01
C PHE C 234 30.25 -9.59 -17.80
N PHE C 235 30.59 -10.68 -17.11
CA PHE C 235 31.22 -11.85 -17.70
C PHE C 235 30.20 -13.00 -17.76
N HIS C 236 29.63 -13.23 -18.95
CA HIS C 236 28.44 -14.07 -19.13
C HIS C 236 28.82 -15.43 -19.72
N GLY C 237 29.45 -16.27 -18.90
CA GLY C 237 29.91 -17.59 -19.34
C GLY C 237 28.76 -18.56 -19.46
N GLN C 238 28.85 -19.50 -20.42
CA GLN C 238 27.83 -20.52 -20.62
C GLN C 238 28.01 -21.67 -19.63
N ASP C 239 29.28 -21.94 -19.26
CA ASP C 239 29.67 -22.96 -18.28
C ASP C 239 30.97 -22.48 -17.66
N ASN C 240 31.53 -23.25 -16.73
CA ASN C 240 32.70 -22.86 -15.95
C ASN C 240 33.91 -22.63 -16.87
N TYR C 241 34.03 -23.45 -17.92
CA TYR C 241 35.12 -23.32 -18.87
C TYR C 241 35.01 -21.98 -19.63
N ASP C 242 33.81 -21.72 -20.16
CA ASP C 242 33.57 -20.51 -20.94
C ASP C 242 33.68 -19.26 -20.05
N GLN C 243 33.37 -19.40 -18.75
CA GLN C 243 33.46 -18.28 -17.84
C GLN C 243 34.90 -17.78 -17.84
N LEU C 244 35.87 -18.69 -17.86
CA LEU C 244 37.25 -18.25 -17.79
C LEU C 244 37.66 -17.65 -19.14
N VAL C 245 37.13 -18.20 -20.24
CA VAL C 245 37.37 -17.62 -21.55
C VAL C 245 36.87 -16.17 -21.57
N ARG C 246 35.67 -15.95 -21.02
CA ARG C 246 35.07 -14.60 -20.99
C ARG C 246 35.99 -13.64 -20.23
N ILE C 247 36.54 -14.11 -19.10
CA ILE C 247 37.42 -13.31 -18.31
C ILE C 247 38.71 -13.03 -19.10
N ALA C 248 39.24 -14.05 -19.78
CA ALA C 248 40.55 -13.93 -20.44
C ALA C 248 40.47 -12.99 -21.66
N LYS C 249 39.28 -12.88 -22.25
CA LYS C 249 39.05 -11.96 -23.38
C LYS C 249 39.14 -10.50 -22.91
N VAL C 250 39.06 -10.25 -21.61
CA VAL C 250 39.18 -8.90 -21.08
C VAL C 250 40.54 -8.73 -20.44
N LEU C 251 40.90 -9.61 -19.50
CA LEU C 251 42.13 -9.44 -18.73
C LEU C 251 43.37 -9.90 -19.51
N GLY C 252 43.18 -10.71 -20.55
CA GLY C 252 44.28 -11.15 -21.43
C GLY C 252 44.78 -12.55 -21.06
N THR C 253 45.28 -13.28 -22.07
CA THR C 253 45.72 -14.67 -21.88
C THR C 253 47.12 -14.76 -21.28
N GLU C 254 48.06 -13.94 -21.75
CA GLU C 254 49.43 -14.00 -21.22
C GLU C 254 49.39 -13.69 -19.72
N GLU C 255 48.49 -12.77 -19.34
CA GLU C 255 48.29 -12.36 -17.97
C GLU C 255 47.78 -13.56 -17.14
N LEU C 256 46.87 -14.35 -17.72
CA LEU C 256 46.35 -15.55 -17.07
C LEU C 256 47.48 -16.56 -16.85
N TYR C 257 48.32 -16.78 -17.86
CA TYR C 257 49.36 -17.81 -17.77
C TYR C 257 50.34 -17.44 -16.66
N GLY C 258 50.59 -16.12 -16.47
CA GLY C 258 51.47 -15.61 -15.42
C GLY C 258 50.96 -15.96 -14.04
N TYR C 259 49.65 -15.74 -13.84
CA TYR C 259 48.91 -16.13 -12.63
C TYR C 259 49.08 -17.63 -12.34
N LEU C 260 48.80 -18.45 -13.35
CA LEU C 260 48.83 -19.90 -13.18
C LEU C 260 50.26 -20.33 -12.81
N LYS C 261 51.27 -19.71 -13.43
CA LYS C 261 52.68 -20.05 -13.15
C LYS C 261 53.04 -19.73 -11.69
N LYS C 262 52.68 -18.52 -11.24
CA LYS C 262 53.03 -18.06 -9.88
C LYS C 262 52.52 -19.05 -8.81
N TYR C 263 51.30 -19.58 -8.98
CA TYR C 263 50.64 -20.45 -7.96
C TYR C 263 50.71 -21.94 -8.32
N HIS C 264 51.42 -22.27 -9.41
CA HIS C 264 51.73 -23.65 -9.78
C HIS C 264 50.44 -24.42 -10.07
N ILE C 265 49.49 -23.77 -10.74
CA ILE C 265 48.22 -24.39 -11.07
C ILE C 265 48.35 -25.04 -12.44
N ASP C 266 48.03 -26.32 -12.54
CA ASP C 266 47.93 -26.97 -13.85
C ASP C 266 46.52 -26.66 -14.37
N LEU C 267 46.44 -25.94 -15.49
CA LEU C 267 45.13 -25.54 -16.02
C LEU C 267 44.71 -26.65 -16.99
N ASP C 268 43.44 -27.05 -16.82
CA ASP C 268 42.79 -28.19 -17.47
C ASP C 268 43.09 -28.15 -18.97
N PRO C 269 43.54 -29.25 -19.59
CA PRO C 269 43.87 -29.29 -21.01
C PRO C 269 42.79 -28.77 -21.97
N HIS C 270 41.52 -28.80 -21.56
CA HIS C 270 40.42 -28.31 -22.40
C HIS C 270 40.57 -26.81 -22.65
N PHE C 271 41.18 -26.06 -21.72
CA PHE C 271 41.30 -24.60 -21.85
C PHE C 271 42.13 -24.26 -23.09
N ASN C 272 43.10 -25.10 -23.46
CA ASN C 272 44.00 -24.85 -24.62
C ASN C 272 43.21 -24.79 -25.94
N ASP C 273 42.06 -25.48 -25.99
CA ASP C 273 41.19 -25.51 -27.17
C ASP C 273 40.30 -24.27 -27.26
N ILE C 274 40.12 -23.51 -26.17
CA ILE C 274 39.05 -22.47 -26.13
C ILE C 274 39.63 -21.08 -25.74
N LEU C 275 40.78 -21.06 -25.08
CA LEU C 275 41.28 -19.83 -24.41
C LEU C 275 41.71 -18.82 -25.47
N GLY C 276 42.37 -19.30 -26.54
CA GLY C 276 42.81 -18.44 -27.63
C GLY C 276 43.97 -17.55 -27.22
N GLN C 277 44.12 -16.46 -27.98
CA GLN C 277 45.12 -15.42 -27.76
C GLN C 277 44.40 -14.08 -27.68
N HIS C 278 44.40 -13.46 -26.49
CA HIS C 278 43.70 -12.20 -26.28
C HIS C 278 44.61 -11.23 -25.52
N SER C 279 44.73 -10.02 -26.08
CA SER C 279 45.42 -8.95 -25.41
C SER C 279 44.57 -8.46 -24.22
N ARG C 280 45.24 -7.90 -23.21
CA ARG C 280 44.52 -7.22 -22.14
C ARG C 280 43.76 -6.02 -22.73
N LYS C 281 42.47 -5.90 -22.40
CA LYS C 281 41.65 -4.82 -22.90
C LYS C 281 41.72 -3.66 -21.91
N ARG C 282 41.76 -2.43 -22.44
CA ARG C 282 41.61 -1.25 -21.64
C ARG C 282 40.15 -1.14 -21.17
N TRP C 283 39.95 -0.72 -19.92
CA TRP C 283 38.57 -0.66 -19.37
C TRP C 283 37.75 0.39 -20.11
N GLU C 284 38.42 1.40 -20.69
CA GLU C 284 37.73 2.42 -21.47
C GLU C 284 37.00 1.81 -22.67
N ASN C 285 37.40 0.61 -23.12
CA ASN C 285 36.78 -0.09 -24.25
C ASN C 285 35.29 -0.40 -24.03
N PHE C 286 34.84 -0.36 -22.77
CA PHE C 286 33.48 -0.76 -22.42
C PHE C 286 32.51 0.43 -22.34
N ILE C 287 33.03 1.63 -22.50
CA ILE C 287 32.22 2.87 -22.47
C ILE C 287 31.49 3.02 -23.79
N HIS C 288 30.21 3.37 -23.72
CA HIS C 288 29.48 3.87 -24.87
C HIS C 288 28.46 4.93 -24.43
N SER C 289 27.74 5.50 -25.40
CA SER C 289 26.97 6.73 -25.15
C SER C 289 25.90 6.50 -24.06
N GLU C 290 25.51 5.25 -23.80
CA GLU C 290 24.45 4.98 -22.82
C GLU C 290 24.99 4.76 -21.40
N ASN C 291 26.27 4.44 -21.25
CA ASN C 291 26.80 4.23 -19.92
C ASN C 291 27.82 5.31 -19.54
N ARG C 292 28.14 6.25 -20.44
CA ARG C 292 29.19 7.26 -20.20
C ARG C 292 28.92 7.99 -18.87
N HIS C 293 27.65 8.26 -18.59
CA HIS C 293 27.25 9.05 -17.43
C HIS C 293 27.38 8.29 -16.09
N LEU C 294 27.77 7.00 -16.13
CA LEU C 294 28.06 6.25 -14.89
C LEU C 294 29.57 5.98 -14.70
N VAL C 295 30.38 6.35 -15.70
CA VAL C 295 31.79 6.00 -15.72
C VAL C 295 32.60 7.27 -15.47
N SER C 296 33.72 7.07 -14.76
CA SER C 296 34.68 8.08 -14.43
C SER C 296 36.05 7.44 -14.42
N PRO C 297 37.13 8.25 -14.54
CA PRO C 297 38.47 7.71 -14.31
C PRO C 297 38.64 6.98 -12.97
N GLU C 298 37.97 7.47 -11.91
CA GLU C 298 38.07 6.89 -10.57
C GLU C 298 37.44 5.50 -10.58
N ALA C 299 36.27 5.39 -11.22
CA ALA C 299 35.56 4.11 -11.33
C ALA C 299 36.45 3.08 -12.01
N LEU C 300 37.08 3.45 -13.13
CA LEU C 300 37.93 2.52 -13.90
C LEU C 300 39.19 2.16 -13.12
N ASP C 301 39.75 3.11 -12.37
CA ASP C 301 40.94 2.81 -11.57
C ASP C 301 40.59 1.77 -10.49
N LEU C 302 39.47 1.98 -9.78
CA LEU C 302 39.00 0.99 -8.78
C LEU C 302 38.76 -0.38 -9.44
N LEU C 303 38.01 -0.39 -10.54
CA LEU C 303 37.65 -1.63 -11.18
C LEU C 303 38.92 -2.44 -11.54
N ASP C 304 39.91 -1.77 -12.10
CA ASP C 304 41.14 -2.38 -12.54
C ASP C 304 41.90 -3.03 -11.35
N LYS C 305 41.68 -2.50 -10.15
CA LYS C 305 42.37 -3.03 -8.95
C LYS C 305 41.55 -4.11 -8.23
N LEU C 306 40.31 -4.36 -8.66
CA LEU C 306 39.51 -5.47 -8.16
C LEU C 306 39.56 -6.68 -9.11
N LEU C 307 39.32 -6.45 -10.41
CA LEU C 307 39.28 -7.56 -11.37
C LEU C 307 40.70 -7.85 -11.86
N ARG C 308 41.46 -8.50 -10.99
CA ARG C 308 42.81 -8.97 -11.20
C ARG C 308 42.81 -10.49 -11.02
N TYR C 309 43.51 -11.20 -11.91
CA TYR C 309 43.62 -12.61 -11.76
C TYR C 309 44.18 -12.95 -10.37
N ASP C 310 45.29 -12.30 -10.02
CA ASP C 310 46.05 -12.61 -8.80
C ASP C 310 45.24 -12.15 -7.58
N HIS C 311 44.64 -13.12 -6.89
CA HIS C 311 43.80 -12.88 -5.73
C HIS C 311 44.55 -12.06 -4.69
N GLN C 312 45.86 -12.29 -4.54
CA GLN C 312 46.69 -11.54 -3.57
C GLN C 312 46.81 -10.06 -3.92
N GLN C 313 46.67 -9.70 -5.20
CA GLN C 313 46.95 -8.30 -5.58
C GLN C 313 45.67 -7.47 -5.64
N ARG C 314 44.51 -8.13 -5.58
CA ARG C 314 43.23 -7.40 -5.52
C ARG C 314 43.19 -6.56 -4.23
N LEU C 315 42.51 -5.42 -4.29
CA LEU C 315 42.27 -4.59 -3.10
C LEU C 315 41.54 -5.44 -2.06
N THR C 316 41.91 -5.22 -0.81
CA THR C 316 41.08 -5.63 0.36
C THR C 316 39.84 -4.73 0.43
N ALA C 317 38.83 -5.17 1.18
CA ALA C 317 37.65 -4.38 1.36
C ALA C 317 38.04 -3.00 1.92
N LYS C 318 38.99 -2.96 2.85
CA LYS C 318 39.36 -1.74 3.55
C LYS C 318 40.06 -0.80 2.58
N GLU C 319 40.96 -1.37 1.79
CA GLU C 319 41.69 -0.62 0.77
C GLU C 319 40.72 0.00 -0.23
N ALA C 320 39.73 -0.79 -0.66
CA ALA C 320 38.74 -0.33 -1.61
C ALA C 320 37.98 0.86 -1.00
N MET C 321 37.64 0.78 0.29
CA MET C 321 36.90 1.84 0.93
C MET C 321 37.68 3.17 0.98
N GLU C 322 39.02 3.13 0.89
CA GLU C 322 39.85 4.33 0.93
C GLU C 322 40.09 4.88 -0.49
N HIS C 323 39.54 4.23 -1.52
CA HIS C 323 39.76 4.66 -2.91
C HIS C 323 39.02 5.96 -3.24
N PRO C 324 39.62 6.86 -4.08
CA PRO C 324 38.95 8.09 -4.48
C PRO C 324 37.52 7.97 -5.03
N TYR C 325 37.16 6.84 -5.63
CA TYR C 325 35.80 6.59 -6.12
C TYR C 325 34.79 6.90 -5.02
N PHE C 326 35.14 6.65 -3.76
CA PHE C 326 34.19 6.81 -2.68
C PHE C 326 34.33 8.15 -1.95
N TYR C 327 35.20 9.07 -2.41
CA TYR C 327 35.34 10.42 -1.74
C TYR C 327 33.99 11.12 -1.61
N PRO C 328 33.14 11.17 -2.67
CA PRO C 328 31.84 11.82 -2.56
C PRO C 328 30.90 11.22 -1.50
N VAL C 329 31.02 9.92 -1.26
CA VAL C 329 30.15 9.24 -0.36
C VAL C 329 30.61 9.53 1.07
N VAL C 330 31.94 9.46 1.32
CA VAL C 330 32.52 9.81 2.63
C VAL C 330 32.20 11.28 2.96
N LYS C 331 32.34 12.17 1.96
CA LYS C 331 32.09 13.63 2.13
C LYS C 331 30.65 13.89 2.61
N GLU C 332 29.67 13.18 2.02
CA GLU C 332 28.23 13.40 2.27
CA GLU C 332 28.23 13.41 2.28
C GLU C 332 27.75 12.60 3.49
N GLN C 333 28.63 11.73 4.03
CA GLN C 333 28.38 10.93 5.27
C GLN C 333 27.12 10.10 5.11
N SER D 9 -9.88 5.63 -5.77
CA SER D 9 -10.96 4.81 -5.12
C SER D 9 -12.32 5.30 -5.57
N ARG D 10 -13.29 4.37 -5.63
CA ARG D 10 -14.69 4.73 -5.93
C ARG D 10 -15.63 3.93 -5.02
N ALA D 11 -16.73 4.57 -4.63
CA ALA D 11 -17.84 3.90 -3.98
C ALA D 11 -18.22 2.63 -4.76
N ARG D 12 -18.41 1.51 -4.04
CA ARG D 12 -18.85 0.21 -4.61
C ARG D 12 -20.34 0.25 -4.97
N VAL D 13 -21.09 1.19 -4.37
CA VAL D 13 -22.51 1.31 -4.65
C VAL D 13 -22.83 2.79 -4.86
N TYR D 14 -23.89 3.06 -5.64
CA TYR D 14 -24.43 4.40 -5.79
C TYR D 14 -23.35 5.37 -6.31
N ALA D 15 -22.40 4.87 -7.07
CA ALA D 15 -21.29 5.66 -7.55
C ALA D 15 -21.80 6.72 -8.54
N GLU D 16 -22.74 6.33 -9.43
CA GLU D 16 -23.15 7.17 -10.55
C GLU D 16 -24.49 7.87 -10.31
N VAL D 17 -25.03 7.77 -9.09
CA VAL D 17 -26.30 8.36 -8.68
C VAL D 17 -26.42 9.82 -9.19
N ASN D 18 -25.42 10.67 -8.89
CA ASN D 18 -25.56 12.10 -9.15
C ASN D 18 -25.44 12.39 -10.65
N SER D 19 -24.48 11.76 -11.31
CA SER D 19 -24.23 12.04 -12.70
C SER D 19 -25.42 11.64 -13.58
N LEU D 20 -26.22 10.67 -13.10
CA LEU D 20 -27.39 10.17 -13.85
C LEU D 20 -28.64 11.04 -13.59
N ARG D 21 -28.56 11.97 -12.65
CA ARG D 21 -29.68 12.88 -12.34
C ARG D 21 -29.45 14.23 -13.05
N SER D 22 -30.50 15.05 -13.09
CA SER D 22 -30.40 16.44 -13.65
C SER D 22 -29.31 17.19 -12.87
N ARG D 23 -28.61 18.12 -13.54
CA ARG D 23 -27.65 19.00 -12.86
C ARG D 23 -28.29 19.67 -11.64
N GLU D 24 -29.55 20.09 -11.79
CA GLU D 24 -30.29 20.85 -10.75
C GLU D 24 -30.30 20.09 -9.41
N TYR D 25 -30.29 18.76 -9.47
CA TYR D 25 -30.36 17.92 -8.27
C TYR D 25 -29.15 18.18 -7.35
N TRP D 26 -27.96 18.30 -7.94
CA TRP D 26 -26.72 18.26 -7.17
C TRP D 26 -25.99 19.61 -7.19
N ASP D 27 -26.39 20.53 -8.08
CA ASP D 27 -25.75 21.84 -8.23
C ASP D 27 -26.36 22.77 -7.18
N TYR D 28 -25.96 22.55 -5.92
CA TYR D 28 -26.61 23.23 -4.81
C TYR D 28 -26.25 24.72 -4.81
N GLU D 29 -25.13 25.10 -5.44
CA GLU D 29 -24.74 26.55 -5.49
C GLU D 29 -25.74 27.35 -6.31
N ALA D 30 -26.47 26.67 -7.20
CA ALA D 30 -27.48 27.31 -8.05
C ALA D 30 -28.83 27.41 -7.34
N HIS D 31 -29.01 26.70 -6.22
CA HIS D 31 -30.28 26.65 -5.51
C HIS D 31 -30.55 28.00 -4.83
N VAL D 32 -31.81 28.44 -4.88
CA VAL D 32 -32.20 29.73 -4.31
C VAL D 32 -33.29 29.47 -3.28
N PRO D 33 -32.92 29.46 -1.98
CA PRO D 33 -33.90 29.39 -0.91
C PRO D 33 -34.81 30.62 -0.93
N SER D 34 -36.09 30.44 -0.54
CA SER D 34 -37.00 31.52 -0.23
C SER D 34 -37.09 31.66 1.29
N TRP D 35 -36.60 32.79 1.81
CA TRP D 35 -36.48 33.03 3.25
C TRP D 35 -37.75 33.72 3.77
N GLY D 36 -38.56 32.96 4.51
CA GLY D 36 -39.78 33.42 5.17
C GLY D 36 -39.40 34.11 6.48
N ASN D 37 -40.44 34.51 7.21
CA ASN D 37 -40.32 35.39 8.38
C ASN D 37 -40.33 34.54 9.64
N GLN D 38 -39.22 34.56 10.40
CA GLN D 38 -39.10 33.75 11.60
C GLN D 38 -40.00 34.28 12.72
N ASP D 39 -40.51 35.50 12.58
CA ASP D 39 -41.47 36.04 13.56
C ASP D 39 -42.77 35.21 13.64
N ASP D 40 -42.96 34.22 12.77
CA ASP D 40 -44.05 33.21 12.91
C ASP D 40 -43.79 32.15 13.98
N TYR D 41 -42.59 32.14 14.56
CA TYR D 41 -42.13 31.13 15.48
C TYR D 41 -41.73 31.75 16.82
N GLN D 42 -42.26 31.15 17.89
CA GLN D 42 -41.91 31.48 19.28
C GLN D 42 -40.90 30.42 19.72
N LEU D 43 -39.65 30.80 20.02
CA LEU D 43 -38.63 29.78 20.37
C LEU D 43 -38.65 29.64 21.89
N VAL D 44 -39.25 28.56 22.37
CA VAL D 44 -39.67 28.43 23.77
C VAL D 44 -38.55 27.83 24.63
N ARG D 45 -37.73 26.94 24.06
CA ARG D 45 -36.77 26.22 24.89
C ARG D 45 -35.54 25.89 24.05
N LYS D 46 -34.38 26.25 24.58
CA LYS D 46 -33.13 25.87 23.95
C LYS D 46 -32.93 24.36 24.18
N LEU D 47 -32.63 23.64 23.09
CA LEU D 47 -32.45 22.21 23.13
C LEU D 47 -30.96 21.89 23.18
N GLY D 48 -30.13 22.71 22.54
CA GLY D 48 -28.70 22.49 22.45
C GLY D 48 -28.03 23.45 21.46
N ARG D 49 -26.69 23.42 21.45
CA ARG D 49 -25.89 24.27 20.60
C ARG D 49 -24.70 23.46 20.09
N GLY D 50 -24.04 24.00 19.07
CA GLY D 50 -22.87 23.39 18.46
C GLY D 50 -22.11 24.44 17.65
N LYS D 51 -21.08 23.98 16.95
CA LYS D 51 -20.13 24.87 16.28
C LYS D 51 -20.78 25.57 15.07
N TYR D 52 -21.90 25.02 14.58
CA TYR D 52 -22.55 25.45 13.31
C TYR D 52 -23.93 26.15 13.53
N SER D 53 -24.58 25.92 14.69
CA SER D 53 -25.96 26.41 14.95
C SER D 53 -26.33 26.37 16.45
N GLU D 54 -27.47 26.96 16.78
CA GLU D 54 -28.16 26.77 18.07
C GLU D 54 -29.61 26.34 17.80
N VAL D 55 -30.14 25.44 18.62
CA VAL D 55 -31.36 24.69 18.28
C VAL D 55 -32.41 24.92 19.36
N PHE D 56 -33.65 25.27 18.95
CA PHE D 56 -34.72 25.57 19.89
C PHE D 56 -35.95 24.73 19.55
N GLU D 57 -36.64 24.29 20.60
CA GLU D 57 -38.01 23.94 20.51
C GLU D 57 -38.83 25.22 20.30
N ALA D 58 -39.79 25.17 19.38
CA ALA D 58 -40.56 26.34 19.01
C ALA D 58 -42.01 25.97 18.72
N ILE D 59 -42.84 27.00 18.64
CA ILE D 59 -44.25 26.90 18.29
C ILE D 59 -44.46 27.80 17.07
N ASN D 60 -45.13 27.29 16.04
CA ASN D 60 -45.62 28.14 14.98
C ASN D 60 -46.86 28.86 15.51
N ILE D 61 -46.79 30.20 15.64
CA ILE D 61 -47.82 30.94 16.38
C ILE D 61 -49.09 31.06 15.54
N THR D 62 -49.02 30.80 14.23
CA THR D 62 -50.21 30.85 13.38
C THR D 62 -51.12 29.62 13.61
N ASN D 63 -50.54 28.44 13.88
CA ASN D 63 -51.36 27.18 13.93
C ASN D 63 -51.04 26.31 15.15
N ASN D 64 -50.09 26.74 16.00
CA ASN D 64 -49.80 26.10 17.27
C ASN D 64 -49.08 24.76 17.06
N GLU D 65 -48.42 24.56 15.91
CA GLU D 65 -47.66 23.32 15.71
C GLU D 65 -46.28 23.46 16.38
N ARG D 66 -45.86 22.39 17.06
CA ARG D 66 -44.53 22.28 17.67
C ARG D 66 -43.52 21.87 16.60
N VAL D 67 -42.35 22.53 16.62
CA VAL D 67 -41.30 22.39 15.62
C VAL D 67 -39.96 22.61 16.31
N VAL D 68 -38.87 22.44 15.56
CA VAL D 68 -37.58 22.84 15.97
C VAL D 68 -37.08 23.90 15.01
N VAL D 69 -36.38 24.89 15.58
CA VAL D 69 -35.80 25.97 14.85
C VAL D 69 -34.30 26.00 15.14
N LYS D 70 -33.54 25.92 14.05
CA LYS D 70 -32.11 25.83 14.07
C LYS D 70 -31.53 27.11 13.45
N ILE D 71 -30.92 27.94 14.30
CA ILE D 71 -30.38 29.20 13.88
C ILE D 71 -28.93 28.97 13.47
N LEU D 72 -28.62 29.27 12.22
CA LEU D 72 -27.36 28.92 11.59
C LEU D 72 -26.33 30.00 11.92
N VAL D 75 -22.51 31.65 8.38
CA VAL D 75 -21.50 30.94 7.55
C VAL D 75 -21.66 31.39 6.08
N LYS D 76 -20.76 30.97 5.21
CA LYS D 76 -20.84 31.35 3.79
C LYS D 76 -22.15 30.80 3.23
N LYS D 77 -22.77 31.56 2.32
CA LYS D 77 -24.11 31.24 1.78
C LYS D 77 -24.09 29.86 1.09
N LYS D 78 -22.96 29.51 0.48
CA LYS D 78 -22.77 28.26 -0.26
C LYS D 78 -23.09 27.04 0.63
N LYS D 79 -22.61 27.09 1.88
CA LYS D 79 -22.78 26.04 2.85
C LYS D 79 -24.26 25.93 3.27
N ILE D 80 -24.93 27.09 3.39
CA ILE D 80 -26.35 27.11 3.76
C ILE D 80 -27.15 26.46 2.62
N LYS D 81 -26.87 26.85 1.37
CA LYS D 81 -27.53 26.33 0.20
C LYS D 81 -27.33 24.79 0.11
N ARG D 82 -26.12 24.31 0.43
CA ARG D 82 -25.82 22.89 0.42
C ARG D 82 -26.74 22.12 1.38
N GLU D 83 -26.83 22.62 2.62
CA GLU D 83 -27.66 22.00 3.62
C GLU D 83 -29.12 21.99 3.18
N VAL D 84 -29.61 23.15 2.72
CA VAL D 84 -31.00 23.27 2.31
C VAL D 84 -31.30 22.30 1.13
N LYS D 85 -30.41 22.28 0.14
CA LYS D 85 -30.72 21.47 -1.06
C LYS D 85 -30.72 19.98 -0.67
N ILE D 86 -29.77 19.58 0.17
CA ILE D 86 -29.66 18.20 0.60
C ILE D 86 -30.95 17.81 1.35
N LEU D 87 -31.41 18.67 2.27
CA LEU D 87 -32.57 18.36 3.05
C LEU D 87 -33.80 18.22 2.15
N GLU D 88 -33.91 19.08 1.13
CA GLU D 88 -35.02 18.98 0.18
C GLU D 88 -34.95 17.68 -0.65
N ASN D 89 -33.75 17.31 -1.07
CA ASN D 89 -33.56 16.09 -1.86
C ASN D 89 -33.90 14.83 -1.06
N LEU D 90 -33.70 14.88 0.26
CA LEU D 90 -33.86 13.75 1.15
C LEU D 90 -35.25 13.71 1.79
N ARG D 91 -36.02 14.81 1.66
CA ARG D 91 -37.25 14.96 2.42
C ARG D 91 -38.20 13.81 2.05
N GLY D 92 -38.80 13.22 3.09
CA GLY D 92 -39.68 12.06 2.97
C GLY D 92 -38.96 10.71 3.04
N GLY D 93 -37.62 10.70 2.94
CA GLY D 93 -36.80 9.50 3.20
C GLY D 93 -37.00 9.01 4.63
N THR D 94 -36.95 7.69 4.82
CA THR D 94 -37.21 7.05 6.12
C THR D 94 -36.20 7.60 7.14
N ASN D 95 -36.69 8.21 8.21
CA ASN D 95 -35.93 8.57 9.40
C ASN D 95 -34.94 9.72 9.10
N ILE D 96 -35.19 10.45 8.01
CA ILE D 96 -34.49 11.72 7.75
C ILE D 96 -35.32 12.82 8.41
N ILE D 97 -34.68 13.65 9.23
CA ILE D 97 -35.34 14.81 9.80
C ILE D 97 -36.01 15.63 8.68
N LYS D 98 -37.25 16.03 8.92
CA LYS D 98 -38.06 16.68 7.89
C LYS D 98 -37.91 18.20 8.00
N LEU D 99 -37.37 18.82 6.94
CA LEU D 99 -37.28 20.30 6.84
C LEU D 99 -38.67 20.83 6.49
N ILE D 100 -39.14 21.79 7.30
CA ILE D 100 -40.46 22.41 7.11
C ILE D 100 -40.32 23.78 6.41
N ASP D 101 -39.37 24.60 6.83
CA ASP D 101 -39.24 25.92 6.21
C ASP D 101 -37.85 26.47 6.43
N THR D 102 -37.55 27.49 5.62
CA THR D 102 -36.34 28.28 5.63
C THR D 102 -36.74 29.73 5.95
N VAL D 103 -36.27 30.28 7.09
CA VAL D 103 -36.73 31.59 7.59
C VAL D 103 -35.56 32.45 8.09
N LYS D 104 -35.80 33.77 8.14
CA LYS D 104 -34.87 34.74 8.70
C LYS D 104 -35.59 35.60 9.73
N ASP D 105 -34.92 35.84 10.86
CA ASP D 105 -35.34 36.84 11.82
C ASP D 105 -35.28 38.21 11.13
N PRO D 106 -36.38 38.98 11.12
CA PRO D 106 -36.38 40.30 10.49
C PRO D 106 -35.43 41.35 11.11
N VAL D 107 -35.08 41.20 12.39
CA VAL D 107 -34.14 42.15 13.01
C VAL D 107 -32.71 41.77 12.62
N SER D 108 -32.32 40.52 12.92
CA SER D 108 -30.92 40.06 12.79
C SER D 108 -30.60 39.65 11.34
N LYS D 109 -31.64 39.26 10.59
CA LYS D 109 -31.54 38.75 9.20
C LYS D 109 -30.79 37.40 9.15
N THR D 110 -30.56 36.78 10.31
CA THR D 110 -29.80 35.53 10.35
C THR D 110 -30.67 34.38 9.86
N PRO D 111 -30.18 33.52 8.94
CA PRO D 111 -30.97 32.40 8.43
C PRO D 111 -31.18 31.31 9.47
N ALA D 112 -32.32 30.61 9.35
CA ALA D 112 -32.73 29.54 10.25
C ALA D 112 -33.58 28.51 9.51
N LEU D 113 -33.45 27.25 9.94
CA LEU D 113 -34.17 26.15 9.39
C LEU D 113 -35.19 25.65 10.43
N VAL D 114 -36.38 25.33 9.96
CA VAL D 114 -37.46 24.86 10.75
C VAL D 114 -37.69 23.39 10.40
N PHE D 115 -37.73 22.55 11.44
CA PHE D 115 -37.88 21.11 11.30
C PHE D 115 -39.04 20.58 12.15
N GLU D 116 -39.46 19.35 11.83
CA GLU D 116 -40.36 18.60 12.70
C GLU D 116 -39.69 18.44 14.07
N TYR D 117 -40.52 18.27 15.10
CA TYR D 117 -40.06 18.11 16.46
C TYR D 117 -40.06 16.62 16.82
N ILE D 118 -38.90 16.14 17.29
CA ILE D 118 -38.77 14.81 17.94
C ILE D 118 -38.39 15.01 19.40
N ASN D 119 -39.10 14.26 20.25
CA ASN D 119 -38.89 14.29 21.68
C ASN D 119 -37.75 13.36 22.09
N ASN D 120 -36.52 13.85 21.94
CA ASN D 120 -35.30 13.06 22.09
C ASN D 120 -35.04 12.71 23.55
N THR D 121 -34.55 11.48 23.76
CA THR D 121 -34.05 10.97 25.04
C THR D 121 -32.53 11.04 24.98
N ASP D 122 -31.91 11.82 25.88
CA ASP D 122 -30.49 12.06 25.82
C ASP D 122 -29.73 10.71 25.81
N PHE D 123 -28.80 10.57 24.86
CA PHE D 123 -28.22 9.24 24.56
C PHE D 123 -27.43 8.69 25.76
N LYS D 124 -26.85 9.56 26.59
CA LYS D 124 -26.09 9.07 27.75
C LYS D 124 -27.02 8.33 28.72
N GLN D 125 -28.23 8.88 28.93
CA GLN D 125 -29.27 8.23 29.75
C GLN D 125 -29.82 6.99 29.04
N LEU D 126 -30.05 7.12 27.74
CA LEU D 126 -30.74 6.09 26.99
C LEU D 126 -29.86 4.86 26.83
N TYR D 127 -28.60 5.04 26.44
CA TYR D 127 -27.74 3.92 26.02
C TYR D 127 -27.55 2.96 27.22
N GLN D 128 -27.72 3.48 28.42
CA GLN D 128 -27.61 2.75 29.70
C GLN D 128 -28.76 1.75 29.89
N ILE D 129 -29.93 1.99 29.29
CA ILE D 129 -31.14 1.17 29.53
C ILE D 129 -31.59 0.41 28.26
N LEU D 130 -30.81 0.46 27.16
CA LEU D 130 -31.14 -0.28 25.97
C LEU D 130 -30.88 -1.77 26.20
N THR D 131 -31.82 -2.60 25.74
CA THR D 131 -31.62 -4.03 25.63
C THR D 131 -30.92 -4.35 24.31
N ASP D 132 -30.45 -5.59 24.20
CA ASP D 132 -29.91 -6.15 22.96
C ASP D 132 -30.92 -5.86 21.82
N PHE D 133 -32.20 -6.15 22.00
CA PHE D 133 -33.17 -5.93 20.94
C PHE D 133 -33.27 -4.45 20.57
N ASP D 134 -33.30 -3.57 21.55
CA ASP D 134 -33.39 -2.10 21.34
C ASP D 134 -32.20 -1.62 20.48
N ILE D 135 -31.00 -2.14 20.75
CA ILE D 135 -29.83 -1.70 19.96
C ILE D 135 -30.00 -2.15 18.50
N ARG D 136 -30.40 -3.42 18.29
CA ARG D 136 -30.70 -3.93 16.94
C ARG D 136 -31.75 -3.03 16.27
N PHE D 137 -32.80 -2.67 17.04
CA PHE D 137 -33.93 -1.94 16.50
C PHE D 137 -33.49 -0.56 15.99
N TYR D 138 -32.75 0.17 16.84
CA TYR D 138 -32.40 1.56 16.51
C TYR D 138 -31.29 1.59 15.45
N MET D 139 -30.35 0.63 15.52
CA MET D 139 -29.33 0.54 14.50
C MET D 139 -29.99 0.25 13.14
N TYR D 140 -31.05 -0.57 13.14
CA TYR D 140 -31.73 -0.90 11.88
C TYR D 140 -32.39 0.36 11.31
N GLU D 141 -33.08 1.10 12.17
CA GLU D 141 -33.73 2.37 11.81
C GLU D 141 -32.70 3.37 11.28
N LEU D 142 -31.53 3.43 11.87
CA LEU D 142 -30.50 4.38 11.45
C LEU D 142 -29.92 3.94 10.09
N LEU D 143 -29.78 2.64 9.90
CA LEU D 143 -29.32 2.14 8.59
C LEU D 143 -30.32 2.50 7.49
N LYS D 144 -31.63 2.48 7.80
CA LYS D 144 -32.62 2.87 6.76
C LYS D 144 -32.35 4.31 6.30
N ALA D 145 -32.00 5.19 7.24
CA ALA D 145 -31.70 6.61 6.92
C ALA D 145 -30.43 6.68 6.08
N LEU D 146 -29.43 5.84 6.42
CA LEU D 146 -28.15 5.91 5.71
C LEU D 146 -28.28 5.33 4.29
N ASP D 147 -29.00 4.21 4.16
CA ASP D 147 -29.14 3.60 2.85
C ASP D 147 -29.90 4.58 1.97
N TYR D 148 -30.89 5.27 2.57
CA TYR D 148 -31.66 6.24 1.80
C TYR D 148 -30.74 7.35 1.33
N CYS D 149 -29.98 7.97 2.24
CA CYS D 149 -29.26 9.16 1.81
C CYS D 149 -28.14 8.79 0.84
N HIS D 150 -27.48 7.64 1.05
CA HIS D 150 -26.47 7.18 0.11
C HIS D 150 -27.12 6.93 -1.27
N SER D 151 -28.33 6.34 -1.25
CA SER D 151 -29.05 5.99 -2.52
C SER D 151 -29.39 7.27 -3.28
N LYS D 152 -29.43 8.36 -2.53
CA LYS D 152 -29.69 9.70 -3.06
C LYS D 152 -28.41 10.50 -3.30
N GLY D 153 -27.25 9.83 -3.27
CA GLY D 153 -25.98 10.46 -3.71
C GLY D 153 -25.35 11.36 -2.65
N ILE D 154 -25.76 11.20 -1.39
CA ILE D 154 -25.35 12.09 -0.30
C ILE D 154 -24.67 11.30 0.83
N MET D 155 -23.49 11.78 1.22
CA MET D 155 -22.77 11.33 2.46
C MET D 155 -23.13 12.28 3.62
N HIS D 156 -23.44 11.74 4.81
CA HIS D 156 -23.81 12.56 5.98
C HIS D 156 -22.56 13.22 6.56
N ARG D 157 -21.55 12.42 6.87
CA ARG D 157 -20.19 12.82 7.26
C ARG D 157 -20.17 13.39 8.69
N ASP D 158 -21.22 13.14 9.47
CA ASP D 158 -21.23 13.53 10.90
C ASP D 158 -22.15 12.62 11.72
N VAL D 159 -22.07 11.31 11.45
CA VAL D 159 -22.85 10.35 12.16
C VAL D 159 -22.24 10.17 13.55
N LYS D 160 -23.07 10.31 14.58
CA LYS D 160 -22.64 10.26 16.00
C LYS D 160 -23.90 10.27 16.87
N PRO D 161 -23.86 9.79 18.13
CA PRO D 161 -25.07 9.76 18.96
C PRO D 161 -25.85 11.08 19.02
N HIS D 162 -25.12 12.20 19.06
CA HIS D 162 -25.70 13.54 19.18
C HIS D 162 -26.58 13.85 17.97
N ASN D 163 -26.30 13.22 16.83
CA ASN D 163 -27.02 13.51 15.61
C ASN D 163 -28.04 12.42 15.29
N VAL D 164 -28.30 11.57 16.28
CA VAL D 164 -29.30 10.52 16.14
C VAL D 164 -30.35 10.71 17.24
N MET D 165 -31.47 11.34 16.87
CA MET D 165 -32.53 11.65 17.80
C MET D 165 -33.43 10.42 17.96
N ILE D 166 -33.68 10.00 19.21
CA ILE D 166 -34.52 8.87 19.51
C ILE D 166 -35.59 9.27 20.52
N ASP D 167 -36.86 9.12 20.12
CA ASP D 167 -38.01 9.15 21.03
C ASP D 167 -38.27 7.70 21.47
N HIS D 168 -37.77 7.34 22.66
CA HIS D 168 -37.82 5.94 23.12
C HIS D 168 -39.27 5.50 23.38
N GLN D 169 -40.16 6.43 23.70
CA GLN D 169 -41.58 6.11 24.00
C GLN D 169 -42.32 5.74 22.70
N GLN D 170 -42.11 6.52 21.64
CA GLN D 170 -42.79 6.29 20.37
C GLN D 170 -41.95 5.38 19.45
N LYS D 171 -40.74 5.05 19.87
CA LYS D 171 -39.84 4.18 19.10
C LYS D 171 -39.58 4.83 17.73
N LYS D 172 -39.24 6.12 17.76
CA LYS D 172 -38.98 6.92 16.57
C LYS D 172 -37.52 7.34 16.55
N LEU D 173 -36.94 7.38 15.35
CA LEU D 173 -35.53 7.81 15.18
C LEU D 173 -35.44 8.79 14.01
N ARG D 174 -34.66 9.87 14.18
CA ARG D 174 -34.32 10.75 13.09
C ARG D 174 -32.81 11.03 13.05
N LEU D 175 -32.26 11.01 11.84
CA LEU D 175 -30.91 11.46 11.62
C LEU D 175 -30.97 12.97 11.34
N ILE D 176 -30.23 13.79 12.13
CA ILE D 176 -30.27 15.27 12.12
C ILE D 176 -28.90 15.79 11.70
N ASP D 177 -28.86 17.13 11.59
CA ASP D 177 -27.68 17.94 11.35
C ASP D 177 -26.95 17.50 10.09
N TRP D 178 -27.52 17.88 8.97
CA TRP D 178 -27.00 17.64 7.65
C TRP D 178 -26.12 18.79 7.19
N GLY D 179 -25.59 19.60 8.11
CA GLY D 179 -24.76 20.72 7.73
C GLY D 179 -23.36 20.35 7.25
N LEU D 180 -22.92 19.11 7.45
CA LEU D 180 -21.61 18.63 6.92
C LEU D 180 -21.81 17.67 5.74
N ALA D 181 -23.08 17.45 5.39
CA ALA D 181 -23.39 16.49 4.30
C ALA D 181 -22.91 17.04 2.96
N GLU D 182 -22.50 16.12 2.07
CA GLU D 182 -21.99 16.46 0.77
C GLU D 182 -22.55 15.46 -0.26
N PHE D 183 -22.62 15.89 -1.52
CA PHE D 183 -22.92 15.02 -2.67
C PHE D 183 -21.65 14.22 -3.01
N TYR D 184 -21.87 12.93 -3.32
CA TYR D 184 -20.78 12.10 -3.71
C TYR D 184 -20.64 12.11 -5.23
N HIS D 185 -19.42 12.42 -5.69
CA HIS D 185 -19.07 12.39 -7.09
C HIS D 185 -17.78 11.59 -7.21
N PRO D 186 -17.74 10.53 -8.05
CA PRO D 186 -16.54 9.71 -8.19
C PRO D 186 -15.26 10.53 -8.47
N ALA D 187 -14.20 10.18 -7.73
CA ALA D 187 -12.86 10.77 -7.86
C ALA D 187 -12.76 12.16 -7.23
N GLN D 188 -13.85 12.69 -6.64
CA GLN D 188 -13.77 14.05 -6.06
C GLN D 188 -12.94 13.97 -4.78
N GLU D 189 -12.14 15.02 -4.54
CA GLU D 189 -11.33 15.11 -3.33
C GLU D 189 -12.08 16.00 -2.31
N TYR D 190 -12.36 15.43 -1.14
CA TYR D 190 -13.19 16.05 -0.13
C TYR D 190 -12.29 16.54 1.01
N ASN D 191 -12.80 17.52 1.73
CA ASN D 191 -12.22 18.00 2.97
C ASN D 191 -12.23 16.86 4.00
N VAL D 192 -11.09 16.61 4.65
CA VAL D 192 -11.04 15.56 5.65
C VAL D 192 -11.44 16.11 7.02
N ARG D 193 -11.72 17.42 7.11
CA ARG D 193 -12.14 18.09 8.37
C ARG D 193 -13.67 17.99 8.48
N VAL D 194 -14.13 16.74 8.60
CA VAL D 194 -15.53 16.41 8.77
C VAL D 194 -15.62 15.39 9.90
N ALA D 195 -16.86 15.11 10.31
CA ALA D 195 -17.15 14.26 11.45
C ALA D 195 -16.57 14.87 12.74
N SER D 196 -16.88 14.22 13.83
CA SER D 196 -16.38 14.55 15.13
C SER D 196 -15.33 13.51 15.50
N ARG D 197 -14.28 13.95 16.20
CA ARG D 197 -13.03 13.18 16.38
C ARG D 197 -13.26 11.67 16.62
N TYR D 198 -14.10 11.32 17.60
CA TYR D 198 -14.23 9.92 18.00
C TYR D 198 -14.86 9.06 16.89
N PHE D 199 -15.46 9.69 15.88
CA PHE D 199 -16.25 9.00 14.82
C PHE D 199 -15.57 9.13 13.45
N LYS D 200 -14.39 9.75 13.42
CA LYS D 200 -13.65 9.93 12.19
C LYS D 200 -13.06 8.60 11.74
N GLY D 201 -13.34 8.26 10.48
CA GLY D 201 -12.79 7.08 9.85
C GLY D 201 -11.29 7.22 9.70
N PRO D 202 -10.56 6.08 9.63
CA PRO D 202 -9.11 6.11 9.40
C PRO D 202 -8.72 6.97 8.19
N GLU D 203 -9.54 6.91 7.14
CA GLU D 203 -9.28 7.67 5.90
C GLU D 203 -9.11 9.16 6.19
N LEU D 204 -9.89 9.70 7.13
CA LEU D 204 -9.81 11.13 7.46
C LEU D 204 -8.53 11.39 8.25
N LEU D 205 -8.15 10.44 9.09
CA LEU D 205 -7.08 10.61 10.03
C LEU D 205 -5.71 10.56 9.32
N VAL D 206 -5.67 9.95 8.13
CA VAL D 206 -4.44 9.89 7.31
C VAL D 206 -4.54 10.79 6.05
N ASP D 207 -5.48 11.75 6.01
CA ASP D 207 -5.57 12.78 4.95
C ASP D 207 -5.81 12.13 3.57
N TYR D 208 -6.59 11.05 3.54
CA TYR D 208 -7.01 10.45 2.29
C TYR D 208 -8.35 11.07 1.84
N GLN D 209 -8.34 11.77 0.69
CA GLN D 209 -9.43 12.73 0.39
C GLN D 209 -10.48 12.10 -0.52
N MET D 210 -10.20 10.96 -1.15
CA MET D 210 -11.09 10.39 -2.15
C MET D 210 -11.99 9.35 -1.48
N TYR D 211 -12.73 9.81 -0.46
CA TYR D 211 -13.55 8.91 0.39
C TYR D 211 -14.98 8.92 -0.15
N ASP D 212 -15.88 8.15 0.46
CA ASP D 212 -17.21 8.01 -0.06
C ASP D 212 -18.16 7.71 1.10
N TYR D 213 -19.37 7.26 0.76
CA TYR D 213 -20.47 6.89 1.68
C TYR D 213 -19.99 5.97 2.82
N SER D 214 -18.98 5.12 2.49
CA SER D 214 -18.38 4.17 3.50
C SER D 214 -17.88 4.90 4.75
N LEU D 215 -17.62 6.20 4.66
CA LEU D 215 -17.21 6.97 5.80
C LEU D 215 -18.26 6.92 6.93
N ASP D 216 -19.55 6.95 6.54
CA ASP D 216 -20.68 6.93 7.45
C ASP D 216 -20.79 5.56 8.13
N MET D 217 -20.32 4.52 7.46
CA MET D 217 -20.41 3.16 7.98
C MET D 217 -19.34 2.93 9.05
N TRP D 218 -18.17 3.57 8.93
CA TRP D 218 -17.22 3.59 10.02
C TRP D 218 -17.87 4.20 11.29
N SER D 219 -18.49 5.37 11.11
CA SER D 219 -19.08 6.10 12.20
C SER D 219 -20.18 5.26 12.88
N LEU D 220 -21.02 4.61 12.06
CA LEU D 220 -22.05 3.68 12.53
C LEU D 220 -21.41 2.55 13.36
N GLY D 221 -20.35 1.96 12.85
CA GLY D 221 -19.61 0.93 13.64
C GLY D 221 -19.14 1.44 14.99
N CYS D 222 -18.62 2.67 15.05
CA CYS D 222 -18.19 3.31 16.36
C CYS D 222 -19.40 3.36 17.29
N MET D 223 -20.56 3.76 16.77
CA MET D 223 -21.73 3.82 17.59
C MET D 223 -22.12 2.42 18.08
N LEU D 224 -22.08 1.43 17.19
CA LEU D 224 -22.48 0.07 17.55
C LEU D 224 -21.58 -0.46 18.66
N ALA D 225 -20.25 -0.23 18.55
CA ALA D 225 -19.32 -0.71 19.60
C ALA D 225 -19.66 -0.09 20.93
N SER D 226 -19.94 1.23 20.94
CA SER D 226 -20.22 1.93 22.19
C SER D 226 -21.54 1.40 22.82
N MET D 227 -22.50 1.02 21.96
CA MET D 227 -23.78 0.54 22.47
C MET D 227 -23.66 -0.88 23.07
N ILE D 228 -23.01 -1.82 22.37
CA ILE D 228 -22.98 -3.18 22.83
C ILE D 228 -21.95 -3.38 23.94
N PHE D 229 -20.87 -2.54 23.96
CA PHE D 229 -19.81 -2.69 24.96
C PHE D 229 -19.92 -1.67 26.10
N ARG D 230 -20.71 -0.61 25.90
CA ARG D 230 -20.99 0.42 26.90
C ARG D 230 -19.77 1.30 27.14
N ARG D 231 -18.73 1.25 26.29
CA ARG D 231 -17.63 2.21 26.35
C ARG D 231 -17.91 3.32 25.35
N GLU D 232 -18.32 4.48 25.87
CA GLU D 232 -18.77 5.60 25.04
C GLU D 232 -17.95 6.85 25.36
N PRO D 233 -17.27 7.42 24.35
CA PRO D 233 -17.13 6.82 23.02
C PRO D 233 -16.18 5.62 23.01
N PHE D 234 -16.20 4.83 21.92
CA PHE D 234 -15.41 3.59 21.91
C PHE D 234 -13.92 3.86 21.75
N PHE D 235 -13.58 4.68 20.77
CA PHE D 235 -12.23 5.12 20.46
C PHE D 235 -12.09 6.59 20.92
N HIS D 236 -11.47 6.79 22.08
CA HIS D 236 -11.46 8.07 22.80
C HIS D 236 -10.10 8.77 22.63
N GLY D 237 -9.82 9.26 21.42
CA GLY D 237 -8.53 9.91 21.12
C GLY D 237 -8.48 11.31 21.70
N GLN D 238 -7.28 11.76 22.10
CA GLN D 238 -7.08 13.09 22.67
C GLN D 238 -6.98 14.15 21.57
N ASP D 239 -6.44 13.76 20.42
CA ASP D 239 -6.33 14.60 19.23
C ASP D 239 -6.37 13.67 18.02
N ASN D 240 -6.28 14.23 16.81
CA ASN D 240 -6.45 13.44 15.59
C ASN D 240 -5.38 12.37 15.45
N TYR D 241 -4.15 12.67 15.90
CA TYR D 241 -3.06 11.71 15.88
C TYR D 241 -3.37 10.53 16.80
N ASP D 242 -3.73 10.85 18.04
CA ASP D 242 -4.01 9.84 19.05
C ASP D 242 -5.26 9.01 18.67
N GLN D 243 -6.19 9.62 17.93
CA GLN D 243 -7.39 8.91 17.51
C GLN D 243 -6.96 7.71 16.67
N LEU D 244 -5.95 7.90 15.81
CA LEU D 244 -5.57 6.78 14.94
C LEU D 244 -4.81 5.76 15.78
N VAL D 245 -4.04 6.22 16.78
CA VAL D 245 -3.35 5.30 17.68
C VAL D 245 -4.39 4.42 18.40
N ARG D 246 -5.48 5.03 18.86
CA ARG D 246 -6.51 4.32 19.59
C ARG D 246 -7.12 3.23 18.68
N ILE D 247 -7.34 3.56 17.42
CA ILE D 247 -7.90 2.62 16.46
C ILE D 247 -6.86 1.52 16.21
N ALA D 248 -5.58 1.89 16.07
CA ALA D 248 -4.55 0.89 15.68
C ALA D 248 -4.28 -0.09 16.81
N LYS D 249 -4.55 0.31 18.05
CA LYS D 249 -4.42 -0.59 19.22
C LYS D 249 -5.47 -1.71 19.20
N VAL D 250 -6.53 -1.50 18.43
CA VAL D 250 -7.60 -2.52 18.32
C VAL D 250 -7.45 -3.22 16.98
N LEU D 251 -7.37 -2.46 15.87
CA LEU D 251 -7.38 -3.11 14.56
C LEU D 251 -5.99 -3.64 14.17
N GLY D 252 -4.94 -3.15 14.83
CA GLY D 252 -3.56 -3.61 14.58
C GLY D 252 -2.78 -2.72 13.64
N THR D 253 -1.45 -2.66 13.81
CA THR D 253 -0.62 -1.74 13.07
C THR D 253 -0.22 -2.30 11.70
N GLU D 254 0.16 -3.59 11.62
CA GLU D 254 0.49 -4.16 10.32
C GLU D 254 -0.70 -4.04 9.37
N GLU D 255 -1.90 -4.19 9.93
CA GLU D 255 -3.15 -4.10 9.20
C GLU D 255 -3.32 -2.67 8.64
N LEU D 256 -2.96 -1.65 9.45
CA LEU D 256 -3.00 -0.25 9.04
C LEU D 256 -2.02 -0.05 7.86
N TYR D 257 -0.80 -0.57 7.98
CA TYR D 257 0.22 -0.31 6.96
C TYR D 257 -0.24 -0.91 5.63
N GLY D 258 -0.96 -2.02 5.67
CA GLY D 258 -1.48 -2.71 4.48
C GLY D 258 -2.50 -1.86 3.75
N TYR D 259 -3.42 -1.26 4.53
CA TYR D 259 -4.39 -0.28 4.04
C TYR D 259 -3.69 0.87 3.33
N LEU D 260 -2.69 1.45 4.02
CA LEU D 260 -1.99 2.63 3.48
C LEU D 260 -1.30 2.23 2.16
N LYS D 261 -0.72 1.04 2.11
CA LYS D 261 -0.02 0.55 0.88
C LYS D 261 -0.99 0.43 -0.29
N LYS D 262 -2.14 -0.22 -0.07
CA LYS D 262 -3.14 -0.42 -1.13
C LYS D 262 -3.54 0.90 -1.81
N TYR D 263 -3.72 1.98 -1.04
CA TYR D 263 -4.20 3.30 -1.59
C TYR D 263 -3.06 4.32 -1.76
N HIS D 264 -1.82 3.89 -1.50
CA HIS D 264 -0.62 4.69 -1.75
C HIS D 264 -0.65 5.96 -0.90
N ILE D 265 -1.07 5.84 0.35
CA ILE D 265 -1.23 6.93 1.27
C ILE D 265 0.09 7.15 2.00
N ASP D 266 0.56 8.42 1.99
CA ASP D 266 1.68 8.88 2.76
C ASP D 266 1.22 9.05 4.21
N LEU D 267 1.86 8.32 5.12
CA LEU D 267 1.60 8.46 6.54
C LEU D 267 2.47 9.59 7.10
N ASP D 268 1.82 10.52 7.82
CA ASP D 268 2.47 11.67 8.47
C ASP D 268 3.60 11.12 9.34
N PRO D 269 4.83 11.68 9.22
CA PRO D 269 5.97 11.18 9.98
C PRO D 269 5.79 11.11 11.51
N HIS D 270 4.88 11.92 12.06
CA HIS D 270 4.73 11.98 13.51
C HIS D 270 4.16 10.65 14.05
N PHE D 271 3.40 9.93 13.21
CA PHE D 271 2.78 8.65 13.62
C PHE D 271 3.85 7.65 14.06
N ASN D 272 5.06 7.72 13.46
CA ASN D 272 6.17 6.79 13.76
C ASN D 272 6.57 6.84 15.24
N ASP D 273 6.35 7.99 15.89
CA ASP D 273 6.70 8.17 17.30
C ASP D 273 5.68 7.51 18.24
N ILE D 274 4.44 7.30 17.77
CA ILE D 274 3.31 7.04 18.70
C ILE D 274 2.53 5.77 18.34
N LEU D 275 2.61 5.32 17.08
CA LEU D 275 1.74 4.23 16.57
C LEU D 275 2.08 2.90 17.27
N GLY D 276 3.38 2.64 17.47
CA GLY D 276 3.85 1.44 18.13
C GLY D 276 3.66 0.19 17.27
N GLN D 277 3.64 -0.95 17.93
CA GLN D 277 3.40 -2.26 17.35
C GLN D 277 2.27 -2.95 18.13
N HIS D 278 1.13 -3.13 17.47
CA HIS D 278 -0.05 -3.72 18.09
C HIS D 278 -0.64 -4.80 17.20
N SER D 279 -0.91 -5.94 17.80
CA SER D 279 -1.64 -7.01 17.13
C SER D 279 -3.11 -6.62 17.02
N ARG D 280 -3.79 -7.16 16.00
CA ARG D 280 -5.23 -7.04 15.90
C ARG D 280 -5.87 -7.74 17.12
N LYS D 281 -6.79 -7.03 17.81
CA LYS D 281 -7.44 -7.53 18.99
C LYS D 281 -8.71 -8.27 18.58
N ARG D 282 -9.00 -9.39 19.29
CA ARG D 282 -10.27 -10.05 19.15
C ARG D 282 -11.39 -9.19 19.78
N TRP D 283 -12.56 -9.10 19.12
CA TRP D 283 -13.63 -8.24 19.64
C TRP D 283 -14.14 -8.78 20.99
N GLU D 284 -13.96 -10.07 21.25
CA GLU D 284 -14.35 -10.66 22.51
C GLU D 284 -13.59 -10.05 23.69
N ASN D 285 -12.44 -9.41 23.44
CA ASN D 285 -11.63 -8.77 24.45
C ASN D 285 -12.39 -7.64 25.20
N PHE D 286 -13.46 -7.13 24.60
CA PHE D 286 -14.17 -5.97 25.11
C PHE D 286 -15.38 -6.38 25.97
N ILE D 287 -15.65 -7.67 26.08
CA ILE D 287 -16.79 -8.18 26.85
C ILE D 287 -16.39 -8.19 28.31
N HIS D 288 -17.32 -7.74 29.17
CA HIS D 288 -17.22 -8.01 30.61
C HIS D 288 -18.60 -8.22 31.22
N SER D 289 -18.66 -8.51 32.52
CA SER D 289 -19.89 -9.01 33.13
C SER D 289 -21.08 -8.03 32.95
N GLU D 290 -20.81 -6.76 32.71
CA GLU D 290 -21.89 -5.75 32.64
C GLU D 290 -22.41 -5.59 31.21
N ASN D 291 -21.61 -5.95 30.21
CA ASN D 291 -22.07 -5.76 28.82
C ASN D 291 -22.34 -7.12 28.15
N ARG D 292 -22.04 -8.25 28.81
CA ARG D 292 -22.20 -9.59 28.20
C ARG D 292 -23.61 -9.72 27.59
N HIS D 293 -24.62 -9.18 28.28
CA HIS D 293 -26.01 -9.37 27.89
C HIS D 293 -26.40 -8.52 26.67
N LEU D 294 -25.50 -7.69 26.15
CA LEU D 294 -25.74 -6.94 24.88
C LEU D 294 -24.94 -7.49 23.71
N VAL D 295 -24.03 -8.44 23.98
CA VAL D 295 -23.12 -8.96 22.98
C VAL D 295 -23.58 -10.36 22.57
N SER D 296 -23.42 -10.64 21.29
CA SER D 296 -23.73 -11.89 20.64
C SER D 296 -22.69 -12.13 19.57
N PRO D 297 -22.53 -13.39 19.10
CA PRO D 297 -21.73 -13.65 17.92
C PRO D 297 -22.11 -12.78 16.71
N GLU D 298 -23.41 -12.54 16.53
CA GLU D 298 -23.93 -11.79 15.40
C GLU D 298 -23.48 -10.34 15.51
N ALA D 299 -23.59 -9.77 16.71
CA ALA D 299 -23.17 -8.40 16.97
C ALA D 299 -21.69 -8.22 16.59
N LEU D 300 -20.84 -9.14 17.05
CA LEU D 300 -19.39 -9.03 16.82
C LEU D 300 -19.06 -9.27 15.33
N ASP D 301 -19.79 -10.15 14.65
CA ASP D 301 -19.57 -10.38 13.22
C ASP D 301 -19.89 -9.09 12.45
N LEU D 302 -21.04 -8.47 12.75
CA LEU D 302 -21.40 -7.20 12.11
C LEU D 302 -20.33 -6.13 12.40
N LEU D 303 -19.99 -5.96 13.67
CA LEU D 303 -19.04 -4.92 14.07
C LEU D 303 -17.72 -5.05 13.30
N ASP D 304 -17.22 -6.27 13.19
CA ASP D 304 -15.96 -6.58 12.55
C ASP D 304 -16.00 -6.17 11.06
N LYS D 305 -17.19 -6.20 10.46
CA LYS D 305 -17.35 -5.88 9.04
C LYS D 305 -17.63 -4.38 8.81
N LEU D 306 -17.83 -3.60 9.86
CA LEU D 306 -17.97 -2.14 9.75
C LEU D 306 -16.65 -1.44 10.14
N LEU D 307 -16.04 -1.83 11.27
CA LEU D 307 -14.79 -1.20 11.73
C LEU D 307 -13.59 -1.86 11.07
N ARG D 308 -13.45 -1.61 9.79
CA ARG D 308 -12.37 -2.04 8.92
C ARG D 308 -11.64 -0.81 8.41
N TYR D 309 -10.30 -0.85 8.38
CA TYR D 309 -9.56 0.21 7.84
C TYR D 309 -10.00 0.48 6.41
N ASP D 310 -10.03 -0.59 5.59
CA ASP D 310 -10.29 -0.45 4.16
C ASP D 310 -11.75 -0.05 3.96
N HIS D 311 -11.98 1.22 3.61
CA HIS D 311 -13.31 1.78 3.42
C HIS D 311 -14.09 0.97 2.38
N GLN D 312 -13.40 0.47 1.34
CA GLN D 312 -14.02 -0.37 0.31
C GLN D 312 -14.56 -1.71 0.84
N GLN D 313 -14.02 -2.21 1.94
CA GLN D 313 -14.39 -3.56 2.40
C GLN D 313 -15.47 -3.47 3.47
N ARG D 314 -15.75 -2.27 3.99
CA ARG D 314 -16.85 -2.10 4.96
C ARG D 314 -18.17 -2.41 4.28
N LEU D 315 -19.09 -2.98 5.06
CA LEU D 315 -20.46 -3.24 4.55
C LEU D 315 -21.05 -1.90 4.12
N THR D 316 -21.80 -1.96 3.02
CA THR D 316 -22.74 -0.87 2.64
C THR D 316 -23.90 -0.87 3.64
N ALA D 317 -24.66 0.25 3.66
CA ALA D 317 -25.82 0.30 4.53
C ALA D 317 -26.75 -0.87 4.21
N LYS D 318 -26.93 -1.20 2.91
CA LYS D 318 -27.92 -2.19 2.48
C LYS D 318 -27.46 -3.58 2.93
N GLU D 319 -26.15 -3.82 2.76
CA GLU D 319 -25.55 -5.07 3.16
C GLU D 319 -25.71 -5.29 4.66
N ALA D 320 -25.47 -4.21 5.44
CA ALA D 320 -25.58 -4.27 6.88
C ALA D 320 -27.02 -4.63 7.25
N MET D 321 -28.00 -4.06 6.52
CA MET D 321 -29.40 -4.32 6.86
C MET D 321 -29.78 -5.81 6.64
N GLU D 322 -29.03 -6.54 5.81
CA GLU D 322 -29.31 -7.95 5.52
C GLU D 322 -28.58 -8.88 6.50
N HIS D 323 -27.81 -8.32 7.44
CA HIS D 323 -27.01 -9.14 8.38
C HIS D 323 -27.88 -9.84 9.43
N PRO D 324 -27.51 -11.07 9.85
CA PRO D 324 -28.26 -11.78 10.88
C PRO D 324 -28.55 -11.02 12.18
N TYR D 325 -27.66 -10.09 12.57
CA TYR D 325 -27.91 -9.24 13.74
C TYR D 325 -29.32 -8.65 13.72
N PHE D 326 -29.83 -8.33 12.54
CA PHE D 326 -31.14 -7.67 12.45
C PHE D 326 -32.31 -8.64 12.20
N TYR D 327 -32.07 -9.96 12.15
CA TYR D 327 -33.19 -10.95 11.95
C TYR D 327 -34.33 -10.74 12.96
N PRO D 328 -34.06 -10.54 14.28
CA PRO D 328 -35.13 -10.33 15.25
C PRO D 328 -35.98 -9.08 15.00
N VAL D 329 -35.35 -8.05 14.44
CA VAL D 329 -36.02 -6.81 14.19
C VAL D 329 -36.95 -6.96 12.97
N VAL D 330 -36.44 -7.61 11.91
CA VAL D 330 -37.23 -7.87 10.69
C VAL D 330 -38.40 -8.80 11.06
N LYS D 331 -38.13 -9.82 11.88
CA LYS D 331 -39.16 -10.82 12.31
C LYS D 331 -40.35 -10.13 12.99
N GLU D 332 -40.06 -9.16 13.87
CA GLU D 332 -41.07 -8.47 14.71
C GLU D 332 -41.69 -7.27 13.94
N GLN D 333 -41.15 -6.93 12.76
CA GLN D 333 -41.64 -5.85 11.87
C GLN D 333 -41.66 -4.52 12.64
C1 041 E . -1.86 -38.60 -10.83
C2 041 E . -3.20 -38.84 -11.05
C3 041 E . -3.78 -38.28 -12.19
C4 041 E . -3.05 -37.56 -13.10
C5 041 E . -1.70 -37.34 -12.89
C6 041 E . -1.11 -37.87 -11.75
O9 041 E . -5.08 -38.35 -12.65
C10 041 E . -5.05 -37.64 -13.84
N11 041 E . -3.90 -37.14 -14.12
C12 041 E . -6.32 -37.50 -14.53
C13 041 E . -6.43 -36.65 -15.64
C14 041 E . -7.64 -36.51 -16.30
C15 041 E . -8.76 -37.11 -15.79
C16 041 E . -8.64 -37.95 -14.68
C17 041 E . -7.46 -38.12 -14.04
O21 041 E . 0.22 -37.64 -11.62
F22 041 E . -9.79 -38.55 -14.22
O23 041 E . -9.93 -36.90 -16.32
C24 041 E . -4.01 -39.64 -10.11
C25 041 E . -5.30 -40.35 -10.43
C1 041 F . 21.99 22.12 -2.45
C2 041 F . 20.65 21.80 -2.70
C3 041 F . 20.10 22.37 -3.86
C4 041 F . 20.83 23.11 -4.75
C5 041 F . 22.17 23.32 -4.54
C6 041 F . 22.74 22.83 -3.37
O9 041 F . 18.82 22.28 -4.34
C10 041 F . 18.83 22.97 -5.52
N11 041 F . 20.00 23.49 -5.79
C12 041 F . 17.57 23.11 -6.21
C13 041 F . 17.42 23.94 -7.33
C14 041 F . 16.20 24.07 -7.96
C15 041 F . 15.08 23.43 -7.45
C16 041 F . 15.23 22.64 -6.34
C17 041 F . 16.44 22.43 -5.74
O21 041 F . 24.06 23.06 -3.09
F22 041 F . 14.14 22.01 -5.90
O23 041 F . 13.87 23.53 -7.97
C24 041 F . 19.88 21.01 -1.73
C25 041 F . 18.51 20.36 -1.95
C1 041 G . 13.28 -9.72 -0.69
C2 041 G . 14.03 -10.90 -0.70
C3 041 G . 14.70 -11.28 0.48
C4 041 G . 14.59 -10.51 1.62
C5 041 G . 13.80 -9.34 1.63
C6 041 G . 13.17 -8.96 0.46
O9 041 G . 15.51 -12.36 0.76
C10 041 G . 15.86 -12.19 2.08
N11 041 G . 15.32 -11.13 2.63
C12 041 G . 16.81 -13.12 2.68
C13 041 G . 17.45 -12.81 3.89
C14 041 G . 18.39 -13.68 4.43
C15 041 G . 18.73 -14.84 3.73
C16 041 G . 18.17 -15.07 2.50
C17 041 G . 17.26 -14.20 1.95
O21 041 G . 12.39 -7.81 0.42
F22 041 G . 18.53 -16.16 1.78
O23 041 G . 19.70 -15.69 4.05
C24 041 G . 14.17 -11.70 -1.93
C25 041 G . 14.74 -13.09 -2.09
C1 041 H . -33.55 17.83 20.84
C2 041 H . -32.51 18.28 20.03
C3 041 H . -32.79 18.39 18.66
C4 041 H . -34.00 18.09 18.13
C5 041 H . -35.02 17.64 18.93
C6 041 H . -34.77 17.49 20.30
O9 041 H . -31.98 18.82 17.64
C10 041 H . -32.75 18.76 16.53
N11 041 H . -33.94 18.31 16.76
C12 041 H . -32.13 19.09 15.26
C13 041 H . -32.81 18.88 14.06
C14 041 H . -32.22 19.15 12.84
C15 041 H . -30.94 19.68 12.80
C16 041 H . -30.29 19.97 13.99
C17 041 H . -30.83 19.63 15.20
O21 041 H . -35.80 17.10 21.11
F22 041 H . -29.00 20.41 13.94
O23 041 H . -30.34 19.87 11.63
C24 041 H . -31.19 18.59 20.62
C25 041 H . -29.97 19.21 19.91
#